data_3COJ
#
_entry.id   3COJ
#
_cell.length_a   83.330
_cell.length_b   181.513
_cell.length_c   194.643
_cell.angle_alpha   90.00
_cell.angle_beta   90.00
_cell.angle_gamma   90.00
#
_symmetry.space_group_name_H-M   'P 21 21 21'
#
loop_
_entity.id
_entity.type
_entity.pdbx_description
1 polymer 'Breast cancer type 1 susceptibility protein'
2 polymer 'Acetyl-CoA carboxylase 1'
#
loop_
_entity_poly.entity_id
_entity_poly.type
_entity_poly.pdbx_seq_one_letter_code
_entity_poly.pdbx_strand_id
1 'polypeptide(L)'
;MGSSHHHHHHSSGLVPRGSHMVNKRMSMVVSGLTPEEFMLVYKFARKHHITLTNLITEETTHVVMKTDAEFVCERTLKYF
LGIAGGKWVVSYFWVTQSIKERKMLNEHDFEVRGDVVNGRNHQGPKRARESQDRKIFRGLEICCYGPFTNMPTDQLEWMV
QLCGASVVKELSSFTLGTGVHPIVVVQPDAWTEDNGFHAIGQMCEAPVVTREWVLDSVALYQCQELDTYLIPQIP
;
X,A,B,C,D,E,F,G
2 'polypeptide(L)' DSPPQ(SEP)PTFPEAG H,I,J,K,L,M,N,O
#
# COMPACT_ATOMS: atom_id res chain seq x y z
N LYS A 24 36.55 6.90 -35.08
CA LYS A 24 37.92 7.32 -35.48
C LYS A 24 38.24 8.75 -35.06
N ARG A 25 37.29 9.45 -34.44
CA ARG A 25 37.44 10.87 -34.14
C ARG A 25 37.13 11.22 -32.70
N MET A 26 37.92 12.11 -32.10
CA MET A 26 37.60 12.61 -30.76
C MET A 26 36.93 13.97 -30.82
N SER A 27 35.72 14.04 -30.28
CA SER A 27 34.91 15.25 -30.30
C SER A 27 34.18 15.35 -28.96
N MET A 28 34.39 16.45 -28.26
CA MET A 28 33.81 16.62 -26.94
C MET A 28 32.91 17.83 -26.83
N VAL A 29 32.11 17.84 -25.78
CA VAL A 29 31.21 18.93 -25.48
C VAL A 29 31.13 19.11 -23.97
N VAL A 30 30.95 20.35 -23.54
CA VAL A 30 30.92 20.67 -22.11
C VAL A 30 29.51 20.85 -21.56
N SER A 31 29.33 20.55 -20.27
CA SER A 31 28.04 20.76 -19.60
C SER A 31 28.17 21.18 -18.14
N GLY A 32 27.38 22.17 -17.74
CA GLY A 32 27.30 22.60 -16.34
C GLY A 32 28.52 23.33 -15.79
N LEU A 33 29.12 24.21 -16.62
CA LEU A 33 30.21 25.05 -16.17
C LEU A 33 29.80 26.52 -16.23
N THR A 34 30.57 27.38 -15.57
CA THR A 34 30.46 28.82 -15.79
C THR A 34 31.22 29.17 -17.06
N PRO A 35 31.04 30.39 -17.59
CA PRO A 35 31.87 30.89 -18.68
C PRO A 35 33.36 30.90 -18.31
N GLU A 36 33.66 31.17 -17.03
CA GLU A 36 35.03 31.16 -16.51
C GLU A 36 35.68 29.81 -16.76
N GLU A 37 35.08 28.76 -16.22
CA GLU A 37 35.61 27.40 -16.33
C GLU A 37 35.60 26.86 -17.76
N PHE A 38 34.67 27.35 -18.58
CA PHE A 38 34.59 26.91 -19.97
C PHE A 38 35.85 27.30 -20.73
N MET A 39 36.37 28.49 -20.43
CA MET A 39 37.58 29.02 -21.04
C MET A 39 38.68 27.98 -21.18
N LEU A 40 39.14 27.40 -20.07
CA LEU A 40 40.25 26.45 -20.13
C LEU A 40 39.91 25.11 -20.77
N VAL A 41 38.63 24.78 -20.84
CA VAL A 41 38.23 23.63 -21.64
C VAL A 41 38.46 23.98 -23.11
N TYR A 42 38.28 25.26 -23.47
CA TYR A 42 38.58 25.73 -24.82
C TYR A 42 40.08 25.76 -25.05
N LYS A 43 40.82 26.38 -24.13
CA LYS A 43 42.27 26.48 -24.22
C LYS A 43 42.88 25.09 -24.27
N PHE A 44 42.34 24.18 -23.46
CA PHE A 44 42.72 22.78 -23.44
C PHE A 44 42.49 22.11 -24.80
N ALA A 45 41.35 22.41 -25.41
CA ALA A 45 40.95 21.75 -26.65
C ALA A 45 41.95 22.04 -27.75
N ARG A 46 42.22 23.33 -27.96
CA ARG A 46 43.11 23.74 -29.01
C ARG A 46 44.55 23.29 -28.76
N LYS A 47 44.99 23.32 -27.51
CA LYS A 47 46.35 22.87 -27.17
C LYS A 47 46.61 21.43 -27.65
N HIS A 48 45.64 20.55 -27.43
CA HIS A 48 45.81 19.12 -27.68
C HIS A 48 45.14 18.64 -28.97
N HIS A 49 44.71 19.59 -29.81
CA HIS A 49 44.06 19.29 -31.10
C HIS A 49 42.67 18.65 -30.98
N ILE A 50 42.03 18.71 -29.81
CA ILE A 50 40.70 18.11 -29.65
C ILE A 50 39.57 19.02 -30.11
N THR A 51 38.67 18.47 -30.91
CA THR A 51 37.50 19.18 -31.41
C THR A 51 36.50 19.41 -30.28
N LEU A 52 36.16 20.67 -30.03
CA LEU A 52 35.16 21.05 -29.03
C LEU A 52 33.97 21.72 -29.68
N THR A 53 32.79 21.15 -29.46
CA THR A 53 31.56 21.59 -30.09
C THR A 53 30.60 22.31 -29.13
N ASN A 54 29.83 23.25 -29.69
CA ASN A 54 28.86 24.07 -28.95
C ASN A 54 27.76 23.22 -28.33
N LEU A 55 27.04 22.53 -29.20
CA LEU A 55 25.92 21.67 -28.82
C LEU A 55 26.21 20.19 -29.10
N ILE A 56 25.54 19.33 -28.35
CA ILE A 56 25.75 17.89 -28.41
C ILE A 56 25.19 17.27 -29.70
N THR A 57 26.04 16.53 -30.41
CA THR A 57 25.63 15.87 -31.64
C THR A 57 25.82 14.37 -31.53
N GLU A 58 25.91 13.72 -32.68
CA GLU A 58 25.96 12.27 -32.79
C GLU A 58 27.40 11.81 -32.99
N GLU A 59 28.25 12.70 -33.48
CA GLU A 59 29.68 12.44 -33.59
C GLU A 59 30.38 12.56 -32.24
N THR A 60 29.87 13.48 -31.40
CA THR A 60 30.44 13.72 -30.07
C THR A 60 30.65 12.42 -29.33
N THR A 61 31.86 12.22 -28.80
CA THR A 61 32.22 10.99 -28.11
C THR A 61 32.48 11.23 -26.63
N HIS A 62 32.59 12.50 -26.25
CA HIS A 62 32.96 12.87 -24.89
C HIS A 62 32.07 13.99 -24.32
N VAL A 63 31.54 13.75 -23.12
CA VAL A 63 30.76 14.76 -22.39
C VAL A 63 31.47 15.08 -21.08
N VAL A 64 32.18 16.20 -21.06
CA VAL A 64 32.90 16.61 -19.86
C VAL A 64 32.00 17.51 -19.02
N MET A 65 31.76 17.16 -17.76
CA MET A 65 30.91 18.00 -16.89
C MET A 65 31.22 18.07 -15.40
N LYS A 66 30.78 19.17 -14.78
CA LYS A 66 31.23 19.54 -13.43
C LYS A 66 30.76 18.59 -12.34
N THR A 67 31.67 18.26 -11.42
CA THR A 67 31.44 17.26 -10.39
C THR A 67 31.97 17.68 -9.00
N ASP A 68 32.61 16.77 -8.28
CA ASP A 68 33.07 17.06 -6.91
C ASP A 68 34.26 16.24 -6.37
N ALA A 69 34.52 15.07 -6.99
CA ALA A 69 35.51 14.08 -6.51
C ALA A 69 34.93 13.18 -5.44
N PHE A 71 33.04 12.32 -7.99
CA PHE A 71 32.76 12.63 -9.40
C PHE A 71 31.27 12.77 -9.73
N VAL A 72 30.53 13.52 -8.91
CA VAL A 72 29.07 13.62 -9.06
C VAL A 72 28.62 14.96 -9.65
N CYS A 73 27.67 14.90 -10.59
CA CYS A 73 27.23 16.05 -11.38
C CYS A 73 25.77 16.43 -11.15
N GLU A 74 25.33 17.51 -11.78
CA GLU A 74 23.93 17.82 -11.82
C GLU A 74 23.37 17.33 -13.15
N ARG A 75 22.10 16.94 -13.17
CA ARG A 75 21.45 16.43 -14.37
C ARG A 75 21.19 17.54 -15.36
N THR A 76 21.90 17.49 -16.49
CA THR A 76 21.70 18.46 -17.58
C THR A 76 21.11 17.73 -18.78
N LEU A 77 20.68 18.49 -19.79
CA LEU A 77 20.22 17.84 -21.02
C LEU A 77 21.34 16.98 -21.61
N LYS A 78 22.53 17.59 -21.78
CA LYS A 78 23.69 16.95 -22.38
C LYS A 78 24.11 15.71 -21.60
N TYR A 79 23.82 15.72 -20.31
CA TYR A 79 24.12 14.59 -19.45
C TYR A 79 23.32 13.35 -19.88
N PHE A 80 21.99 13.51 -19.94
CA PHE A 80 21.08 12.46 -20.38
C PHE A 80 21.38 11.98 -21.81
N LEU A 81 21.77 12.90 -22.68
CA LEU A 81 21.99 12.56 -24.09
C LEU A 81 23.33 11.89 -24.29
N GLY A 82 24.24 12.16 -23.35
CA GLY A 82 25.55 11.52 -23.30
C GLY A 82 25.42 10.07 -22.86
N ILE A 83 24.80 9.85 -21.71
CA ILE A 83 24.53 8.49 -21.22
C ILE A 83 23.74 7.69 -22.26
N ALA A 84 22.74 8.33 -22.85
CA ALA A 84 21.88 7.73 -23.86
C ALA A 84 22.70 7.28 -25.06
N GLY A 85 23.61 8.15 -25.50
CA GLY A 85 24.44 7.86 -26.67
C GLY A 85 25.52 6.83 -26.47
N GLY A 86 25.74 6.41 -25.21
CA GLY A 86 26.83 5.50 -24.89
C GLY A 86 28.19 6.18 -24.91
N LYS A 87 28.20 7.50 -24.76
CA LYS A 87 29.43 8.26 -24.82
C LYS A 87 30.23 8.07 -23.53
N TRP A 88 31.48 8.52 -23.58
CA TRP A 88 32.27 8.74 -22.38
C TRP A 88 31.78 9.98 -21.67
N VAL A 89 31.25 9.79 -20.47
CA VAL A 89 30.76 10.91 -19.68
C VAL A 89 31.75 11.18 -18.52
N VAL A 90 32.66 12.12 -18.78
CA VAL A 90 33.84 12.36 -17.96
C VAL A 90 33.71 13.70 -17.22
N SER A 91 34.30 13.80 -16.03
CA SER A 91 34.19 15.01 -15.22
C SER A 91 35.01 16.18 -15.76
N TYR A 92 34.73 17.38 -15.25
CA TYR A 92 35.54 18.56 -15.57
C TYR A 92 36.91 18.48 -14.85
N PHE A 93 36.94 17.75 -13.73
CA PHE A 93 38.19 17.50 -13.01
C PHE A 93 39.27 16.90 -13.91
N TRP A 94 38.85 16.21 -14.97
CA TRP A 94 39.78 15.61 -15.91
C TRP A 94 40.68 16.64 -16.56
N VAL A 95 40.09 17.79 -16.89
CA VAL A 95 40.83 18.89 -17.48
C VAL A 95 41.71 19.62 -16.45
N THR A 96 41.16 19.94 -15.27
CA THR A 96 41.92 20.66 -14.23
C THR A 96 43.15 19.91 -13.72
N GLN A 97 43.04 18.59 -13.63
CA GLN A 97 44.12 17.77 -13.12
C GLN A 97 45.11 17.32 -14.20
N SER A 98 44.71 17.40 -15.47
CA SER A 98 45.64 17.09 -16.57
C SER A 98 46.42 18.33 -17.00
N ILE A 99 45.97 19.49 -16.56
CA ILE A 99 46.73 20.72 -16.73
C ILE A 99 47.68 20.86 -15.54
N LYS A 100 47.16 20.55 -14.35
CA LYS A 100 47.97 20.55 -13.12
C LYS A 100 49.21 19.67 -13.22
N GLU A 101 49.10 18.52 -13.87
CA GLU A 101 50.29 17.76 -14.26
C GLU A 101 50.90 18.43 -15.48
N ARG A 102 50.81 17.79 -16.64
CA ARG A 102 51.29 18.37 -17.88
C ARG A 102 50.70 17.64 -19.07
N LYS A 103 50.57 16.32 -18.94
CA LYS A 103 50.11 15.48 -20.04
C LYS A 103 48.60 15.28 -20.00
N MET A 104 48.05 14.69 -21.06
CA MET A 104 46.64 14.33 -21.05
C MET A 104 46.42 13.06 -20.25
N LEU A 105 45.77 13.19 -19.11
CA LEU A 105 45.36 12.04 -18.32
C LEU A 105 44.31 11.25 -19.10
N ASN A 106 44.23 9.94 -18.89
CA ASN A 106 43.24 9.17 -19.64
C ASN A 106 41.90 9.15 -18.95
N GLU A 107 40.92 9.69 -19.67
CA GLU A 107 39.59 9.95 -19.14
C GLU A 107 39.01 8.81 -18.33
N HIS A 108 39.35 7.58 -18.71
CA HIS A 108 38.82 6.37 -18.08
C HIS A 108 38.79 6.43 -16.55
N ASP A 109 39.73 7.17 -15.96
CA ASP A 109 39.78 7.37 -14.51
C ASP A 109 38.92 8.55 -14.02
N PHE A 110 38.12 9.11 -14.90
CA PHE A 110 37.43 10.35 -14.57
C PHE A 110 35.97 10.36 -14.93
N GLU A 111 35.40 9.21 -15.30
CA GLU A 111 34.00 9.22 -15.71
C GLU A 111 33.05 9.38 -14.54
N VAL A 112 31.96 10.10 -14.79
CA VAL A 112 31.02 10.43 -13.73
C VAL A 112 30.34 9.18 -13.16
N ARG A 113 29.75 9.32 -11.99
CA ARG A 113 29.19 8.19 -11.28
C ARG A 113 27.82 8.46 -10.63
N GLY A 114 27.20 9.59 -10.97
CA GLY A 114 25.91 9.96 -10.36
C GLY A 114 25.49 11.43 -10.44
N ASP A 115 24.45 11.80 -9.69
CA ASP A 115 23.85 13.15 -9.78
C ASP A 115 22.93 13.56 -8.60
N VAL A 116 21.78 12.91 -8.52
CA VAL A 116 20.89 12.88 -7.34
C VAL A 116 19.65 11.96 -7.60
N VAL A 117 19.51 11.50 -8.84
CA VAL A 117 18.82 10.22 -9.12
C VAL A 117 19.70 9.18 -8.46
N ASN A 118 20.71 8.70 -9.18
CA ASN A 118 21.77 7.91 -8.56
C ASN A 118 22.70 8.76 -7.66
N GLY A 119 22.98 8.25 -6.47
CA GLY A 119 24.09 8.80 -5.69
C GLY A 119 25.37 8.63 -6.52
N ARG A 120 26.50 8.95 -5.92
CA ARG A 120 27.77 8.61 -6.57
C ARG A 120 27.88 7.08 -6.74
N ASN A 121 26.73 6.41 -6.64
CA ASN A 121 26.68 4.96 -6.54
C ASN A 121 26.47 4.31 -7.91
N HIS A 122 25.21 4.32 -8.37
CA HIS A 122 24.77 3.59 -9.58
C HIS A 122 25.31 4.22 -10.84
N GLN A 123 26.63 4.10 -11.05
CA GLN A 123 27.26 4.72 -12.22
C GLN A 123 26.60 4.31 -13.54
N GLY A 124 25.63 5.12 -13.95
CA GLY A 124 24.90 4.93 -15.20
C GLY A 124 25.78 5.07 -16.43
N PRO A 125 26.46 6.20 -16.56
CA PRO A 125 27.40 6.40 -17.65
C PRO A 125 28.20 5.15 -18.08
N LYS A 126 28.92 4.51 -17.15
CA LYS A 126 29.66 3.26 -17.46
C LYS A 126 28.73 2.21 -18.05
N ARG A 127 27.64 1.98 -17.33
CA ARG A 127 26.62 0.98 -17.65
C ARG A 127 26.06 1.09 -19.06
N ALA A 128 26.03 2.31 -19.60
CA ALA A 128 25.41 2.58 -20.89
C ALA A 128 26.30 2.17 -22.07
N ARG A 129 27.56 2.60 -22.02
CA ARG A 129 28.49 2.29 -23.10
C ARG A 129 28.85 0.82 -23.13
N GLU A 130 28.66 0.15 -22.00
CA GLU A 130 28.93 -1.28 -21.89
C GLU A 130 27.74 -2.14 -22.30
N SER A 131 26.54 -1.59 -22.19
CA SER A 131 25.32 -2.34 -22.49
C SER A 131 24.56 -1.82 -23.72
N GLN A 132 25.28 -1.58 -24.82
CA GLN A 132 24.66 -1.05 -26.04
C GLN A 132 23.99 -2.14 -26.87
N ASP A 133 24.51 -3.36 -26.75
CA ASP A 133 23.91 -4.52 -27.42
C ASP A 133 22.57 -4.87 -26.79
N ARG A 134 22.10 -4.01 -25.90
CA ARG A 134 21.00 -4.31 -24.98
C ARG A 134 20.32 -3.05 -24.43
N LYS A 135 19.68 -2.29 -25.32
CA LYS A 135 19.07 -1.02 -24.94
C LYS A 135 17.89 -1.16 -23.97
N ILE A 136 17.58 -0.08 -23.26
CA ILE A 136 16.65 -0.11 -22.12
C ILE A 136 15.17 -0.04 -22.48
N PHE A 137 14.80 0.92 -23.31
CA PHE A 137 13.44 0.95 -23.86
C PHE A 137 13.34 0.13 -25.16
N ARG A 138 14.09 -0.97 -25.21
CA ARG A 138 14.20 -1.83 -26.41
C ARG A 138 12.88 -2.06 -27.13
N GLY A 139 11.97 -2.84 -26.54
CA GLY A 139 10.73 -3.23 -27.22
C GLY A 139 9.54 -2.30 -27.01
N LEU A 140 9.81 -0.99 -26.91
CA LEU A 140 8.75 -0.03 -26.55
C LEU A 140 8.48 1.05 -27.63
N GLU A 141 7.29 1.64 -27.58
CA GLU A 141 6.92 2.78 -28.43
C GLU A 141 6.53 3.95 -27.53
N ILE A 142 7.04 5.12 -27.85
CA ILE A 142 6.88 6.25 -26.95
C ILE A 142 6.33 7.48 -27.64
N CYS A 143 5.25 8.01 -27.07
CA CYS A 143 4.71 9.28 -27.53
C CYS A 143 5.08 10.34 -26.51
N CYS A 144 5.78 11.37 -26.98
CA CYS A 144 6.09 12.53 -26.15
C CYS A 144 4.98 13.57 -26.31
N TYR A 145 4.02 13.50 -25.41
CA TYR A 145 2.74 14.20 -25.58
C TYR A 145 2.64 15.49 -24.74
N GLY A 146 2.28 16.59 -25.41
CA GLY A 146 2.03 17.85 -24.73
C GLY A 146 3.25 18.75 -24.59
N PRO A 147 3.12 19.80 -23.78
CA PRO A 147 4.20 20.75 -23.57
C PRO A 147 5.26 20.19 -22.64
N PHE A 148 6.50 20.66 -22.81
CA PHE A 148 7.62 20.33 -21.93
C PHE A 148 8.40 21.61 -21.61
N THR A 149 9.03 21.67 -20.44
CA THR A 149 9.89 22.82 -20.13
C THR A 149 11.25 22.69 -20.81
N ASN A 150 12.34 22.96 -20.09
CA ASN A 150 13.66 23.23 -20.68
C ASN A 150 14.36 22.04 -21.38
N MET A 151 13.60 21.35 -22.21
CA MET A 151 14.05 20.24 -23.00
C MET A 151 13.03 20.11 -24.11
N PRO A 152 13.40 20.54 -25.31
CA PRO A 152 12.48 20.56 -26.43
C PRO A 152 11.97 19.16 -26.75
N THR A 153 10.68 19.08 -27.09
CA THR A 153 10.00 17.84 -27.42
C THR A 153 10.88 16.88 -28.21
N ASP A 154 11.40 17.36 -29.35
CA ASP A 154 12.22 16.55 -30.26
C ASP A 154 13.54 16.07 -29.64
N GLN A 155 14.12 16.90 -28.78
CA GLN A 155 15.38 16.58 -28.11
C GLN A 155 15.19 15.36 -27.20
N LEU A 156 14.12 15.39 -26.40
CA LEU A 156 13.70 14.25 -25.57
C LEU A 156 13.39 13.02 -26.41
N GLU A 157 12.62 13.22 -27.48
CA GLU A 157 12.27 12.16 -28.42
C GLU A 157 13.52 11.42 -28.90
N TRP A 158 14.57 12.18 -29.15
CA TRP A 158 15.86 11.64 -29.56
C TRP A 158 16.55 10.84 -28.44
N MET A 159 16.48 11.35 -27.21
CA MET A 159 17.06 10.67 -26.03
C MET A 159 16.45 9.29 -25.86
N VAL A 160 15.12 9.25 -26.03
CA VAL A 160 14.35 8.02 -25.99
C VAL A 160 14.75 7.08 -27.12
N GLN A 161 14.82 7.61 -28.34
CA GLN A 161 15.16 6.83 -29.52
C GLN A 161 16.50 6.13 -29.41
N LEU A 162 17.46 6.81 -28.78
CA LEU A 162 18.80 6.28 -28.56
C LEU A 162 18.77 5.05 -27.65
N CYS A 163 17.93 5.11 -26.63
CA CYS A 163 17.76 4.01 -25.70
C CYS A 163 16.75 2.96 -26.16
N GLY A 164 16.79 2.62 -27.44
CA GLY A 164 16.01 1.50 -27.98
C GLY A 164 14.53 1.75 -28.27
N ALA A 165 14.04 2.93 -27.89
CA ALA A 165 12.62 3.25 -28.04
C ALA A 165 12.25 3.73 -29.43
N SER A 166 11.01 3.46 -29.84
CA SER A 166 10.45 3.91 -31.12
C SER A 166 9.49 5.07 -30.84
N VAL A 167 9.71 6.22 -31.47
CA VAL A 167 8.89 7.41 -31.18
C VAL A 167 7.62 7.51 -32.03
N VAL A 168 6.52 7.83 -31.36
CA VAL A 168 5.22 8.03 -31.99
C VAL A 168 4.84 9.51 -31.87
N LYS A 169 4.13 10.06 -32.85
CA LYS A 169 3.86 11.51 -32.89
C LYS A 169 2.46 11.96 -32.49
N GLU A 170 1.44 11.15 -32.77
CA GLU A 170 0.09 11.38 -32.24
C GLU A 170 -0.21 10.26 -31.24
N LEU A 171 -1.33 10.35 -30.55
CA LEU A 171 -1.69 9.25 -29.64
C LEU A 171 -2.37 8.13 -30.41
N SER A 172 -2.85 8.47 -31.60
CA SER A 172 -3.49 7.51 -32.48
C SER A 172 -2.48 7.00 -33.53
N SER A 173 -1.21 7.03 -33.17
CA SER A 173 -0.17 6.46 -34.02
C SER A 173 0.51 5.24 -33.39
N PHE A 174 -0.17 4.62 -32.40
CA PHE A 174 0.34 3.40 -31.77
C PHE A 174 -0.02 2.14 -32.56
N THR A 175 0.90 1.17 -32.55
CA THR A 175 0.83 -0.02 -33.41
C THR A 175 -0.17 -1.09 -32.96
N LEU A 176 -1.00 -1.52 -33.92
CA LEU A 176 -1.86 -2.71 -33.74
C LEU A 176 -1.01 -3.91 -33.29
N GLY A 177 0.08 -4.17 -34.02
CA GLY A 177 1.06 -5.24 -33.76
C GLY A 177 1.37 -5.53 -32.30
N THR A 178 1.13 -6.77 -31.92
CA THR A 178 0.99 -7.18 -30.50
C THR A 178 2.28 -7.24 -29.66
N GLY A 179 3.43 -7.39 -30.31
CA GLY A 179 4.71 -7.48 -29.60
C GLY A 179 5.14 -6.19 -28.90
N VAL A 180 4.49 -5.08 -29.25
CA VAL A 180 4.92 -3.75 -28.78
C VAL A 180 4.13 -3.20 -27.57
N HIS A 181 4.83 -2.36 -26.80
CA HIS A 181 4.29 -1.74 -25.60
C HIS A 181 4.18 -0.23 -25.81
N PRO A 182 2.96 0.30 -25.80
CA PRO A 182 2.74 1.73 -25.90
C PRO A 182 2.91 2.42 -24.55
N ILE A 183 3.64 3.52 -24.53
CA ILE A 183 3.88 4.29 -23.31
C ILE A 183 3.80 5.77 -23.65
N VAL A 184 2.92 6.49 -22.97
CA VAL A 184 2.79 7.92 -23.22
C VAL A 184 3.52 8.67 -22.13
N VAL A 185 4.44 9.54 -22.53
CA VAL A 185 5.19 10.36 -21.56
C VAL A 185 4.71 11.80 -21.65
N VAL A 186 4.37 12.36 -20.49
CA VAL A 186 3.92 13.75 -20.37
C VAL A 186 4.74 14.42 -19.29
N GLN A 187 5.15 15.66 -19.52
CA GLN A 187 5.56 16.51 -18.40
C GLN A 187 4.35 17.35 -17.96
N PRO A 188 3.76 16.98 -16.82
CA PRO A 188 2.59 17.67 -16.27
C PRO A 188 2.95 19.09 -15.80
N ASP A 189 4.12 19.19 -15.18
CA ASP A 189 4.72 20.44 -14.73
C ASP A 189 4.40 21.68 -15.60
N ALA A 190 4.18 21.48 -16.90
CA ALA A 190 4.08 22.60 -17.84
C ALA A 190 2.70 22.79 -18.48
N TRP A 191 1.65 22.56 -17.71
CA TRP A 191 0.27 22.70 -18.20
C TRP A 191 -0.52 23.76 -17.42
N THR A 192 -1.81 23.47 -17.19
CA THR A 192 -2.74 24.30 -16.43
C THR A 192 -4.01 23.50 -16.13
N GLY A 196 -6.35 19.91 -17.25
CA GLY A 196 -6.54 18.47 -17.38
C GLY A 196 -5.45 17.82 -18.21
N PHE A 197 -4.90 16.73 -17.68
CA PHE A 197 -3.92 15.87 -18.38
C PHE A 197 -3.96 14.50 -17.71
N HIS A 198 -4.88 14.37 -16.76
CA HIS A 198 -5.35 13.08 -16.28
C HIS A 198 -6.29 12.55 -17.38
N ALA A 199 -6.50 13.40 -18.39
CA ALA A 199 -7.34 13.09 -19.51
C ALA A 199 -6.77 11.90 -20.26
N ILE A 200 -5.66 12.13 -20.95
CA ILE A 200 -5.02 11.18 -21.88
C ILE A 200 -5.62 9.76 -21.94
N GLY A 201 -5.56 9.03 -20.81
CA GLY A 201 -5.99 7.63 -20.73
C GLY A 201 -7.19 7.24 -21.58
N GLN A 202 -8.15 8.15 -21.68
CA GLN A 202 -9.37 7.94 -22.43
C GLN A 202 -9.10 7.83 -23.92
N MET A 203 -8.28 8.75 -24.45
CA MET A 203 -8.02 8.87 -25.89
C MET A 203 -7.38 7.62 -26.52
N CYS A 204 -6.28 7.14 -25.92
CA CYS A 204 -5.70 5.85 -26.28
C CYS A 204 -5.30 5.09 -25.02
N GLU A 205 -5.29 3.75 -25.10
CA GLU A 205 -5.10 2.92 -23.92
C GLU A 205 -3.68 2.40 -23.74
N ALA A 206 -2.86 3.23 -23.09
CA ALA A 206 -1.47 2.95 -22.82
C ALA A 206 -1.09 3.66 -21.52
N PRO A 207 -0.14 3.11 -20.76
CA PRO A 207 0.29 3.77 -19.53
C PRO A 207 0.70 5.21 -19.80
N VAL A 208 0.38 6.09 -18.87
CA VAL A 208 0.73 7.50 -18.97
C VAL A 208 1.70 7.87 -17.86
N VAL A 209 2.95 8.14 -18.21
CA VAL A 209 3.99 8.43 -17.22
C VAL A 209 4.59 9.83 -17.33
N THR A 210 4.96 10.40 -16.19
CA THR A 210 5.77 11.62 -16.11
C THR A 210 7.08 11.50 -16.91
N ARG A 211 7.64 12.64 -17.31
CA ARG A 211 8.89 12.66 -18.06
C ARG A 211 10.00 12.04 -17.25
N GLU A 212 9.97 12.31 -15.94
CA GLU A 212 10.96 11.83 -14.97
C GLU A 212 11.22 10.33 -14.98
N TRP A 213 10.36 9.56 -15.65
CA TRP A 213 10.58 8.13 -15.81
C TRP A 213 11.63 7.88 -16.89
N VAL A 214 11.52 8.63 -17.99
CA VAL A 214 12.53 8.60 -19.04
C VAL A 214 13.87 9.02 -18.44
N LEU A 215 13.87 10.24 -17.88
CA LEU A 215 15.04 10.84 -17.24
C LEU A 215 15.73 9.93 -16.25
N ASP A 216 14.93 9.30 -15.38
CA ASP A 216 15.47 8.43 -14.35
C ASP A 216 16.03 7.18 -14.97
N SER A 217 15.39 6.71 -16.03
CA SER A 217 15.80 5.45 -16.64
C SER A 217 17.14 5.58 -17.34
N VAL A 218 17.35 6.69 -18.05
CA VAL A 218 18.64 6.95 -18.69
C VAL A 218 19.77 7.15 -17.69
N ALA A 219 19.54 7.97 -16.68
CA ALA A 219 20.54 8.28 -15.67
C ALA A 219 21.07 7.02 -14.99
N LEU A 220 20.19 6.04 -14.82
CA LEU A 220 20.59 4.77 -14.25
C LEU A 220 21.03 3.79 -15.32
N TYR A 221 20.60 4.04 -16.56
CA TYR A 221 20.55 3.03 -17.61
C TYR A 221 20.05 1.67 -17.10
N GLN A 222 18.79 1.65 -16.67
CA GLN A 222 18.23 0.45 -16.07
C GLN A 222 16.79 0.22 -16.49
N CYS A 223 16.08 1.28 -16.88
CA CYS A 223 14.65 1.20 -17.22
C CYS A 223 13.76 0.84 -16.01
N GLN A 224 13.62 1.82 -15.13
CA GLN A 224 12.71 1.80 -13.99
C GLN A 224 11.28 1.46 -14.41
N GLU A 225 10.63 0.57 -13.67
CA GLU A 225 9.26 0.20 -14.01
C GLU A 225 8.27 1.34 -13.75
N LEU A 226 7.12 1.26 -14.41
CA LEU A 226 6.19 2.38 -14.54
C LEU A 226 5.41 2.76 -13.28
N ASP A 227 5.34 1.84 -12.31
CA ASP A 227 4.53 2.05 -11.10
C ASP A 227 4.50 3.49 -10.59
N THR A 228 5.63 3.98 -10.07
CA THR A 228 5.67 5.27 -9.35
C THR A 228 5.67 6.50 -10.26
N TYR A 229 5.73 6.28 -11.56
CA TYR A 229 5.75 7.38 -12.51
C TYR A 229 4.39 7.52 -13.17
N LEU A 230 3.48 6.58 -12.86
CA LEU A 230 2.16 6.55 -13.49
C LEU A 230 1.32 7.73 -13.04
N ILE A 231 0.63 8.34 -13.99
CA ILE A 231 -0.23 9.49 -13.71
C ILE A 231 -1.66 8.99 -13.55
N PRO A 232 -2.28 9.35 -12.41
CA PRO A 232 -3.69 9.06 -12.18
C PRO A 232 -4.54 9.61 -13.32
N GLN A 233 -5.48 8.81 -13.80
CA GLN A 233 -6.28 9.21 -14.95
C GLN A 233 -7.75 9.28 -14.58
N ILE A 234 -8.48 10.13 -15.31
CA ILE A 234 -9.90 10.30 -15.11
C ILE A 234 -10.67 9.43 -16.10
N PRO A 235 -11.47 8.50 -15.57
CA PRO A 235 -12.34 7.68 -16.40
C PRO A 235 -13.66 8.40 -16.72
N LYS B 24 -2.79 4.74 -11.61
CA LYS B 24 -3.33 4.83 -13.00
C LYS B 24 -4.73 5.43 -12.98
N ARG B 25 -5.39 5.35 -11.82
CA ARG B 25 -6.77 5.78 -11.65
C ARG B 25 -6.93 6.76 -10.49
N MET B 26 -7.62 7.86 -10.73
CA MET B 26 -7.65 8.95 -9.78
C MET B 26 -8.66 8.71 -8.67
N SER B 27 -8.22 8.88 -7.42
CA SER B 27 -9.07 8.68 -6.24
C SER B 27 -8.59 9.60 -5.11
N MET B 28 -9.42 10.53 -4.68
CA MET B 28 -9.01 11.42 -3.60
C MET B 28 -9.64 11.15 -2.24
N VAL B 29 -9.07 11.79 -1.22
CA VAL B 29 -9.62 11.79 0.13
C VAL B 29 -9.44 13.19 0.72
N VAL B 30 -10.26 13.51 1.71
CA VAL B 30 -10.29 14.86 2.27
C VAL B 30 -9.78 14.89 3.71
N SER B 31 -9.09 15.96 4.08
CA SER B 31 -8.65 16.14 5.45
C SER B 31 -8.72 17.59 5.92
N GLY B 32 -9.30 17.79 7.11
CA GLY B 32 -9.40 19.10 7.75
C GLY B 32 -10.57 19.94 7.29
N LEU B 33 -11.61 19.31 6.77
CA LEU B 33 -12.71 20.03 6.15
C LEU B 33 -14.05 19.90 6.85
N THR B 34 -14.71 21.03 7.05
CA THR B 34 -16.06 21.07 7.58
C THR B 34 -17.00 20.49 6.53
N PRO B 35 -18.10 19.86 6.97
CA PRO B 35 -19.15 19.40 6.07
C PRO B 35 -19.37 20.34 4.88
N GLU B 36 -19.65 21.60 5.16
CA GLU B 36 -19.93 22.60 4.12
C GLU B 36 -18.79 22.69 3.10
N GLU B 37 -17.56 22.57 3.58
CA GLU B 37 -16.38 22.61 2.72
C GLU B 37 -16.21 21.32 1.92
N PHE B 38 -16.34 20.17 2.60
CA PHE B 38 -16.34 18.86 1.94
C PHE B 38 -17.38 18.84 0.84
N MET B 39 -18.53 19.42 1.15
CA MET B 39 -19.65 19.57 0.22
C MET B 39 -19.20 20.08 -1.15
N LEU B 40 -18.38 21.13 -1.18
CA LEU B 40 -17.87 21.68 -2.44
C LEU B 40 -16.93 20.71 -3.16
N VAL B 41 -16.24 19.85 -2.41
CA VAL B 41 -15.34 18.85 -2.98
C VAL B 41 -16.14 17.72 -3.62
N TYR B 42 -17.20 17.28 -2.96
CA TYR B 42 -18.08 16.26 -3.52
C TYR B 42 -18.66 16.74 -4.85
N LYS B 43 -18.99 18.04 -4.91
CA LYS B 43 -19.48 18.66 -6.14
C LYS B 43 -18.43 18.60 -7.22
N PHE B 44 -17.19 18.93 -6.82
CA PHE B 44 -16.03 19.01 -7.70
C PHE B 44 -15.63 17.65 -8.26
N ALA B 45 -15.76 16.60 -7.43
CA ALA B 45 -15.48 15.23 -7.85
C ALA B 45 -16.54 14.70 -8.84
N ARG B 46 -17.80 15.08 -8.60
CA ARG B 46 -18.90 14.65 -9.44
C ARG B 46 -18.86 15.36 -10.79
N LYS B 47 -18.52 16.65 -10.76
CA LYS B 47 -18.30 17.44 -11.96
C LYS B 47 -17.34 16.78 -12.93
N HIS B 48 -16.27 16.19 -12.37
CA HIS B 48 -15.11 15.77 -13.15
C HIS B 48 -14.88 14.25 -13.23
N HIS B 49 -15.77 13.47 -12.62
CA HIS B 49 -15.71 12.00 -12.62
C HIS B 49 -14.54 11.43 -11.81
N ILE B 50 -14.08 12.19 -10.82
CA ILE B 50 -12.97 11.76 -9.99
C ILE B 50 -13.50 11.03 -8.76
N THR B 51 -12.95 9.85 -8.46
CA THR B 51 -13.33 9.11 -7.26
C THR B 51 -13.11 9.96 -6.01
N LEU B 52 -14.07 9.90 -5.08
CA LEU B 52 -13.91 10.51 -3.77
C LEU B 52 -14.28 9.50 -2.69
N THR B 53 -13.27 9.01 -1.99
CA THR B 53 -13.47 8.13 -0.87
C THR B 53 -13.31 8.93 0.42
N ASN B 54 -14.14 8.67 1.43
CA ASN B 54 -14.01 9.32 2.73
C ASN B 54 -12.94 8.65 3.58
N LEU B 55 -12.56 7.43 3.18
CA LEU B 55 -11.49 6.67 3.85
C LEU B 55 -10.21 6.51 3.02
N ILE B 56 -9.07 6.74 3.67
CA ILE B 56 -7.75 6.65 3.02
C ILE B 56 -7.31 5.21 2.71
N THR B 57 -7.42 4.84 1.43
CA THR B 57 -7.01 3.50 0.97
C THR B 57 -5.59 3.52 0.42
N GLU B 58 -5.07 2.32 0.18
CA GLU B 58 -3.77 2.11 -0.45
C GLU B 58 -3.82 2.62 -1.90
N GLU B 59 -5.03 2.77 -2.42
CA GLU B 59 -5.29 3.22 -3.80
C GLU B 59 -5.30 4.73 -4.00
N THR B 60 -5.58 5.50 -2.94
CA THR B 60 -5.76 6.94 -3.12
C THR B 60 -4.57 7.61 -3.77
N THR B 61 -4.84 8.63 -4.58
CA THR B 61 -3.80 9.35 -5.29
C THR B 61 -3.70 10.79 -4.82
N HIS B 62 -4.83 11.32 -4.36
CA HIS B 62 -4.86 12.67 -3.79
C HIS B 62 -5.37 12.70 -2.34
N VAL B 63 -4.82 13.64 -1.59
CA VAL B 63 -5.28 14.01 -0.26
C VAL B 63 -5.52 15.50 -0.39
N VAL B 64 -6.77 15.91 -0.26
CA VAL B 64 -7.10 17.33 -0.23
C VAL B 64 -6.97 17.86 1.21
N MET B 65 -6.22 18.93 1.39
CA MET B 65 -5.92 19.47 2.72
C MET B 65 -6.34 20.92 2.89
N LYS B 66 -6.73 21.32 4.10
CA LYS B 66 -7.07 22.71 4.41
C LYS B 66 -5.78 23.51 4.67
N THR B 67 -5.61 24.65 3.99
CA THR B 67 -4.41 25.47 4.15
C THR B 67 -4.68 26.98 4.30
N ASP B 68 -3.63 27.79 4.14
CA ASP B 68 -3.74 29.25 4.11
C ASP B 68 -2.85 29.86 3.03
N ALA B 69 -3.45 30.66 2.14
CA ALA B 69 -2.75 31.35 1.06
C ALA B 69 -1.61 30.56 0.40
N PHE B 71 0.39 28.04 1.85
CA PHE B 71 -0.22 26.73 1.69
C PHE B 71 0.15 25.84 2.87
N VAL B 72 -0.01 26.37 4.07
CA VAL B 72 0.34 25.67 5.31
C VAL B 72 -0.87 25.00 5.97
N CYS B 73 -0.71 23.75 6.40
CA CYS B 73 -1.82 22.95 6.93
C CYS B 73 -1.62 22.55 8.38
N GLU B 74 -2.58 21.79 8.91
CA GLU B 74 -2.51 21.19 10.25
C GLU B 74 -1.91 19.79 10.10
N ARG B 75 -1.65 19.11 11.22
CA ARG B 75 -1.10 17.75 11.18
C ARG B 75 -2.11 16.67 11.52
N THR B 76 -2.24 15.69 10.63
CA THR B 76 -3.42 14.83 10.56
C THR B 76 -3.01 13.42 10.24
N LEU B 77 -3.71 12.42 10.78
CA LEU B 77 -3.42 11.03 10.40
C LEU B 77 -3.33 10.91 8.88
N LYS B 78 -4.30 11.52 8.18
CA LYS B 78 -4.38 11.41 6.73
C LYS B 78 -3.26 12.19 6.06
N TYR B 79 -2.79 13.24 6.74
CA TYR B 79 -1.68 14.04 6.25
C TYR B 79 -0.43 13.17 6.11
N PHE B 80 0.02 12.61 7.22
CA PHE B 80 1.19 11.73 7.24
C PHE B 80 1.01 10.58 6.26
N LEU B 81 -0.20 10.06 6.18
CA LEU B 81 -0.46 8.94 5.29
C LEU B 81 -0.32 9.29 3.80
N GLY B 82 -0.68 10.51 3.44
CA GLY B 82 -0.41 11.01 2.09
C GLY B 82 1.08 11.07 1.84
N ILE B 83 1.82 11.57 2.83
CA ILE B 83 3.24 11.74 2.69
C ILE B 83 3.97 10.39 2.78
N ALA B 84 3.38 9.43 3.50
CA ALA B 84 4.02 8.13 3.65
C ALA B 84 4.03 7.39 2.32
N GLY B 85 2.87 7.31 1.68
CA GLY B 85 2.72 6.61 0.42
C GLY B 85 2.84 7.53 -0.77
N GLY B 86 3.49 8.67 -0.54
CA GLY B 86 3.92 9.60 -1.59
C GLY B 86 2.83 10.11 -2.49
N LYS B 87 1.65 10.32 -1.92
CA LYS B 87 0.49 10.79 -2.66
C LYS B 87 0.63 12.28 -2.89
N TRP B 88 -0.25 12.83 -3.71
CA TRP B 88 -0.38 14.28 -3.80
C TRP B 88 -1.03 14.79 -2.54
N VAL B 89 -0.30 15.66 -1.85
CA VAL B 89 -0.87 16.34 -0.71
C VAL B 89 -1.20 17.75 -1.20
N VAL B 90 -2.43 17.88 -1.69
CA VAL B 90 -2.86 19.07 -2.40
C VAL B 90 -3.83 19.88 -1.56
N SER B 91 -3.64 21.21 -1.56
CA SER B 91 -4.47 22.15 -0.80
C SER B 91 -5.96 22.13 -1.19
N TYR B 92 -6.79 22.63 -0.28
CA TYR B 92 -8.21 22.81 -0.48
C TYR B 92 -8.52 23.89 -1.51
N PHE B 93 -7.79 25.01 -1.42
CA PHE B 93 -7.95 26.12 -2.36
C PHE B 93 -7.96 25.66 -3.82
N TRP B 94 -7.22 24.58 -4.09
CA TRP B 94 -7.23 23.91 -5.38
C TRP B 94 -8.65 23.69 -5.89
N VAL B 95 -9.54 23.36 -4.97
CA VAL B 95 -10.94 23.06 -5.29
C VAL B 95 -11.74 24.34 -5.50
N THR B 96 -11.62 25.28 -4.56
CA THR B 96 -12.38 26.52 -4.63
C THR B 96 -11.97 27.36 -5.83
N GLN B 97 -10.66 27.49 -6.02
CA GLN B 97 -10.10 28.30 -7.11
C GLN B 97 -10.41 27.68 -8.48
N SER B 98 -10.52 26.37 -8.52
CA SER B 98 -10.78 25.65 -9.76
C SER B 98 -12.24 25.80 -10.19
N ILE B 99 -13.16 25.61 -9.25
CA ILE B 99 -14.58 25.83 -9.50
C ILE B 99 -14.83 27.28 -9.91
N LYS B 100 -14.18 28.21 -9.22
CA LYS B 100 -14.31 29.64 -9.49
C LYS B 100 -13.85 29.98 -10.91
N GLU B 101 -12.74 29.38 -11.34
CA GLU B 101 -12.19 29.65 -12.66
C GLU B 101 -12.84 28.82 -13.76
N ARG B 102 -13.66 27.84 -13.37
CA ARG B 102 -14.47 27.04 -14.28
C ARG B 102 -13.78 25.82 -14.95
N LYS B 103 -12.53 25.55 -14.58
CA LYS B 103 -11.82 24.37 -15.10
C LYS B 103 -10.88 23.73 -14.08
N MET B 104 -10.52 22.47 -14.34
CA MET B 104 -9.54 21.71 -13.56
C MET B 104 -8.14 22.31 -13.66
N LEU B 105 -7.76 23.09 -12.65
CA LEU B 105 -6.41 23.61 -12.53
C LEU B 105 -5.48 22.50 -12.07
N ASN B 106 -4.20 22.57 -12.44
CA ASN B 106 -3.28 21.49 -12.10
C ASN B 106 -2.67 21.59 -10.70
N GLU B 107 -2.42 20.43 -10.12
CA GLU B 107 -2.04 20.26 -8.71
C GLU B 107 -0.72 20.94 -8.35
N HIS B 108 0.19 21.01 -9.32
CA HIS B 108 1.54 21.52 -9.07
C HIS B 108 1.55 22.91 -8.47
N ASP B 109 0.50 23.67 -8.73
CA ASP B 109 0.39 25.04 -8.21
C ASP B 109 -0.34 25.09 -6.87
N PHE B 110 -0.76 23.92 -6.39
CA PHE B 110 -1.55 23.85 -5.15
C PHE B 110 -1.03 22.83 -4.12
N GLU B 111 0.18 22.33 -4.33
CA GLU B 111 0.83 21.44 -3.37
C GLU B 111 1.15 22.14 -2.05
N VAL B 112 0.79 21.50 -0.93
CA VAL B 112 1.02 22.07 0.40
C VAL B 112 2.51 22.11 0.72
N ARG B 113 2.87 22.98 1.66
CA ARG B 113 4.28 23.22 1.99
C ARG B 113 4.66 22.67 3.38
N GLY B 114 3.86 22.97 4.40
CA GLY B 114 4.21 22.61 5.77
C GLY B 114 3.06 22.61 6.78
N ASP B 115 3.39 22.77 8.06
CA ASP B 115 2.45 22.60 9.17
C ASP B 115 2.89 23.21 10.51
N VAL B 116 3.83 22.53 11.16
CA VAL B 116 4.32 22.90 12.49
C VAL B 116 5.61 22.12 12.84
N VAL B 117 5.89 21.05 12.10
CA VAL B 117 7.22 20.43 12.04
C VAL B 117 8.02 21.32 11.11
N ASN B 118 7.49 21.51 9.91
CA ASN B 118 7.96 22.52 8.98
C ASN B 118 7.03 23.73 9.02
N GLY B 119 7.39 24.79 8.33
CA GLY B 119 6.49 25.92 8.20
C GLY B 119 6.15 26.19 6.75
N ARG B 120 6.26 27.46 6.40
CA ARG B 120 6.09 27.97 5.03
C ARG B 120 6.85 27.14 3.97
N ASN B 121 8.15 26.91 4.20
CA ASN B 121 9.02 26.16 3.29
C ASN B 121 8.99 24.66 3.62
N HIS B 122 10.09 23.98 3.31
CA HIS B 122 10.38 22.62 3.76
C HIS B 122 9.38 21.60 3.27
N GLN B 123 9.27 21.50 1.95
CA GLN B 123 8.17 20.80 1.27
C GLN B 123 8.25 19.28 1.38
N GLY B 124 7.79 18.74 2.50
CA GLY B 124 7.76 17.30 2.72
C GLY B 124 7.02 16.48 1.67
N PRO B 125 5.81 16.91 1.29
CA PRO B 125 4.98 16.17 0.35
C PRO B 125 5.58 16.10 -1.05
N LYS B 126 6.18 17.21 -1.48
CA LYS B 126 6.84 17.31 -2.77
C LYS B 126 8.01 16.34 -2.83
N ARG B 127 8.82 16.30 -1.76
CA ARG B 127 9.97 15.39 -1.68
C ARG B 127 9.50 13.96 -1.43
N ALA B 128 8.31 13.83 -0.83
CA ALA B 128 7.67 12.53 -0.63
C ALA B 128 7.26 11.84 -1.94
N ARG B 129 6.87 12.63 -2.94
CA ARG B 129 6.57 12.10 -4.26
C ARG B 129 7.85 11.76 -4.99
N GLU B 130 8.71 12.76 -5.10
CA GLU B 130 9.83 12.74 -6.03
C GLU B 130 10.88 11.73 -5.63
N SER B 131 11.15 11.66 -4.32
CA SER B 131 11.95 10.59 -3.75
C SER B 131 10.99 9.47 -3.35
N GLN B 132 11.25 8.27 -3.85
CA GLN B 132 10.46 7.08 -3.53
C GLN B 132 11.36 5.90 -3.80
N ASP B 133 12.32 6.15 -4.67
CA ASP B 133 13.48 5.29 -4.85
C ASP B 133 14.35 5.30 -3.59
N ARG B 134 13.99 6.14 -2.62
CA ARG B 134 14.74 6.31 -1.36
C ARG B 134 13.82 6.45 -0.14
N LYS B 135 13.28 5.33 0.36
CA LYS B 135 12.34 5.37 1.49
C LYS B 135 13.04 5.62 2.83
N ILE B 136 12.52 6.58 3.59
CA ILE B 136 13.20 7.12 4.78
C ILE B 136 13.57 6.11 5.86
N PHE B 137 12.73 5.11 6.08
CA PHE B 137 13.03 4.14 7.11
C PHE B 137 13.77 2.95 6.54
N ARG B 138 14.32 3.16 5.34
CA ARG B 138 15.22 2.24 4.65
C ARG B 138 15.33 0.86 5.28
N GLY B 139 16.29 0.69 6.20
CA GLY B 139 16.57 -0.64 6.74
C GLY B 139 16.36 -0.78 8.23
N LEU B 140 15.27 -0.20 8.73
CA LEU B 140 14.96 -0.24 10.17
C LEU B 140 13.65 -0.95 10.52
N GLU B 141 13.75 -1.87 11.49
CA GLU B 141 12.58 -2.54 12.07
C GLU B 141 12.00 -1.65 13.15
N ILE B 142 10.69 -1.46 13.15
CA ILE B 142 10.06 -0.56 14.10
C ILE B 142 8.91 -1.22 14.85
N CYS B 143 8.91 -1.02 16.17
CA CYS B 143 7.89 -1.61 17.02
C CYS B 143 7.02 -0.54 17.65
N CYS B 144 5.72 -0.61 17.37
CA CYS B 144 4.75 0.36 17.90
C CYS B 144 4.20 -0.10 19.25
N TYR B 145 4.94 0.23 20.31
CA TYR B 145 4.77 -0.38 21.64
C TYR B 145 3.81 0.35 22.57
N GLY B 146 3.00 -0.44 23.27
CA GLY B 146 2.07 0.07 24.26
C GLY B 146 1.00 1.00 23.69
N PRO B 147 0.36 1.76 24.59
CA PRO B 147 -0.76 2.62 24.23
C PRO B 147 -0.43 3.73 23.25
N PHE B 148 -1.46 4.16 22.52
CA PHE B 148 -1.39 5.33 21.66
C PHE B 148 -2.71 6.09 21.74
N THR B 149 -2.73 7.32 21.23
CA THR B 149 -3.92 8.15 21.31
C THR B 149 -4.71 8.13 20.02
N ASN B 150 -4.86 9.30 19.37
CA ASN B 150 -5.76 9.47 18.22
C ASN B 150 -5.28 8.76 16.96
N MET B 151 -4.42 7.76 17.14
CA MET B 151 -3.88 6.99 16.04
C MET B 151 -3.73 5.54 16.47
N PRO B 152 -4.60 4.67 15.94
CA PRO B 152 -4.52 3.24 16.18
C PRO B 152 -3.17 2.64 15.74
N THR B 153 -2.56 1.85 16.61
CA THR B 153 -1.28 1.20 16.32
C THR B 153 -1.11 0.76 14.85
N ASP B 154 -2.09 0.00 14.35
CA ASP B 154 -2.00 -0.59 13.01
C ASP B 154 -1.79 0.45 11.91
N GLN B 155 -2.37 1.64 12.11
CA GLN B 155 -2.24 2.75 11.17
C GLN B 155 -0.84 3.36 11.22
N LEU B 156 -0.32 3.48 12.44
CA LEU B 156 1.04 3.94 12.64
C LEU B 156 1.99 2.88 12.09
N GLU B 157 1.66 1.62 12.35
CA GLU B 157 2.41 0.51 11.80
C GLU B 157 2.52 0.65 10.28
N TRP B 158 1.38 0.90 9.63
CA TRP B 158 1.29 1.09 8.16
C TRP B 158 2.07 2.31 7.64
N MET B 159 1.85 3.47 8.27
CA MET B 159 2.57 4.70 7.94
C MET B 159 4.09 4.51 7.97
N VAL B 160 4.55 3.70 8.93
CA VAL B 160 5.96 3.35 9.06
C VAL B 160 6.35 2.32 8.00
N GLN B 161 5.43 1.39 7.71
CA GLN B 161 5.65 0.32 6.74
C GLN B 161 5.63 0.84 5.31
N LEU B 162 5.08 2.04 5.15
CA LEU B 162 5.00 2.71 3.86
C LEU B 162 6.25 3.54 3.61
N CYS B 163 7.11 3.58 4.62
CA CYS B 163 8.39 4.26 4.51
C CYS B 163 9.54 3.24 4.57
N GLY B 164 9.24 2.00 4.18
CA GLY B 164 10.24 0.95 4.00
C GLY B 164 10.70 0.29 5.29
N ALA B 165 9.93 0.49 6.36
CA ALA B 165 10.29 -0.05 7.66
C ALA B 165 9.68 -1.40 7.87
N SER B 166 10.43 -2.28 8.53
CA SER B 166 9.98 -3.64 8.79
C SER B 166 9.27 -3.67 10.15
N VAL B 167 7.96 -3.42 10.15
CA VAL B 167 7.13 -3.40 11.38
C VAL B 167 7.21 -4.72 12.15
N VAL B 168 7.44 -4.62 13.46
CA VAL B 168 7.46 -5.81 14.34
C VAL B 168 6.41 -5.70 15.45
N LYS B 169 5.89 -6.86 15.86
CA LYS B 169 4.73 -6.93 16.76
C LYS B 169 5.07 -7.05 18.25
N GLU B 170 5.98 -7.95 18.60
CA GLU B 170 6.47 -8.08 19.98
C GLU B 170 7.91 -7.60 20.12
N LEU B 171 8.36 -7.44 21.37
CA LEU B 171 9.74 -7.06 21.64
C LEU B 171 10.74 -8.17 21.32
N SER B 172 10.27 -9.42 21.41
CA SER B 172 11.12 -10.60 21.17
C SER B 172 11.33 -10.93 19.68
N SER B 173 10.48 -10.36 18.82
CA SER B 173 10.47 -10.66 17.39
C SER B 173 11.45 -9.82 16.53
N PHE B 174 12.38 -9.11 17.17
CA PHE B 174 13.44 -8.38 16.46
C PHE B 174 14.40 -9.37 15.79
N THR B 175 15.12 -8.92 14.77
CA THR B 175 15.99 -9.82 14.00
C THR B 175 17.46 -9.77 14.43
N LEU B 176 18.07 -10.96 14.49
CA LEU B 176 19.48 -11.13 14.80
C LEU B 176 20.38 -11.03 13.57
N GLY B 177 19.77 -11.06 12.38
CA GLY B 177 20.49 -10.91 11.11
C GLY B 177 21.15 -9.56 10.97
N THR B 178 22.43 -9.50 11.37
CA THR B 178 23.18 -8.25 11.57
C THR B 178 23.33 -7.37 10.30
N GLY B 179 22.23 -6.69 9.95
CA GLY B 179 22.18 -5.75 8.84
C GLY B 179 20.96 -4.85 8.96
N VAL B 180 20.29 -4.93 10.11
CA VAL B 180 19.04 -4.22 10.33
C VAL B 180 19.04 -3.48 11.68
N HIS B 181 18.52 -2.26 11.66
CA HIS B 181 18.54 -1.40 12.85
C HIS B 181 17.20 -1.43 13.61
N PRO B 182 17.25 -1.91 14.85
CA PRO B 182 16.05 -2.11 15.65
C PRO B 182 15.63 -0.82 16.36
N ILE B 183 14.34 -0.48 16.27
CA ILE B 183 13.77 0.68 16.94
C ILE B 183 12.43 0.36 17.59
N VAL B 184 12.26 0.81 18.83
CA VAL B 184 11.01 0.70 19.56
C VAL B 184 10.40 2.08 19.68
N VAL B 185 9.22 2.26 19.11
CA VAL B 185 8.53 3.55 19.15
C VAL B 185 7.39 3.49 20.16
N VAL B 186 7.37 4.48 21.04
CA VAL B 186 6.39 4.53 22.10
C VAL B 186 5.83 5.96 22.25
N GLN B 187 4.53 6.07 22.45
CA GLN B 187 3.95 7.33 22.81
C GLN B 187 3.89 7.33 24.33
N PRO B 188 4.61 8.24 24.96
CA PRO B 188 4.85 8.18 26.40
C PRO B 188 3.70 8.68 27.28
N ASP B 189 2.95 9.67 26.79
CA ASP B 189 1.85 10.26 27.56
C ASP B 189 0.64 9.33 27.68
N ALA B 190 0.64 8.24 26.91
CA ALA B 190 -0.53 7.36 26.81
C ALA B 190 -0.54 6.21 27.82
N TRP B 191 0.53 6.12 28.62
CA TRP B 191 0.73 5.00 29.53
C TRP B 191 -0.03 5.07 30.88
N THR B 192 -0.31 6.30 31.34
CA THR B 192 -1.09 6.57 32.57
C THR B 192 -0.76 5.67 33.75
N GLY B 196 5.37 3.21 33.84
CA GLY B 196 6.79 2.84 33.82
C GLY B 196 7.29 2.47 32.43
N PHE B 197 7.34 3.46 31.54
CA PHE B 197 7.73 3.26 30.15
C PHE B 197 9.23 3.45 29.90
N HIS B 198 9.98 3.74 30.96
CA HIS B 198 11.43 3.86 30.88
C HIS B 198 12.07 2.47 30.98
N ALA B 199 11.24 1.45 31.15
CA ALA B 199 11.69 0.09 31.45
C ALA B 199 11.87 -0.78 30.21
N ILE B 200 11.39 -0.28 29.08
CA ILE B 200 11.46 -1.02 27.82
C ILE B 200 12.90 -1.50 27.54
N GLY B 201 13.87 -0.76 28.06
CA GLY B 201 15.29 -1.02 27.84
C GLY B 201 15.84 -2.38 28.25
N GLN B 202 15.37 -2.88 29.39
CA GLN B 202 15.87 -4.14 29.97
C GLN B 202 15.21 -5.38 29.35
N MET B 203 14.11 -5.17 28.62
CA MET B 203 13.37 -6.24 27.98
C MET B 203 13.91 -6.57 26.59
N CYS B 204 14.61 -5.60 26.00
CA CYS B 204 15.09 -5.69 24.63
C CYS B 204 16.18 -4.65 24.40
N GLU B 205 17.23 -5.03 23.67
CA GLU B 205 18.35 -4.13 23.41
C GLU B 205 18.10 -3.35 22.12
N ALA B 206 17.53 -2.14 22.24
CA ALA B 206 17.19 -1.29 21.08
C ALA B 206 16.66 0.07 21.51
N PRO B 207 17.01 1.12 20.78
CA PRO B 207 16.59 2.49 21.12
C PRO B 207 15.08 2.66 21.26
N VAL B 208 14.67 3.50 22.21
CA VAL B 208 13.27 3.85 22.39
C VAL B 208 13.12 5.32 22.06
N VAL B 209 12.15 5.65 21.22
CA VAL B 209 11.87 7.04 20.88
C VAL B 209 10.39 7.37 21.02
N THR B 210 10.08 8.65 21.21
CA THR B 210 8.70 9.12 21.18
C THR B 210 8.16 8.96 19.78
N ARG B 211 6.91 8.50 19.69
CA ARG B 211 6.18 8.40 18.43
C ARG B 211 6.35 9.66 17.60
N GLU B 212 6.42 10.80 18.30
CA GLU B 212 6.72 12.11 17.71
C GLU B 212 7.95 12.09 16.77
N TRP B 213 8.79 11.07 16.90
CA TRP B 213 9.89 10.85 15.96
C TRP B 213 9.40 10.44 14.57
N VAL B 214 8.58 9.41 14.51
CA VAL B 214 8.05 8.96 13.23
C VAL B 214 7.38 10.15 12.55
N LEU B 215 6.61 10.90 13.33
CA LEU B 215 5.76 11.95 12.78
C LEU B 215 6.54 13.12 12.18
N ASP B 216 7.55 13.62 12.89
CA ASP B 216 8.44 14.66 12.35
C ASP B 216 9.17 14.15 11.13
N SER B 217 9.57 12.89 11.21
CA SER B 217 10.35 12.26 10.16
C SER B 217 9.51 11.96 8.94
N VAL B 218 8.19 11.94 9.10
CA VAL B 218 7.30 11.74 7.94
C VAL B 218 6.99 13.09 7.27
N ALA B 219 6.37 14.01 8.03
CA ALA B 219 6.00 15.34 7.51
C ALA B 219 7.16 16.06 6.82
N LEU B 220 8.38 15.82 7.29
CA LEU B 220 9.56 16.13 6.51
C LEU B 220 9.96 14.79 5.96
N TYR B 221 10.15 14.68 4.64
CA TYR B 221 10.62 13.40 4.15
C TYR B 221 12.12 13.35 4.36
N GLN B 222 12.50 13.26 5.63
CA GLN B 222 13.86 12.96 6.05
C GLN B 222 13.84 12.27 7.40
N CYS B 223 14.46 11.08 7.42
CA CYS B 223 14.65 10.30 8.63
C CYS B 223 15.48 11.07 9.66
N GLN B 224 14.81 11.63 10.66
CA GLN B 224 15.44 12.41 11.72
C GLN B 224 16.30 11.54 12.65
N GLU B 225 17.32 12.11 13.29
CA GLU B 225 18.12 11.31 14.21
C GLU B 225 17.37 11.07 15.52
N LEU B 226 17.60 9.90 16.10
CA LEU B 226 16.88 9.44 17.28
C LEU B 226 17.16 10.27 18.54
N ASP B 227 18.26 11.02 18.54
CA ASP B 227 18.69 11.86 19.68
C ASP B 227 17.57 12.41 20.57
N THR B 228 16.96 13.50 20.09
CA THR B 228 15.95 14.27 20.82
C THR B 228 14.70 13.47 21.14
N TYR B 229 14.40 12.48 20.30
CA TYR B 229 13.24 11.64 20.48
C TYR B 229 13.52 10.47 21.42
N LEU B 230 14.78 10.31 21.81
CA LEU B 230 15.16 9.19 22.67
C LEU B 230 14.64 9.45 24.08
N ILE B 231 13.80 8.54 24.55
CA ILE B 231 13.26 8.67 25.88
C ILE B 231 14.18 7.92 26.84
N PRO B 232 14.51 8.57 27.95
CA PRO B 232 15.50 8.04 28.89
C PRO B 232 15.05 6.70 29.47
N GLN B 233 16.00 5.79 29.70
CA GLN B 233 15.68 4.47 30.22
C GLN B 233 16.42 4.13 31.53
N ILE B 234 15.87 3.16 32.28
CA ILE B 234 16.43 2.74 33.57
C ILE B 234 17.00 1.31 33.56
N PRO B 235 18.30 1.18 33.80
CA PRO B 235 18.91 -0.10 34.17
C PRO B 235 18.14 -0.79 35.32
N LYS C 24 -15.55 -8.26 5.45
CA LYS C 24 -14.88 -7.51 6.56
C LYS C 24 -14.75 -6.02 6.25
N ARG C 25 -15.68 -5.51 5.46
CA ARG C 25 -15.70 -4.11 5.05
C ARG C 25 -17.13 -3.65 4.97
N MET C 26 -17.40 -2.41 5.32
CA MET C 26 -18.69 -1.85 4.96
C MET C 26 -18.56 -0.60 4.13
N SER C 27 -18.55 -0.78 2.81
CA SER C 27 -18.53 0.34 1.88
C SER C 27 -19.95 0.75 1.51
N MET C 28 -20.17 2.05 1.44
CA MET C 28 -21.47 2.62 1.09
C MET C 28 -21.41 3.48 -0.15
N VAL C 29 -22.49 3.45 -0.92
CA VAL C 29 -22.66 4.41 -2.00
C VAL C 29 -24.12 4.83 -2.15
N VAL C 30 -24.31 6.14 -2.24
CA VAL C 30 -25.62 6.77 -2.29
C VAL C 30 -26.08 6.93 -3.75
N SER C 31 -27.40 6.95 -3.96
CA SER C 31 -27.96 7.21 -5.31
C SER C 31 -29.28 7.97 -5.33
N GLY C 32 -29.33 8.99 -6.18
CA GLY C 32 -30.51 9.84 -6.30
C GLY C 32 -30.77 10.69 -5.08
N LEU C 33 -29.71 11.23 -4.50
CA LEU C 33 -29.83 12.18 -3.39
C LEU C 33 -29.35 13.57 -3.75
N THR C 34 -30.18 14.57 -3.47
CA THR C 34 -29.76 15.96 -3.63
C THR C 34 -28.53 16.23 -2.75
N PRO C 35 -27.59 17.03 -3.25
CA PRO C 35 -26.39 17.38 -2.49
C PRO C 35 -26.65 17.67 -1.00
N GLU C 36 -27.82 18.22 -0.68
CA GLU C 36 -28.20 18.48 0.70
C GLU C 36 -28.53 17.21 1.49
N GLU C 37 -29.09 16.21 0.81
CA GLU C 37 -29.39 14.92 1.42
C GLU C 37 -28.13 14.07 1.59
N PHE C 38 -27.23 14.15 0.61
CA PHE C 38 -25.96 13.44 0.68
C PHE C 38 -25.13 13.86 1.89
N MET C 39 -25.22 15.15 2.22
CA MET C 39 -24.64 15.71 3.42
C MET C 39 -24.89 14.81 4.63
N LEU C 40 -26.16 14.67 4.98
CA LEU C 40 -26.56 13.95 6.18
C LEU C 40 -26.11 12.48 6.13
N VAL C 41 -25.96 11.94 4.92
CA VAL C 41 -25.42 10.58 4.79
C VAL C 41 -23.93 10.61 5.11
N TYR C 42 -23.24 11.59 4.54
CA TYR C 42 -21.83 11.78 4.84
C TYR C 42 -21.71 11.88 6.36
N LYS C 43 -22.32 12.93 6.92
CA LYS C 43 -22.28 13.21 8.35
C LYS C 43 -22.65 11.97 9.18
N PHE C 44 -23.62 11.21 8.70
CA PHE C 44 -24.08 9.96 9.33
C PHE C 44 -23.01 8.87 9.28
N ALA C 45 -22.31 8.76 8.14
CA ALA C 45 -21.26 7.77 7.97
C ALA C 45 -20.03 8.13 8.81
N ARG C 46 -19.75 9.44 8.85
CA ARG C 46 -18.62 9.99 9.56
C ARG C 46 -18.78 9.77 11.07
N LYS C 47 -20.02 9.92 11.52
CA LYS C 47 -20.43 9.65 12.89
C LYS C 47 -20.15 8.19 13.20
N HIS C 48 -20.47 7.29 12.26
CA HIS C 48 -20.43 5.85 12.52
C HIS C 48 -19.24 5.10 11.90
N HIS C 49 -18.23 5.83 11.45
CA HIS C 49 -17.03 5.23 10.87
C HIS C 49 -17.24 4.51 9.53
N ILE C 50 -18.49 4.43 9.06
CA ILE C 50 -18.82 3.67 7.84
C ILE C 50 -18.28 4.36 6.58
N THR C 51 -17.67 3.56 5.71
CA THR C 51 -17.01 4.05 4.50
C THR C 51 -17.99 4.53 3.42
N LEU C 52 -17.84 5.79 3.03
CA LEU C 52 -18.66 6.33 1.95
C LEU C 52 -17.78 6.60 0.73
N THR C 53 -18.16 5.97 -0.39
CA THR C 53 -17.53 6.22 -1.67
C THR C 53 -18.52 6.91 -2.59
N ASN C 54 -17.99 7.71 -3.52
CA ASN C 54 -18.80 8.49 -4.44
C ASN C 54 -19.19 7.74 -5.71
N LEU C 55 -18.59 6.57 -5.89
CA LEU C 55 -18.98 5.67 -6.96
C LEU C 55 -18.86 4.21 -6.53
N ILE C 56 -19.69 3.36 -7.12
CA ILE C 56 -19.87 1.97 -6.74
C ILE C 56 -18.72 1.05 -7.18
N THR C 57 -18.24 0.19 -6.28
CA THR C 57 -17.15 -0.74 -6.60
C THR C 57 -17.56 -2.19 -6.40
N GLU C 58 -16.66 -3.12 -6.67
CA GLU C 58 -16.84 -4.52 -6.27
C GLU C 58 -16.78 -4.66 -4.74
N GLU C 59 -16.07 -3.74 -4.08
CA GLU C 59 -15.92 -3.76 -2.64
C GLU C 59 -17.06 -3.09 -1.90
N THR C 60 -17.89 -2.37 -2.64
CA THR C 60 -19.08 -1.76 -2.04
C THR C 60 -20.03 -2.84 -1.52
N THR C 61 -20.61 -2.59 -0.35
CA THR C 61 -21.49 -3.55 0.30
C THR C 61 -22.92 -3.05 0.43
N HIS C 62 -23.09 -1.73 0.52
CA HIS C 62 -24.41 -1.10 0.65
C HIS C 62 -24.68 0.00 -0.37
N VAL C 63 -25.91 0.05 -0.88
CA VAL C 63 -26.33 1.12 -1.78
C VAL C 63 -27.58 1.82 -1.23
N VAL C 64 -27.40 3.01 -0.67
CA VAL C 64 -28.52 3.84 -0.21
C VAL C 64 -29.16 4.60 -1.38
N MET C 65 -30.47 4.50 -1.56
CA MET C 65 -31.14 5.33 -2.57
C MET C 65 -32.54 5.83 -2.26
N LYS C 66 -32.91 6.95 -2.87
CA LYS C 66 -34.18 7.62 -2.60
C LYS C 66 -35.38 6.72 -2.89
N THR C 67 -36.34 6.69 -1.95
CA THR C 67 -37.56 5.88 -2.03
C THR C 67 -38.79 6.66 -1.52
N ASP C 68 -39.89 5.95 -1.22
CA ASP C 68 -41.18 6.61 -0.92
C ASP C 68 -41.99 6.12 0.29
N ALA C 69 -41.50 5.08 0.96
CA ALA C 69 -42.19 4.43 2.10
C ALA C 69 -43.42 3.65 1.69
N PHE C 71 -41.20 1.71 -0.15
CA PHE C 71 -39.76 1.75 -0.42
C PHE C 71 -39.41 1.58 -1.91
N VAL C 72 -39.92 2.50 -2.72
CA VAL C 72 -39.85 2.38 -4.16
C VAL C 72 -38.94 3.46 -4.75
N CYS C 73 -37.88 3.01 -5.41
CA CYS C 73 -36.75 3.85 -5.87
C CYS C 73 -36.87 4.23 -7.33
N GLU C 74 -35.86 4.95 -7.82
CA GLU C 74 -35.83 5.41 -9.21
C GLU C 74 -35.37 4.31 -10.18
N ARG C 75 -34.26 4.53 -10.88
CA ARG C 75 -33.66 3.49 -11.73
C ARG C 75 -32.36 4.02 -12.34
N THR C 76 -31.28 3.90 -11.57
CA THR C 76 -30.01 4.52 -11.92
C THR C 76 -28.94 3.47 -12.16
N LEU C 77 -27.86 3.88 -12.81
CA LEU C 77 -26.73 2.99 -13.04
C LEU C 77 -26.30 2.30 -11.74
N LYS C 78 -26.27 3.07 -10.64
CA LYS C 78 -25.97 2.54 -9.31
C LYS C 78 -26.93 1.43 -8.90
N TYR C 79 -28.23 1.70 -9.07
CA TYR C 79 -29.30 0.79 -8.71
C TYR C 79 -29.09 -0.57 -9.35
N PHE C 80 -28.79 -0.54 -10.65
CA PHE C 80 -28.64 -1.73 -11.47
C PHE C 80 -27.46 -2.60 -11.05
N LEU C 81 -26.29 -1.98 -10.90
CA LEU C 81 -25.07 -2.68 -10.48
C LEU C 81 -25.25 -3.21 -9.07
N GLY C 82 -25.86 -2.39 -8.22
CA GLY C 82 -26.18 -2.75 -6.85
C GLY C 82 -26.85 -4.10 -6.81
N ILE C 83 -28.06 -4.18 -7.38
CA ILE C 83 -28.79 -5.44 -7.47
C ILE C 83 -27.89 -6.54 -8.03
N ALA C 84 -27.31 -6.28 -9.21
CA ALA C 84 -26.46 -7.23 -9.93
C ALA C 84 -25.34 -7.84 -9.08
N GLY C 85 -24.64 -6.99 -8.34
CA GLY C 85 -23.56 -7.43 -7.47
C GLY C 85 -24.03 -8.10 -6.19
N GLY C 86 -25.34 -8.17 -6.01
CA GLY C 86 -25.94 -8.77 -4.82
C GLY C 86 -25.68 -7.95 -3.58
N LYS C 87 -25.54 -6.65 -3.77
CA LYS C 87 -25.27 -5.72 -2.69
C LYS C 87 -26.55 -5.51 -1.89
N TRP C 88 -26.44 -4.77 -0.78
CA TRP C 88 -27.61 -4.35 -0.03
C TRP C 88 -28.13 -3.06 -0.63
N VAL C 89 -29.25 -3.16 -1.33
CA VAL C 89 -29.88 -1.98 -1.88
C VAL C 89 -30.90 -1.54 -0.86
N VAL C 90 -30.55 -0.50 -0.11
CA VAL C 90 -31.29 -0.09 1.09
C VAL C 90 -31.79 1.36 0.98
N SER C 91 -33.06 1.58 1.30
CA SER C 91 -33.70 2.88 1.09
C SER C 91 -33.10 4.02 1.94
N TYR C 92 -33.26 5.25 1.48
CA TYR C 92 -32.64 6.40 2.17
C TYR C 92 -33.19 6.62 3.58
N PHE C 93 -34.48 6.29 3.76
CA PHE C 93 -35.17 6.40 5.05
C PHE C 93 -34.48 5.66 6.20
N TRP C 94 -33.53 4.78 5.86
CA TRP C 94 -32.70 4.10 6.87
C TRP C 94 -31.76 5.07 7.57
N VAL C 95 -31.22 6.04 6.82
CA VAL C 95 -30.35 7.07 7.38
C VAL C 95 -31.20 8.05 8.18
N THR C 96 -32.35 8.42 7.61
CA THR C 96 -33.26 9.38 8.21
C THR C 96 -33.82 8.86 9.54
N GLN C 97 -34.55 7.75 9.48
CA GLN C 97 -35.15 7.15 10.67
C GLN C 97 -34.09 6.82 11.73
N SER C 98 -32.84 6.60 11.30
CA SER C 98 -31.73 6.41 12.23
C SER C 98 -31.25 7.71 12.87
N ILE C 99 -31.31 8.80 12.11
CA ILE C 99 -31.05 10.14 12.66
C ILE C 99 -32.27 10.62 13.46
N LYS C 100 -33.46 10.24 13.01
CA LYS C 100 -34.70 10.55 13.72
C LYS C 100 -34.84 9.77 15.03
N GLU C 101 -34.29 8.55 15.06
CA GLU C 101 -34.18 7.81 16.32
C GLU C 101 -32.90 8.28 17.01
N ARG C 102 -32.03 7.35 17.41
CA ARG C 102 -30.68 7.68 17.83
C ARG C 102 -29.71 6.54 17.53
N LYS C 103 -30.25 5.33 17.43
CA LYS C 103 -29.44 4.18 17.05
C LYS C 103 -29.40 4.07 15.54
N MET C 104 -28.38 3.38 15.03
CA MET C 104 -28.42 2.95 13.65
C MET C 104 -29.31 1.70 13.59
N LEU C 105 -30.52 1.86 13.09
CA LEU C 105 -31.43 0.73 12.96
C LEU C 105 -30.84 -0.28 11.97
N ASN C 106 -31.39 -1.50 11.94
CA ASN C 106 -30.90 -2.53 11.02
C ASN C 106 -31.50 -2.42 9.63
N GLU C 107 -30.67 -2.63 8.61
CA GLU C 107 -31.01 -2.39 7.21
C GLU C 107 -31.97 -3.43 6.65
N HIS C 108 -31.88 -4.65 7.19
CA HIS C 108 -32.70 -5.77 6.72
C HIS C 108 -34.20 -5.45 6.74
N ASP C 109 -34.56 -4.30 7.30
CA ASP C 109 -35.95 -3.85 7.38
C ASP C 109 -36.19 -2.58 6.56
N PHE C 110 -35.18 -2.16 5.81
CA PHE C 110 -35.26 -0.91 5.07
C PHE C 110 -34.88 -1.08 3.60
N GLU C 111 -34.80 -2.33 3.12
CA GLU C 111 -34.33 -2.56 1.75
C GLU C 111 -35.40 -2.32 0.70
N VAL C 112 -34.99 -1.64 -0.37
CA VAL C 112 -35.88 -1.31 -1.48
C VAL C 112 -36.49 -2.56 -2.09
N ARG C 113 -37.64 -2.41 -2.73
CA ARG C 113 -38.31 -3.56 -3.27
C ARG C 113 -38.93 -3.27 -4.62
N GLY C 114 -38.73 -2.06 -5.14
CA GLY C 114 -39.36 -1.68 -6.40
C GLY C 114 -38.99 -0.33 -6.98
N ASP C 115 -39.57 -0.01 -8.15
CA ASP C 115 -39.16 1.18 -8.91
C ASP C 115 -40.18 1.65 -9.96
N VAL C 116 -39.98 1.19 -11.20
CA VAL C 116 -40.89 1.40 -12.33
C VAL C 116 -40.47 0.40 -13.44
N VAL C 117 -39.88 -0.72 -13.02
CA VAL C 117 -39.83 -1.98 -13.80
C VAL C 117 -40.78 -2.97 -13.09
N ASN C 118 -40.28 -3.58 -12.03
CA ASN C 118 -41.13 -4.18 -11.00
C ASN C 118 -41.75 -3.03 -10.17
N GLY C 119 -42.97 -2.66 -10.52
CA GLY C 119 -43.70 -1.60 -9.81
C GLY C 119 -43.23 -1.42 -8.38
N ARG C 120 -43.92 -2.04 -7.44
CA ARG C 120 -43.52 -1.97 -6.06
C ARG C 120 -43.11 -3.38 -5.62
N ASN C 121 -43.79 -3.91 -4.61
CA ASN C 121 -43.89 -5.35 -4.29
C ASN C 121 -42.80 -6.34 -4.74
N HIS C 122 -42.64 -6.54 -6.05
CA HIS C 122 -41.78 -7.63 -6.60
C HIS C 122 -40.29 -7.47 -6.31
N GLN C 123 -39.92 -7.57 -5.03
CA GLN C 123 -38.55 -7.39 -4.59
C GLN C 123 -37.58 -8.09 -5.52
N GLY C 124 -36.71 -7.28 -6.13
CA GLY C 124 -35.61 -7.75 -6.96
C GLY C 124 -34.34 -7.81 -6.13
N PRO C 125 -33.92 -6.67 -5.57
CA PRO C 125 -32.75 -6.61 -4.71
C PRO C 125 -32.67 -7.79 -3.74
N LYS C 126 -33.79 -8.09 -3.09
CA LYS C 126 -33.87 -9.15 -2.12
C LYS C 126 -33.74 -10.54 -2.78
N ARG C 127 -34.26 -10.66 -4.00
CA ARG C 127 -34.12 -11.85 -4.85
C ARG C 127 -32.64 -12.07 -5.25
N ALA C 128 -31.98 -10.99 -5.66
CA ALA C 128 -30.61 -11.04 -6.20
C ALA C 128 -29.60 -11.40 -5.12
N ARG C 129 -29.79 -10.81 -3.95
CA ARG C 129 -29.01 -11.14 -2.77
C ARG C 129 -29.11 -12.62 -2.48
N GLU C 130 -30.34 -13.13 -2.54
CA GLU C 130 -30.67 -14.51 -2.18
C GLU C 130 -30.08 -15.47 -3.20
N SER C 131 -30.24 -15.12 -4.47
CA SER C 131 -29.96 -16.03 -5.57
C SER C 131 -28.72 -15.67 -6.38
N GLN C 132 -27.58 -15.42 -5.71
CA GLN C 132 -26.31 -15.41 -6.45
C GLN C 132 -25.80 -16.87 -6.57
N ASP C 133 -26.37 -17.71 -5.70
CA ASP C 133 -26.53 -19.16 -5.88
C ASP C 133 -26.31 -19.61 -7.33
N ARG C 134 -27.26 -19.24 -8.20
CA ARG C 134 -27.13 -19.40 -9.64
C ARG C 134 -27.57 -18.12 -10.31
N LYS C 135 -26.64 -17.51 -11.04
CA LYS C 135 -26.84 -16.18 -11.65
C LYS C 135 -27.80 -16.26 -12.83
N ILE C 136 -28.53 -15.17 -13.07
CA ILE C 136 -29.60 -15.15 -14.09
C ILE C 136 -29.13 -15.28 -15.53
N PHE C 137 -28.00 -14.70 -15.86
CA PHE C 137 -27.49 -14.72 -17.23
C PHE C 137 -26.45 -15.81 -17.48
N ARG C 138 -26.31 -16.74 -16.55
CA ARG C 138 -25.36 -17.86 -16.69
C ARG C 138 -25.59 -18.60 -18.01
N GLY C 139 -24.51 -19.01 -18.67
CA GLY C 139 -24.62 -19.78 -19.91
C GLY C 139 -24.91 -18.96 -21.16
N LEU C 140 -25.12 -17.67 -20.97
CA LEU C 140 -25.34 -16.75 -22.08
C LEU C 140 -24.06 -16.02 -22.44
N GLU C 141 -24.00 -15.54 -23.66
CA GLU C 141 -22.82 -14.84 -24.15
C GLU C 141 -23.26 -13.53 -24.79
N ILE C 142 -22.99 -12.42 -24.11
CA ILE C 142 -23.57 -11.15 -24.47
C ILE C 142 -22.55 -10.22 -25.10
N CYS C 143 -22.92 -9.62 -26.22
CA CYS C 143 -22.10 -8.63 -26.89
C CYS C 143 -22.81 -7.29 -26.97
N CYS C 144 -22.21 -6.27 -26.37
CA CYS C 144 -22.86 -4.97 -26.24
C CYS C 144 -22.61 -4.07 -27.44
N TYR C 145 -23.40 -4.26 -28.49
CA TYR C 145 -23.14 -3.60 -29.76
C TYR C 145 -23.65 -2.17 -29.83
N GLY C 146 -22.81 -1.28 -30.38
CA GLY C 146 -23.23 0.07 -30.70
C GLY C 146 -23.34 1.00 -29.50
N PRO C 147 -23.76 2.23 -29.75
CA PRO C 147 -23.74 3.29 -28.74
C PRO C 147 -24.75 3.07 -27.63
N PHE C 148 -24.48 3.68 -26.49
CA PHE C 148 -25.43 3.78 -25.39
C PHE C 148 -25.36 5.20 -24.87
N THR C 149 -26.48 5.75 -24.43
CA THR C 149 -26.44 7.11 -23.92
C THR C 149 -25.87 7.15 -22.50
N ASN C 150 -26.74 7.03 -21.49
CA ASN C 150 -26.33 7.38 -20.12
C ASN C 150 -25.70 6.25 -19.29
N MET C 151 -25.29 5.20 -19.98
CA MET C 151 -24.63 4.07 -19.36
C MET C 151 -23.46 3.66 -20.25
N PRO C 152 -22.23 4.02 -19.86
CA PRO C 152 -21.04 3.67 -20.65
C PRO C 152 -20.95 2.16 -20.93
N THR C 153 -20.53 1.80 -22.14
CA THR C 153 -20.52 0.40 -22.59
C THR C 153 -19.95 -0.54 -21.53
N ASP C 154 -18.78 -0.21 -20.98
CA ASP C 154 -18.10 -1.06 -19.99
C ASP C 154 -18.92 -1.32 -18.71
N GLN C 155 -19.57 -0.27 -18.18
CA GLN C 155 -20.48 -0.44 -17.05
C GLN C 155 -21.52 -1.51 -17.36
N LEU C 156 -22.30 -1.30 -18.42
CA LEU C 156 -23.32 -2.26 -18.81
C LEU C 156 -22.73 -3.65 -18.98
N GLU C 157 -21.57 -3.72 -19.63
CA GLU C 157 -20.85 -4.98 -19.76
C GLU C 157 -20.53 -5.59 -18.39
N TRP C 158 -20.08 -4.73 -17.47
CA TRP C 158 -19.79 -5.17 -16.11
C TRP C 158 -21.03 -5.73 -15.45
N MET C 159 -22.15 -5.03 -15.66
CA MET C 159 -23.44 -5.43 -15.08
C MET C 159 -23.86 -6.81 -15.56
N VAL C 160 -23.59 -7.06 -16.83
CA VAL C 160 -23.91 -8.33 -17.47
C VAL C 160 -23.07 -9.47 -16.88
N GLN C 161 -21.76 -9.24 -16.73
CA GLN C 161 -20.87 -10.24 -16.17
C GLN C 161 -21.25 -10.58 -14.73
N LEU C 162 -21.74 -9.58 -14.01
CA LEU C 162 -22.14 -9.73 -12.63
C LEU C 162 -23.31 -10.69 -12.51
N CYS C 163 -24.06 -10.83 -13.60
CA CYS C 163 -25.15 -11.78 -13.61
C CYS C 163 -24.77 -13.05 -14.35
N GLY C 164 -23.46 -13.30 -14.42
CA GLY C 164 -22.93 -14.60 -14.85
C GLY C 164 -22.68 -14.75 -16.33
N ALA C 165 -23.15 -13.79 -17.12
CA ALA C 165 -22.99 -13.88 -18.56
C ALA C 165 -21.59 -13.55 -19.00
N SER C 166 -21.15 -14.23 -20.05
CA SER C 166 -19.88 -13.97 -20.69
C SER C 166 -19.99 -12.79 -21.65
N VAL C 167 -18.98 -11.91 -21.66
CA VAL C 167 -19.00 -10.75 -22.55
C VAL C 167 -18.11 -10.96 -23.78
N VAL C 168 -18.63 -10.55 -24.95
CA VAL C 168 -17.87 -10.56 -26.19
C VAL C 168 -17.82 -9.15 -26.81
N LYS C 169 -16.68 -8.80 -27.38
CA LYS C 169 -16.39 -7.41 -27.79
C LYS C 169 -16.88 -7.00 -29.19
N GLU C 170 -16.92 -7.96 -30.12
CA GLU C 170 -17.54 -7.71 -31.44
C GLU C 170 -18.26 -8.95 -31.98
N LEU C 171 -19.19 -8.71 -32.90
CA LEU C 171 -20.08 -9.75 -33.41
C LEU C 171 -19.36 -11.00 -33.91
N SER C 172 -18.26 -10.81 -34.63
CA SER C 172 -17.55 -11.93 -35.27
C SER C 172 -16.89 -12.91 -34.31
N SER C 173 -16.53 -12.45 -33.11
CA SER C 173 -15.84 -13.28 -32.13
C SER C 173 -16.77 -13.94 -31.09
N PHE C 174 -17.91 -14.45 -31.55
CA PHE C 174 -18.78 -15.32 -30.72
C PHE C 174 -18.17 -16.73 -30.60
N THR C 175 -18.95 -17.69 -30.07
CA THR C 175 -18.50 -19.09 -29.94
C THR C 175 -19.12 -20.03 -30.99
N LEU C 176 -18.25 -20.76 -31.70
CA LEU C 176 -18.67 -21.81 -32.62
C LEU C 176 -19.31 -22.97 -31.85
N GLY C 177 -18.66 -23.36 -30.74
CA GLY C 177 -19.15 -24.39 -29.81
C GLY C 177 -20.59 -24.15 -29.35
N THR C 178 -21.44 -25.14 -29.58
CA THR C 178 -22.87 -25.07 -29.31
C THR C 178 -23.23 -25.04 -27.81
N GLY C 179 -22.22 -25.13 -26.95
CA GLY C 179 -22.41 -25.07 -25.49
C GLY C 179 -23.05 -23.78 -25.00
N VAL C 180 -22.72 -22.66 -25.65
CA VAL C 180 -23.15 -21.34 -25.22
C VAL C 180 -24.27 -20.76 -26.07
N HIS C 181 -25.04 -19.84 -25.48
CA HIS C 181 -26.11 -19.17 -26.20
C HIS C 181 -25.86 -17.65 -26.36
N PRO C 182 -25.73 -17.19 -27.62
CA PRO C 182 -25.33 -15.82 -27.92
C PRO C 182 -26.48 -14.81 -28.03
N ILE C 183 -26.23 -13.60 -27.52
CA ILE C 183 -27.20 -12.50 -27.49
C ILE C 183 -26.49 -11.16 -27.78
N VAL C 184 -27.09 -10.35 -28.65
CA VAL C 184 -26.54 -9.02 -28.94
C VAL C 184 -27.45 -7.96 -28.33
N VAL C 185 -26.86 -6.98 -27.65
CA VAL C 185 -27.64 -5.96 -26.94
C VAL C 185 -27.45 -4.55 -27.52
N VAL C 186 -28.57 -3.84 -27.69
CA VAL C 186 -28.60 -2.58 -28.42
C VAL C 186 -29.50 -1.50 -27.78
N GLN C 187 -29.04 -0.26 -27.80
CA GLN C 187 -29.90 0.87 -27.46
C GLN C 187 -30.18 1.70 -28.72
N PRO C 188 -31.15 1.25 -29.50
CA PRO C 188 -31.42 1.80 -30.84
C PRO C 188 -31.69 3.32 -30.89
N ASP C 189 -32.09 3.91 -29.77
CA ASP C 189 -32.40 5.34 -29.72
C ASP C 189 -31.16 6.22 -29.62
N ALA C 190 -29.98 5.62 -29.83
CA ALA C 190 -28.72 6.34 -29.80
C ALA C 190 -28.00 6.23 -31.13
N TRP C 191 -28.70 6.49 -32.24
CA TRP C 191 -28.18 6.18 -33.57
C TRP C 191 -28.39 7.33 -34.58
N THR C 192 -28.30 6.99 -35.87
CA THR C 192 -28.65 7.88 -37.01
C THR C 192 -28.76 7.08 -38.33
N GLY C 196 -30.28 2.44 -38.64
CA GLY C 196 -29.82 1.20 -39.27
C GLY C 196 -29.21 0.13 -38.37
N PHE C 197 -29.84 -0.07 -37.21
CA PHE C 197 -29.48 -1.14 -36.26
C PHE C 197 -30.31 -2.38 -36.59
N HIS C 198 -30.99 -2.32 -37.74
CA HIS C 198 -31.84 -3.41 -38.22
C HIS C 198 -31.02 -4.45 -38.98
N ALA C 199 -29.70 -4.31 -38.89
CA ALA C 199 -28.77 -5.08 -39.72
C ALA C 199 -28.08 -6.21 -38.97
N ILE C 200 -27.89 -6.04 -37.66
CA ILE C 200 -27.07 -6.95 -36.84
C ILE C 200 -27.20 -8.42 -37.23
N GLY C 201 -28.43 -8.84 -37.56
CA GLY C 201 -28.71 -10.23 -37.93
C GLY C 201 -27.91 -10.80 -39.08
N GLN C 202 -27.61 -9.97 -40.09
CA GLN C 202 -26.82 -10.37 -41.25
C GLN C 202 -25.38 -10.66 -40.88
N MET C 203 -24.90 -9.98 -39.84
CA MET C 203 -23.51 -10.07 -39.43
C MET C 203 -23.19 -11.20 -38.45
N CYS C 204 -24.22 -11.70 -37.77
CA CYS C 204 -24.06 -12.88 -36.91
C CYS C 204 -25.42 -13.44 -36.51
N GLU C 205 -25.49 -14.76 -36.42
CA GLU C 205 -26.71 -15.44 -35.99
C GLU C 205 -26.81 -15.48 -34.47
N ALA C 206 -27.48 -14.47 -33.91
CA ALA C 206 -27.75 -14.35 -32.49
C ALA C 206 -28.92 -13.39 -32.30
N PRO C 207 -29.87 -13.72 -31.45
CA PRO C 207 -30.99 -12.82 -31.15
C PRO C 207 -30.52 -11.42 -30.74
N VAL C 208 -31.11 -10.40 -31.34
CA VAL C 208 -30.73 -9.02 -31.06
C VAL C 208 -31.84 -8.31 -30.26
N VAL C 209 -31.59 -8.08 -28.96
CA VAL C 209 -32.60 -7.49 -28.09
C VAL C 209 -32.23 -6.07 -27.62
N THR C 210 -33.24 -5.27 -27.30
CA THR C 210 -33.06 -3.91 -26.77
C THR C 210 -32.20 -3.89 -25.50
N ARG C 211 -31.72 -2.72 -25.12
CA ARG C 211 -30.98 -2.59 -23.86
C ARG C 211 -31.89 -2.95 -22.70
N GLU C 212 -33.19 -2.70 -22.88
CA GLU C 212 -34.17 -2.90 -21.82
C GLU C 212 -34.33 -4.34 -21.35
N TRP C 213 -33.84 -5.30 -22.14
CA TRP C 213 -33.87 -6.70 -21.71
C TRP C 213 -32.93 -6.96 -20.55
N VAL C 214 -31.77 -6.30 -20.58
CA VAL C 214 -30.75 -6.43 -19.53
C VAL C 214 -31.20 -5.71 -18.26
N LEU C 215 -31.72 -4.51 -18.42
CA LEU C 215 -32.16 -3.67 -17.31
C LEU C 215 -33.32 -4.28 -16.52
N ASP C 216 -34.34 -4.76 -17.25
CA ASP C 216 -35.51 -5.40 -16.64
C ASP C 216 -35.12 -6.69 -15.93
N SER C 217 -34.18 -7.44 -16.51
CA SER C 217 -33.74 -8.71 -15.94
C SER C 217 -32.91 -8.56 -14.66
N VAL C 218 -32.05 -7.54 -14.62
CA VAL C 218 -31.28 -7.23 -13.42
C VAL C 218 -32.21 -6.78 -12.30
N ALA C 219 -33.06 -5.80 -12.60
CA ALA C 219 -33.93 -5.22 -11.60
C ALA C 219 -35.06 -6.15 -11.11
N LEU C 220 -35.28 -7.26 -11.81
CA LEU C 220 -36.20 -8.30 -11.31
C LEU C 220 -35.45 -9.55 -10.85
N TYR C 221 -34.16 -9.60 -11.20
CA TYR C 221 -33.35 -10.80 -11.03
C TYR C 221 -34.06 -12.12 -11.42
N GLN C 222 -34.75 -12.05 -12.56
CA GLN C 222 -35.22 -13.21 -13.27
C GLN C 222 -34.70 -12.98 -14.69
N CYS C 223 -34.44 -14.04 -15.43
CA CYS C 223 -34.08 -13.84 -16.83
C CYS C 223 -35.34 -13.69 -17.64
N GLN C 224 -35.45 -12.53 -18.27
CA GLN C 224 -36.63 -12.20 -19.05
C GLN C 224 -36.63 -12.99 -20.36
N GLU C 225 -37.82 -13.22 -20.89
CA GLU C 225 -37.96 -13.77 -22.24
C GLU C 225 -37.49 -12.71 -23.24
N LEU C 226 -36.84 -13.16 -24.30
CA LEU C 226 -36.34 -12.24 -25.30
C LEU C 226 -37.50 -11.56 -26.05
N ASP C 227 -38.60 -12.30 -26.22
CA ASP C 227 -39.78 -11.85 -26.97
C ASP C 227 -39.98 -10.35 -27.18
N THR C 228 -40.57 -9.67 -26.19
CA THR C 228 -40.90 -8.25 -26.31
C THR C 228 -39.72 -7.31 -26.56
N TYR C 229 -38.51 -7.82 -26.43
CA TYR C 229 -37.28 -7.02 -26.56
C TYR C 229 -36.60 -7.15 -27.91
N LEU C 230 -36.85 -8.27 -28.60
CA LEU C 230 -36.23 -8.54 -29.90
C LEU C 230 -36.44 -7.37 -30.85
N ILE C 231 -35.37 -6.92 -31.46
CA ILE C 231 -35.43 -5.84 -32.43
C ILE C 231 -35.66 -6.47 -33.81
N PRO C 232 -36.63 -5.96 -34.57
CA PRO C 232 -36.93 -6.50 -35.90
C PRO C 232 -35.71 -6.37 -36.81
N GLN C 233 -35.31 -7.47 -37.44
CA GLN C 233 -34.15 -7.46 -38.33
C GLN C 233 -34.55 -7.62 -39.78
N ILE C 234 -33.85 -6.93 -40.67
CA ILE C 234 -34.08 -7.09 -42.09
C ILE C 234 -33.23 -8.26 -42.62
N PRO C 235 -33.87 -9.17 -43.36
CA PRO C 235 -33.17 -10.22 -44.11
C PRO C 235 -31.78 -9.83 -44.64
N LYS D 24 -38.15 -11.14 -34.56
CA LYS D 24 -36.93 -11.28 -35.40
C LYS D 24 -36.99 -10.58 -36.75
N ARG D 25 -38.19 -10.47 -37.33
CA ARG D 25 -38.34 -9.95 -38.70
C ARG D 25 -39.27 -8.74 -38.87
N MET D 26 -38.71 -7.65 -39.40
CA MET D 26 -39.42 -6.41 -39.65
C MET D 26 -40.42 -6.57 -40.80
N SER D 27 -41.66 -6.15 -40.56
CA SER D 27 -42.74 -6.30 -41.52
C SER D 27 -43.62 -5.08 -41.37
N MET D 28 -43.65 -4.24 -42.40
CA MET D 28 -44.40 -2.99 -42.32
C MET D 28 -45.87 -3.10 -42.74
N VAL D 29 -46.58 -1.98 -42.58
CA VAL D 29 -47.95 -1.77 -43.06
C VAL D 29 -48.17 -0.27 -42.97
N VAL D 30 -48.83 0.28 -43.98
CA VAL D 30 -48.96 1.73 -44.08
C VAL D 30 -50.38 2.15 -43.74
N SER D 31 -50.58 3.44 -43.42
CA SER D 31 -51.90 3.90 -42.99
C SER D 31 -52.20 5.35 -43.36
N GLY D 32 -53.35 5.54 -44.00
CA GLY D 32 -53.83 6.86 -44.40
C GLY D 32 -53.01 7.63 -45.42
N LEU D 33 -52.66 6.98 -46.53
CA LEU D 33 -52.01 7.68 -47.63
C LEU D 33 -52.48 7.20 -48.98
N THR D 34 -52.39 8.10 -49.95
CA THR D 34 -52.73 7.83 -51.35
C THR D 34 -51.96 6.64 -51.92
N PRO D 35 -52.58 5.89 -52.83
CA PRO D 35 -51.87 4.87 -53.60
C PRO D 35 -50.55 5.43 -54.13
N GLU D 36 -50.60 6.68 -54.60
CA GLU D 36 -49.43 7.42 -55.07
C GLU D 36 -48.35 7.49 -53.99
N GLU D 37 -48.75 7.82 -52.76
CA GLU D 37 -47.80 7.83 -51.65
C GLU D 37 -47.36 6.40 -51.35
N PHE D 38 -48.32 5.48 -51.32
CA PHE D 38 -48.03 4.07 -51.05
C PHE D 38 -46.88 3.57 -51.92
N MET D 39 -46.91 3.96 -53.19
CA MET D 39 -45.92 3.56 -54.19
C MET D 39 -44.48 3.82 -53.76
N LEU D 40 -44.22 4.99 -53.19
CA LEU D 40 -42.90 5.34 -52.68
C LEU D 40 -42.45 4.32 -51.65
N VAL D 41 -43.39 3.96 -50.76
CA VAL D 41 -43.11 2.98 -49.72
C VAL D 41 -42.83 1.60 -50.33
N TYR D 42 -43.57 1.22 -51.36
CA TYR D 42 -43.30 -0.03 -52.03
C TYR D 42 -41.87 -0.05 -52.61
N LYS D 43 -41.49 1.05 -53.26
CA LYS D 43 -40.14 1.23 -53.81
C LYS D 43 -39.08 1.29 -52.71
N PHE D 44 -39.48 1.90 -51.58
CA PHE D 44 -38.67 1.97 -50.37
C PHE D 44 -38.47 0.58 -49.78
N ALA D 45 -39.57 -0.18 -49.66
CA ALA D 45 -39.52 -1.54 -49.12
C ALA D 45 -38.75 -2.52 -50.02
N ARG D 46 -38.90 -2.35 -51.34
CA ARG D 46 -38.13 -3.14 -52.31
C ARG D 46 -36.63 -2.87 -52.23
N LYS D 47 -36.27 -1.61 -51.95
CA LYS D 47 -34.87 -1.19 -51.90
C LYS D 47 -34.18 -1.82 -50.69
N HIS D 48 -34.72 -1.56 -49.50
CA HIS D 48 -34.13 -2.00 -48.23
C HIS D 48 -34.67 -3.35 -47.73
N HIS D 49 -35.33 -4.10 -48.62
CA HIS D 49 -35.72 -5.50 -48.40
C HIS D 49 -36.83 -5.73 -47.35
N ILE D 50 -37.35 -4.65 -46.78
CA ILE D 50 -38.35 -4.77 -45.72
C ILE D 50 -39.66 -5.32 -46.26
N THR D 51 -40.30 -6.18 -45.47
CA THR D 51 -41.62 -6.69 -45.82
C THR D 51 -42.64 -5.57 -45.77
N LEU D 52 -43.67 -5.67 -46.61
CA LEU D 52 -44.73 -4.68 -46.64
C LEU D 52 -46.05 -5.35 -46.99
N THR D 53 -46.97 -5.40 -46.02
CA THR D 53 -48.31 -5.92 -46.26
C THR D 53 -49.26 -4.77 -46.38
N ASN D 54 -50.36 -5.00 -47.10
CA ASN D 54 -51.39 -3.99 -47.25
C ASN D 54 -52.32 -3.99 -46.06
N LEU D 55 -52.34 -5.11 -45.33
CA LEU D 55 -53.14 -5.27 -44.12
C LEU D 55 -52.28 -5.67 -42.92
N ILE D 56 -52.73 -5.28 -41.73
CA ILE D 56 -51.97 -5.51 -40.51
C ILE D 56 -52.25 -6.87 -39.86
N THR D 57 -51.41 -7.86 -40.17
CA THR D 57 -51.43 -9.16 -39.49
C THR D 57 -50.75 -8.98 -38.13
N GLU D 58 -50.63 -10.06 -37.34
CA GLU D 58 -49.98 -9.93 -36.02
C GLU D 58 -48.45 -9.89 -36.11
N GLU D 59 -47.89 -10.23 -37.27
CA GLU D 59 -46.45 -10.14 -37.53
C GLU D 59 -45.96 -8.70 -37.77
N THR D 60 -46.90 -7.78 -37.91
CA THR D 60 -46.57 -6.39 -38.18
C THR D 60 -45.84 -5.74 -37.03
N THR D 61 -44.65 -5.19 -37.32
CA THR D 61 -43.87 -4.45 -36.31
C THR D 61 -43.91 -2.95 -36.56
N HIS D 62 -44.42 -2.54 -37.72
CA HIS D 62 -44.43 -1.12 -38.09
C HIS D 62 -45.73 -0.68 -38.76
N VAL D 63 -46.36 0.34 -38.19
CA VAL D 63 -47.45 1.05 -38.82
C VAL D 63 -46.95 2.45 -39.17
N VAL D 64 -46.90 2.74 -40.46
CA VAL D 64 -46.37 4.01 -40.98
C VAL D 64 -47.56 4.85 -41.41
N MET D 65 -47.80 5.97 -40.73
CA MET D 65 -48.93 6.84 -41.12
C MET D 65 -48.64 8.31 -41.39
N LYS D 66 -49.43 8.88 -42.30
CA LYS D 66 -49.29 10.28 -42.71
C LYS D 66 -49.48 11.22 -41.52
N THR D 67 -48.62 12.24 -41.43
CA THR D 67 -48.60 13.16 -40.29
C THR D 67 -48.37 14.60 -40.76
N ASP D 68 -48.08 15.50 -39.82
CA ASP D 68 -47.98 16.92 -40.14
C ASP D 68 -46.76 17.66 -39.57
N ALA D 69 -45.85 16.91 -38.96
CA ALA D 69 -44.65 17.46 -38.31
C ALA D 69 -44.99 18.29 -37.08
N PHE D 71 -46.05 15.38 -35.24
CA PHE D 71 -46.42 14.20 -36.01
C PHE D 71 -47.85 13.74 -35.70
N VAL D 72 -48.81 14.66 -35.82
CA VAL D 72 -50.22 14.37 -35.56
C VAL D 72 -50.80 13.66 -36.78
N CYS D 73 -51.55 12.59 -36.55
CA CYS D 73 -52.18 11.82 -37.64
C CYS D 73 -53.68 11.68 -37.46
N GLU D 74 -54.37 11.13 -38.47
CA GLU D 74 -55.80 10.80 -38.37
C GLU D 74 -55.94 9.47 -37.62
N ARG D 75 -57.14 9.17 -37.11
CA ARG D 75 -57.36 7.87 -36.44
C ARG D 75 -57.88 6.77 -37.37
N THR D 76 -57.13 5.68 -37.50
CA THR D 76 -57.53 4.58 -38.40
C THR D 76 -57.50 3.26 -37.66
N LEU D 77 -58.08 2.22 -38.27
CA LEU D 77 -58.03 0.87 -37.69
C LEU D 77 -56.60 0.43 -37.47
N LYS D 78 -55.75 0.58 -38.50
CA LYS D 78 -54.33 0.25 -38.34
C LYS D 78 -53.68 1.02 -37.19
N TYR D 79 -53.97 2.33 -37.09
CA TYR D 79 -53.48 3.17 -36.00
C TYR D 79 -53.84 2.67 -34.58
N PHE D 80 -55.08 2.24 -34.38
CA PHE D 80 -55.48 1.59 -33.13
C PHE D 80 -54.79 0.24 -32.95
N LEU D 81 -54.67 -0.51 -34.04
CA LEU D 81 -54.06 -1.83 -33.97
C LEU D 81 -52.54 -1.77 -33.84
N GLY D 82 -51.96 -0.65 -34.26
CA GLY D 82 -50.54 -0.38 -34.04
C GLY D 82 -50.27 -0.19 -32.56
N ILE D 83 -51.04 0.73 -31.95
CA ILE D 83 -50.92 1.03 -30.53
C ILE D 83 -51.31 -0.17 -29.67
N ALA D 84 -52.39 -0.85 -30.04
CA ALA D 84 -52.87 -2.00 -29.27
C ALA D 84 -51.85 -3.11 -29.24
N GLY D 85 -51.20 -3.35 -30.38
CA GLY D 85 -50.12 -4.33 -30.47
C GLY D 85 -48.89 -3.86 -29.73
N GLY D 86 -48.67 -2.55 -29.74
CA GLY D 86 -47.48 -1.94 -29.15
C GLY D 86 -46.41 -1.90 -30.22
N LYS D 87 -46.86 -1.66 -31.44
CA LYS D 87 -46.00 -1.70 -32.59
C LYS D 87 -45.31 -0.35 -32.73
N TRP D 88 -44.49 -0.18 -33.75
CA TRP D 88 -43.90 1.11 -34.03
C TRP D 88 -44.82 1.89 -34.96
N VAL D 89 -45.55 2.83 -34.38
CA VAL D 89 -46.39 3.69 -35.19
C VAL D 89 -45.56 4.93 -35.49
N VAL D 90 -45.10 4.99 -36.73
CA VAL D 90 -44.10 5.94 -37.16
C VAL D 90 -44.61 6.75 -38.34
N SER D 91 -44.28 8.03 -38.35
CA SER D 91 -44.67 8.96 -39.39
C SER D 91 -44.18 8.57 -40.79
N TYR D 92 -45.02 8.84 -41.78
CA TYR D 92 -44.68 8.68 -43.19
C TYR D 92 -43.48 9.53 -43.59
N PHE D 93 -43.25 10.62 -42.86
CA PHE D 93 -42.09 11.49 -43.11
C PHE D 93 -40.79 10.71 -42.97
N TRP D 94 -40.81 9.63 -42.20
CA TRP D 94 -39.67 8.73 -42.10
C TRP D 94 -39.24 8.26 -43.48
N VAL D 95 -40.20 7.80 -44.28
CA VAL D 95 -39.92 7.29 -45.63
C VAL D 95 -39.37 8.38 -46.54
N THR D 96 -40.02 9.54 -46.55
CA THR D 96 -39.55 10.68 -47.38
C THR D 96 -38.20 11.24 -46.93
N GLN D 97 -38.08 11.58 -45.65
CA GLN D 97 -36.86 12.17 -45.09
C GLN D 97 -35.66 11.24 -45.25
N SER D 98 -35.93 9.94 -45.42
CA SER D 98 -34.90 8.95 -45.64
C SER D 98 -34.44 8.92 -47.10
N ILE D 99 -35.40 9.04 -48.02
CA ILE D 99 -35.09 9.16 -49.43
C ILE D 99 -34.31 10.44 -49.65
N LYS D 100 -34.89 11.55 -49.18
CA LYS D 100 -34.30 12.89 -49.27
C LYS D 100 -32.90 12.93 -48.66
N GLU D 101 -32.71 12.21 -47.55
CA GLU D 101 -31.40 12.15 -46.90
C GLU D 101 -30.47 11.16 -47.58
N ARG D 102 -31.05 10.22 -48.33
CA ARG D 102 -30.34 9.15 -49.04
C ARG D 102 -29.70 8.12 -48.09
N LYS D 103 -30.38 7.84 -46.98
CA LYS D 103 -30.04 6.69 -46.14
C LYS D 103 -31.19 6.40 -45.20
N MET D 104 -31.34 5.12 -44.84
CA MET D 104 -32.45 4.69 -44.02
C MET D 104 -32.24 5.12 -42.58
N LEU D 105 -33.01 6.13 -42.17
CA LEU D 105 -32.94 6.71 -40.83
C LEU D 105 -33.53 5.77 -39.78
N ASN D 106 -33.56 6.21 -38.52
CA ASN D 106 -34.25 5.40 -37.53
C ASN D 106 -35.61 5.97 -37.08
N GLU D 107 -36.62 5.11 -37.20
CA GLU D 107 -38.00 5.42 -36.85
C GLU D 107 -38.15 6.09 -35.49
N HIS D 108 -37.20 5.84 -34.59
CA HIS D 108 -37.31 6.29 -33.20
C HIS D 108 -37.70 7.76 -33.10
N ASP D 109 -36.94 8.65 -33.74
CA ASP D 109 -37.34 10.06 -33.80
C ASP D 109 -38.25 10.39 -35.00
N PHE D 110 -39.18 9.47 -35.27
CA PHE D 110 -40.27 9.69 -36.24
C PHE D 110 -41.59 9.13 -35.74
N GLU D 111 -41.64 8.83 -34.44
CA GLU D 111 -42.80 8.23 -33.79
C GLU D 111 -43.97 9.21 -33.70
N VAL D 112 -45.15 8.79 -34.15
CA VAL D 112 -46.33 9.66 -34.13
C VAL D 112 -46.70 9.99 -32.69
N ARG D 113 -47.13 11.24 -32.46
CA ARG D 113 -47.34 11.75 -31.10
C ARG D 113 -48.80 11.98 -30.65
N GLY D 114 -49.75 11.88 -31.58
CA GLY D 114 -51.15 12.17 -31.27
C GLY D 114 -52.06 12.20 -32.49
N ASP D 115 -53.26 12.79 -32.35
CA ASP D 115 -54.26 12.78 -33.42
C ASP D 115 -55.48 13.70 -33.24
N VAL D 116 -56.37 13.30 -32.33
CA VAL D 116 -57.69 13.91 -32.15
C VAL D 116 -58.44 13.43 -30.88
N VAL D 117 -58.10 12.23 -30.38
CA VAL D 117 -58.37 11.86 -28.99
C VAL D 117 -57.35 12.62 -28.17
N ASN D 118 -56.10 12.15 -28.22
CA ASN D 118 -55.00 12.96 -27.77
C ASN D 118 -54.60 13.94 -28.86
N GLY D 119 -54.33 15.18 -28.46
CA GLY D 119 -53.88 16.19 -29.39
C GLY D 119 -52.42 16.01 -29.73
N ARG D 120 -51.81 17.10 -30.17
CA ARG D 120 -50.42 17.14 -30.63
C ARG D 120 -49.47 16.06 -30.08
N ASN D 121 -49.12 16.14 -28.79
CA ASN D 121 -48.10 15.26 -28.20
C ASN D 121 -48.51 14.40 -27.00
N HIS D 122 -49.79 14.09 -26.89
CA HIS D 122 -50.23 13.13 -25.87
C HIS D 122 -49.88 11.72 -26.35
N GLN D 123 -48.69 11.28 -25.97
CA GLN D 123 -48.03 10.12 -26.58
C GLN D 123 -48.65 8.78 -26.16
N GLY D 124 -49.56 8.30 -26.99
CA GLY D 124 -50.13 6.98 -26.80
C GLY D 124 -49.25 5.91 -27.42
N PRO D 125 -49.00 6.02 -28.73
CA PRO D 125 -48.22 5.01 -29.47
C PRO D 125 -46.86 4.73 -28.87
N LYS D 126 -46.24 5.74 -28.25
CA LYS D 126 -45.03 5.51 -27.48
C LYS D 126 -45.32 4.65 -26.25
N ARG D 127 -46.06 5.18 -25.30
CA ARG D 127 -46.24 4.48 -24.03
C ARG D 127 -46.86 3.09 -24.19
N ALA D 128 -47.41 2.85 -25.38
CA ALA D 128 -48.07 1.61 -25.71
C ALA D 128 -47.10 0.44 -25.84
N ARG D 129 -45.94 0.72 -26.43
CA ARG D 129 -44.90 -0.31 -26.54
C ARG D 129 -44.14 -0.51 -25.24
N GLU D 130 -43.86 0.59 -24.54
CA GLU D 130 -43.15 0.53 -23.26
C GLU D 130 -44.00 -0.09 -22.16
N SER D 131 -45.29 0.18 -22.20
CA SER D 131 -46.22 -0.42 -21.24
C SER D 131 -46.94 -1.65 -21.80
N GLN D 132 -46.16 -2.62 -22.27
CA GLN D 132 -46.73 -3.90 -22.69
C GLN D 132 -46.80 -4.76 -21.45
N ASP D 133 -45.69 -4.71 -20.71
CA ASP D 133 -45.62 -4.90 -19.26
C ASP D 133 -47.00 -4.98 -18.58
N ARG D 134 -47.90 -4.08 -18.99
CA ARG D 134 -48.98 -3.53 -18.16
C ARG D 134 -50.26 -3.20 -18.99
N LYS D 135 -50.86 -4.19 -19.64
CA LYS D 135 -52.03 -3.96 -20.52
C LYS D 135 -53.18 -3.28 -19.75
N ILE D 136 -53.85 -2.34 -20.41
CA ILE D 136 -54.90 -1.53 -19.78
C ILE D 136 -56.22 -2.23 -19.51
N PHE D 137 -56.61 -3.17 -20.37
CA PHE D 137 -57.86 -3.90 -20.10
C PHE D 137 -57.59 -5.18 -19.29
N ARG D 138 -56.45 -5.14 -18.59
CA ARG D 138 -55.99 -6.12 -17.59
C ARG D 138 -56.95 -7.28 -17.22
N GLY D 139 -58.08 -6.98 -16.58
CA GLY D 139 -58.97 -8.04 -16.11
C GLY D 139 -60.40 -7.94 -16.60
N LEU D 140 -60.63 -7.15 -17.65
CA LEU D 140 -61.97 -6.92 -18.15
C LEU D 140 -62.45 -8.01 -19.08
N GLU D 141 -63.76 -8.23 -19.04
CA GLU D 141 -64.40 -9.19 -19.92
C GLU D 141 -65.39 -8.42 -20.79
N ILE D 142 -64.97 -8.16 -22.02
CA ILE D 142 -65.72 -7.33 -22.94
C ILE D 142 -66.58 -8.17 -23.88
N CYS D 143 -67.74 -7.64 -24.25
CA CYS D 143 -68.60 -8.27 -25.25
C CYS D 143 -69.01 -7.25 -26.30
N CYS D 144 -68.52 -7.41 -27.53
CA CYS D 144 -68.82 -6.46 -28.61
C CYS D 144 -70.19 -6.70 -29.24
N TYR D 145 -71.20 -6.04 -28.71
CA TYR D 145 -72.58 -6.31 -29.07
C TYR D 145 -73.06 -5.52 -30.28
N GLY D 146 -73.73 -6.22 -31.19
CA GLY D 146 -74.49 -5.59 -32.27
C GLY D 146 -73.66 -5.05 -33.42
N PRO D 147 -74.28 -4.23 -34.26
CA PRO D 147 -73.65 -3.72 -35.50
C PRO D 147 -72.52 -2.72 -35.25
N PHE D 148 -71.50 -2.77 -36.11
CA PHE D 148 -70.45 -1.75 -36.14
C PHE D 148 -70.26 -1.22 -37.57
N THR D 149 -69.63 -0.06 -37.72
CA THR D 149 -69.37 0.49 -39.05
C THR D 149 -68.05 -0.03 -39.61
N ASN D 150 -67.14 0.88 -39.92
CA ASN D 150 -65.95 0.56 -40.71
C ASN D 150 -64.83 -0.06 -39.88
N MET D 151 -65.20 -1.07 -39.10
CA MET D 151 -64.29 -1.81 -38.27
C MET D 151 -65.03 -3.09 -37.90
N PRO D 152 -64.82 -4.13 -38.70
CA PRO D 152 -65.47 -5.42 -38.48
C PRO D 152 -65.36 -5.86 -37.02
N THR D 153 -66.43 -6.45 -36.50
CA THR D 153 -66.46 -6.86 -35.09
C THR D 153 -65.18 -7.60 -34.67
N ASP D 154 -64.82 -8.64 -35.40
CA ASP D 154 -63.66 -9.46 -35.03
C ASP D 154 -62.38 -8.66 -34.83
N GLN D 155 -62.14 -7.66 -35.70
CA GLN D 155 -60.98 -6.77 -35.56
C GLN D 155 -61.05 -5.95 -34.27
N LEU D 156 -62.25 -5.42 -33.94
CA LEU D 156 -62.44 -4.71 -32.67
C LEU D 156 -62.16 -5.65 -31.52
N GLU D 157 -62.75 -6.84 -31.58
CA GLU D 157 -62.52 -7.87 -30.59
C GLU D 157 -61.04 -8.12 -30.43
N TRP D 158 -60.32 -8.21 -31.55
CA TRP D 158 -58.88 -8.40 -31.55
C TRP D 158 -58.18 -7.25 -30.83
N MET D 159 -58.53 -6.03 -31.23
CA MET D 159 -57.94 -4.83 -30.65
C MET D 159 -58.09 -4.82 -29.14
N VAL D 160 -59.32 -5.00 -28.68
CA VAL D 160 -59.65 -4.96 -27.25
C VAL D 160 -58.91 -6.09 -26.51
N GLN D 161 -58.82 -7.24 -27.17
CA GLN D 161 -58.19 -8.44 -26.63
C GLN D 161 -56.67 -8.28 -26.44
N LEU D 162 -56.04 -7.54 -27.34
CA LEU D 162 -54.60 -7.23 -27.26
C LEU D 162 -54.26 -6.49 -25.98
N CYS D 163 -55.09 -5.52 -25.62
CA CYS D 163 -54.85 -4.72 -24.43
C CYS D 163 -55.33 -5.44 -23.17
N GLY D 164 -55.31 -6.77 -23.20
CA GLY D 164 -55.58 -7.58 -22.01
C GLY D 164 -57.03 -7.93 -21.69
N ALA D 165 -57.95 -7.55 -22.57
CA ALA D 165 -59.36 -7.88 -22.37
C ALA D 165 -59.65 -9.34 -22.73
N SER D 166 -60.68 -9.90 -22.10
CA SER D 166 -61.13 -11.26 -22.37
C SER D 166 -62.43 -11.17 -23.18
N VAL D 167 -62.45 -11.71 -24.39
CA VAL D 167 -63.58 -11.51 -25.30
C VAL D 167 -64.72 -12.53 -25.12
N VAL D 168 -65.91 -12.00 -24.86
CA VAL D 168 -67.13 -12.81 -24.67
C VAL D 168 -67.99 -12.71 -25.91
N LYS D 169 -68.48 -13.85 -26.38
CA LYS D 169 -69.29 -13.91 -27.60
C LYS D 169 -70.72 -13.36 -27.40
N GLU D 170 -71.53 -14.04 -26.59
CA GLU D 170 -72.89 -13.60 -26.34
C GLU D 170 -73.03 -13.13 -24.90
N LEU D 171 -73.89 -12.14 -24.68
CA LEU D 171 -74.18 -11.64 -23.33
C LEU D 171 -74.59 -12.76 -22.37
N SER D 172 -74.88 -13.93 -22.94
CA SER D 172 -75.21 -15.14 -22.19
C SER D 172 -73.97 -15.87 -21.69
N SER D 173 -72.80 -15.27 -21.88
CA SER D 173 -71.54 -15.95 -21.59
C SER D 173 -70.59 -15.14 -20.71
N PHE D 174 -71.12 -14.33 -19.81
CA PHE D 174 -70.29 -13.60 -18.85
C PHE D 174 -69.89 -14.53 -17.71
N THR D 175 -68.80 -14.20 -17.02
CA THR D 175 -68.29 -15.07 -15.95
C THR D 175 -68.98 -14.81 -14.61
N LEU D 176 -69.38 -15.91 -13.96
CA LEU D 176 -69.97 -15.88 -12.61
C LEU D 176 -68.95 -15.48 -11.55
N GLY D 177 -67.67 -15.77 -11.78
CA GLY D 177 -66.57 -15.46 -10.85
C GLY D 177 -66.33 -13.98 -10.59
N THR D 178 -66.25 -13.61 -9.30
CA THR D 178 -66.23 -12.21 -8.83
C THR D 178 -65.12 -11.30 -9.42
N GLY D 179 -63.93 -11.87 -9.63
CA GLY D 179 -62.74 -11.11 -10.02
C GLY D 179 -62.80 -10.36 -11.34
N VAL D 180 -63.62 -10.85 -12.28
CA VAL D 180 -63.65 -10.31 -13.63
C VAL D 180 -64.79 -9.32 -13.88
N HIS D 181 -64.48 -8.25 -14.61
CA HIS D 181 -65.43 -7.17 -14.86
C HIS D 181 -66.08 -7.25 -16.26
N PRO D 182 -67.39 -7.46 -16.25
CA PRO D 182 -68.15 -7.54 -17.49
C PRO D 182 -68.38 -6.15 -18.08
N ILE D 183 -68.07 -6.00 -19.36
CA ILE D 183 -68.40 -4.80 -20.12
C ILE D 183 -69.07 -5.18 -21.45
N VAL D 184 -70.07 -4.39 -21.84
CA VAL D 184 -70.74 -4.52 -23.14
C VAL D 184 -70.37 -3.30 -23.97
N VAL D 185 -69.92 -3.54 -25.21
CA VAL D 185 -69.50 -2.45 -26.10
C VAL D 185 -70.41 -2.34 -27.33
N VAL D 186 -70.99 -1.16 -27.48
CA VAL D 186 -71.95 -0.88 -28.53
C VAL D 186 -71.60 0.45 -29.18
N GLN D 187 -71.63 0.49 -30.52
CA GLN D 187 -71.65 1.74 -31.25
C GLN D 187 -73.12 2.03 -31.45
N PRO D 188 -73.58 3.17 -30.94
CA PRO D 188 -75.01 3.42 -30.82
C PRO D 188 -75.66 3.76 -32.16
N ASP D 189 -74.92 4.46 -33.02
CA ASP D 189 -75.38 4.72 -34.39
C ASP D 189 -75.11 3.47 -35.22
N ALA D 190 -75.85 3.33 -36.31
CA ALA D 190 -75.82 2.10 -37.12
C ALA D 190 -76.55 0.97 -36.38
N TRP D 191 -77.87 1.13 -36.23
CA TRP D 191 -78.71 0.16 -35.53
C TRP D 191 -80.08 -0.04 -36.17
N THR D 192 -80.90 1.01 -36.09
CA THR D 192 -82.29 1.06 -36.59
C THR D 192 -83.23 0.02 -35.96
N GLY D 196 -83.41 1.17 -29.48
CA GLY D 196 -83.18 -0.28 -29.50
C GLY D 196 -81.99 -0.71 -28.66
N PHE D 197 -80.87 -0.02 -28.83
CA PHE D 197 -79.64 -0.30 -28.10
C PHE D 197 -79.67 0.19 -26.65
N HIS D 198 -80.83 0.67 -26.20
CA HIS D 198 -81.00 1.13 -24.82
C HIS D 198 -81.40 -0.02 -23.91
N ALA D 199 -81.73 -1.16 -24.50
CA ALA D 199 -82.28 -2.27 -23.75
C ALA D 199 -81.28 -3.40 -23.60
N ILE D 200 -80.01 -3.05 -23.47
CA ILE D 200 -78.97 -4.06 -23.25
C ILE D 200 -78.94 -4.38 -21.76
N GLY D 201 -79.06 -3.34 -20.94
CA GLY D 201 -79.05 -3.48 -19.49
C GLY D 201 -80.29 -4.14 -18.91
N GLN D 202 -80.92 -5.01 -19.70
CA GLN D 202 -82.03 -5.83 -19.24
C GLN D 202 -81.64 -7.30 -19.38
N MET D 203 -80.86 -7.59 -20.43
CA MET D 203 -80.44 -8.96 -20.74
C MET D 203 -79.27 -9.40 -19.86
N CYS D 204 -78.44 -8.45 -19.45
CA CYS D 204 -77.40 -8.72 -18.44
C CYS D 204 -77.19 -7.50 -17.54
N GLU D 205 -76.42 -7.68 -16.46
CA GLU D 205 -76.16 -6.62 -15.48
C GLU D 205 -74.70 -6.14 -15.52
N ALA D 206 -74.25 -5.71 -16.71
CA ALA D 206 -72.95 -5.10 -16.89
C ALA D 206 -73.14 -3.75 -17.58
N PRO D 207 -72.22 -2.80 -17.37
CA PRO D 207 -72.32 -1.49 -18.04
C PRO D 207 -72.34 -1.57 -19.57
N VAL D 208 -73.01 -0.63 -20.21
CA VAL D 208 -73.09 -0.61 -21.68
C VAL D 208 -72.51 0.70 -22.21
N VAL D 209 -71.26 0.67 -22.65
CA VAL D 209 -70.60 1.89 -23.11
C VAL D 209 -70.47 1.98 -24.62
N THR D 210 -70.42 3.20 -25.13
CA THR D 210 -70.16 3.43 -26.55
C THR D 210 -68.79 2.88 -26.96
N ARG D 211 -68.64 2.58 -28.23
CA ARG D 211 -67.42 2.01 -28.77
C ARG D 211 -66.25 2.99 -28.71
N GLU D 212 -66.59 4.27 -28.52
CA GLU D 212 -65.62 5.34 -28.39
C GLU D 212 -64.77 5.19 -27.12
N TRP D 213 -65.25 4.38 -26.18
CA TRP D 213 -64.51 4.10 -24.96
C TRP D 213 -63.28 3.25 -25.23
N VAL D 214 -63.42 2.22 -26.08
CA VAL D 214 -62.30 1.35 -26.44
C VAL D 214 -61.29 2.17 -27.23
N LEU D 215 -61.79 2.90 -28.22
CA LEU D 215 -60.99 3.72 -29.12
C LEU D 215 -60.22 4.86 -28.45
N ASP D 216 -60.78 5.46 -27.41
CA ASP D 216 -60.05 6.48 -26.67
C ASP D 216 -59.02 5.85 -25.71
N SER D 217 -59.43 4.72 -25.11
CA SER D 217 -58.56 3.98 -24.23
C SER D 217 -57.45 3.27 -24.99
N VAL D 218 -57.41 3.46 -26.31
CA VAL D 218 -56.30 2.95 -27.08
C VAL D 218 -55.40 4.09 -27.54
N ALA D 219 -55.99 5.07 -28.22
CA ALA D 219 -55.24 6.20 -28.75
C ALA D 219 -54.38 6.85 -27.66
N LEU D 220 -54.90 6.82 -26.45
CA LEU D 220 -54.10 7.07 -25.26
C LEU D 220 -53.97 5.69 -24.66
N TYR D 221 -52.77 5.24 -24.37
CA TYR D 221 -52.69 3.90 -23.81
C TYR D 221 -53.35 3.82 -22.42
N GLN D 222 -53.87 4.96 -21.94
CA GLN D 222 -54.68 4.98 -20.72
C GLN D 222 -56.01 4.25 -20.88
N CYS D 223 -56.55 3.78 -19.76
CA CYS D 223 -57.87 3.18 -19.73
C CYS D 223 -58.84 4.18 -19.15
N GLN D 224 -59.72 4.68 -20.01
CA GLN D 224 -60.63 5.77 -19.68
C GLN D 224 -61.81 5.28 -18.86
N GLU D 225 -62.20 6.08 -17.88
CA GLU D 225 -63.31 5.73 -16.99
C GLU D 225 -64.61 5.66 -17.78
N LEU D 226 -65.38 4.60 -17.54
CA LEU D 226 -66.62 4.32 -18.27
C LEU D 226 -67.62 5.48 -18.26
N ASP D 227 -67.41 6.39 -17.30
CA ASP D 227 -68.27 7.55 -17.03
C ASP D 227 -68.99 8.16 -18.25
N THR D 228 -68.33 9.05 -18.99
CA THR D 228 -68.96 9.75 -20.14
C THR D 228 -69.41 8.79 -21.24
N TYR D 229 -68.80 7.62 -21.30
CA TYR D 229 -69.08 6.67 -22.36
C TYR D 229 -70.36 5.85 -22.14
N LEU D 230 -70.95 5.96 -20.96
CA LEU D 230 -72.14 5.18 -20.64
C LEU D 230 -73.34 5.58 -21.47
N ILE D 231 -74.01 4.57 -22.03
CA ILE D 231 -75.17 4.75 -22.90
C ILE D 231 -76.42 4.55 -22.05
N PRO D 232 -77.21 5.60 -21.91
CA PRO D 232 -78.38 5.59 -21.03
C PRO D 232 -79.27 4.38 -21.32
N GLN D 233 -79.70 3.70 -20.25
CA GLN D 233 -80.49 2.47 -20.38
C GLN D 233 -81.94 2.65 -19.99
N ILE D 234 -82.79 1.77 -20.48
CA ILE D 234 -84.23 1.82 -20.17
C ILE D 234 -84.67 0.69 -19.23
N PRO D 235 -85.08 1.05 -18.01
CA PRO D 235 -85.63 0.11 -17.05
C PRO D 235 -86.80 -0.70 -17.61
N ARG E 25 46.07 -38.60 -27.62
CA ARG E 25 46.70 -37.57 -26.75
C ARG E 25 45.65 -36.65 -26.13
N MET E 26 45.50 -36.73 -24.81
CA MET E 26 44.57 -35.86 -24.08
C MET E 26 45.26 -35.08 -22.96
N SER E 27 45.59 -33.81 -23.24
CA SER E 27 46.07 -32.87 -22.21
C SER E 27 44.91 -32.01 -21.73
N MET E 28 44.96 -31.61 -20.47
CA MET E 28 43.80 -31.02 -19.80
C MET E 28 44.19 -29.87 -18.88
N VAL E 29 43.37 -28.82 -18.88
CA VAL E 29 43.55 -27.68 -17.96
C VAL E 29 42.20 -27.24 -17.36
N VAL E 30 42.26 -26.55 -16.22
CA VAL E 30 41.07 -26.12 -15.51
C VAL E 30 41.00 -24.59 -15.38
N SER E 31 39.78 -24.06 -15.29
CA SER E 31 39.56 -22.62 -15.13
C SER E 31 38.29 -22.26 -14.37
N GLY E 32 38.35 -21.18 -13.60
CA GLY E 32 37.23 -20.70 -12.80
C GLY E 32 36.96 -21.55 -11.57
N LEU E 33 37.92 -22.38 -11.19
CA LEU E 33 37.73 -23.28 -10.06
C LEU E 33 38.25 -22.71 -8.76
N THR E 34 37.63 -23.12 -7.66
CA THR E 34 38.18 -22.90 -6.33
C THR E 34 39.27 -23.94 -6.10
N PRO E 35 40.19 -23.65 -5.19
CA PRO E 35 41.17 -24.63 -4.74
C PRO E 35 40.56 -26.03 -4.53
N GLU E 36 39.50 -26.09 -3.72
CA GLU E 36 38.84 -27.32 -3.34
C GLU E 36 38.30 -28.09 -4.53
N GLU E 37 37.77 -27.35 -5.51
CA GLU E 37 37.24 -27.94 -6.73
C GLU E 37 38.34 -28.57 -7.57
N PHE E 38 39.49 -27.89 -7.64
CA PHE E 38 40.64 -28.37 -8.40
C PHE E 38 41.11 -29.74 -7.92
N MET E 39 40.95 -30.00 -6.63
CA MET E 39 41.37 -31.28 -6.04
C MET E 39 40.57 -32.48 -6.52
N LEU E 40 39.27 -32.29 -6.71
CA LEU E 40 38.41 -33.32 -7.31
C LEU E 40 38.82 -33.63 -8.74
N VAL E 41 39.38 -32.62 -9.41
CA VAL E 41 39.86 -32.74 -10.78
C VAL E 41 41.23 -33.44 -10.81
N TYR E 42 42.04 -33.20 -9.78
CA TYR E 42 43.33 -33.88 -9.64
C TYR E 42 43.16 -35.36 -9.28
N LYS E 43 42.15 -35.66 -8.47
CA LYS E 43 41.78 -37.04 -8.12
C LYS E 43 41.16 -37.74 -9.33
N PHE E 44 40.45 -36.97 -10.16
CA PHE E 44 39.82 -37.46 -11.39
C PHE E 44 40.84 -37.72 -12.51
N ALA E 45 41.90 -36.90 -12.54
CA ALA E 45 42.91 -36.97 -13.61
C ALA E 45 43.62 -38.33 -13.68
N ARG E 46 44.26 -38.74 -12.59
CA ARG E 46 45.04 -39.98 -12.60
C ARG E 46 44.22 -41.24 -12.31
N LYS E 47 42.96 -41.07 -11.93
CA LYS E 47 42.01 -42.17 -11.81
C LYS E 47 41.68 -42.72 -13.20
N HIS E 48 41.61 -41.82 -14.17
CA HIS E 48 41.43 -42.20 -15.58
C HIS E 48 42.67 -41.84 -16.42
N HIS E 49 43.83 -41.73 -15.74
CA HIS E 49 45.16 -41.60 -16.35
C HIS E 49 45.49 -40.28 -17.07
N ILE E 50 44.49 -39.39 -17.23
CA ILE E 50 44.65 -38.18 -18.05
C ILE E 50 45.53 -37.08 -17.45
N THR E 51 46.39 -36.53 -18.30
CA THR E 51 47.35 -35.50 -17.91
C THR E 51 46.68 -34.16 -17.62
N LEU E 52 46.96 -33.60 -16.44
CA LEU E 52 46.45 -32.27 -16.07
C LEU E 52 47.60 -31.26 -16.02
N THR E 53 47.61 -30.34 -16.99
CA THR E 53 48.60 -29.26 -17.02
C THR E 53 48.22 -28.11 -16.09
N ASN E 54 49.16 -27.21 -15.85
CA ASN E 54 48.94 -26.01 -15.02
C ASN E 54 48.15 -24.96 -15.79
N LEU E 55 48.71 -24.53 -16.92
CA LEU E 55 48.06 -23.52 -17.76
C LEU E 55 47.88 -24.05 -19.18
N ILE E 56 46.98 -23.39 -19.92
CA ILE E 56 46.61 -23.75 -21.28
C ILE E 56 47.78 -23.65 -22.26
N THR E 57 48.15 -24.80 -22.82
CA THR E 57 49.23 -24.90 -23.80
C THR E 57 48.67 -25.42 -25.13
N GLU E 58 49.56 -25.64 -26.11
CA GLU E 58 49.15 -26.22 -27.39
C GLU E 58 48.64 -27.65 -27.19
N GLU E 59 49.37 -28.43 -26.38
CA GLU E 59 48.99 -29.82 -26.08
C GLU E 59 47.56 -29.95 -25.56
N THR E 60 47.18 -29.04 -24.67
CA THR E 60 45.84 -29.00 -24.07
C THR E 60 44.74 -29.25 -25.12
N THR E 61 43.82 -30.16 -24.81
CA THR E 61 42.69 -30.45 -25.69
C THR E 61 41.35 -30.21 -24.99
N HIS E 62 41.39 -30.12 -23.66
CA HIS E 62 40.20 -29.94 -22.85
C HIS E 62 40.35 -28.82 -21.84
N VAL E 63 39.43 -27.87 -21.89
CA VAL E 63 39.39 -26.78 -20.91
C VAL E 63 38.10 -26.86 -20.11
N VAL E 64 38.26 -26.97 -18.79
CA VAL E 64 37.14 -27.18 -17.89
C VAL E 64 36.74 -25.87 -17.21
N MET E 65 35.50 -25.43 -17.45
CA MET E 65 35.02 -24.15 -16.93
C MET E 65 33.93 -24.32 -15.88
N LYS E 66 34.04 -23.56 -14.80
CA LYS E 66 33.00 -23.49 -13.78
C LYS E 66 31.73 -22.89 -14.38
N THR E 67 30.62 -23.62 -14.36
CA THR E 67 29.37 -23.18 -14.97
C THR E 67 28.19 -23.16 -14.00
N ASP E 68 26.97 -23.24 -14.53
CA ASP E 68 25.75 -23.10 -13.73
C ASP E 68 24.53 -23.91 -14.19
N ALA E 69 24.71 -24.76 -15.21
CA ALA E 69 23.63 -25.56 -15.81
C ALA E 69 22.46 -24.73 -16.33
N PHE E 71 24.62 -23.77 -18.59
CA PHE E 71 26.05 -24.02 -18.46
C PHE E 71 26.83 -22.73 -18.75
N VAL E 72 26.64 -21.72 -17.91
CA VAL E 72 27.19 -20.38 -18.13
C VAL E 72 28.40 -20.09 -17.23
N CYS E 73 29.56 -19.90 -17.86
CA CYS E 73 30.81 -19.63 -17.13
C CYS E 73 31.07 -18.13 -17.01
N GLU E 74 32.16 -17.79 -16.34
CA GLU E 74 32.70 -16.43 -16.41
C GLU E 74 33.79 -16.41 -17.49
N ARG E 75 34.21 -15.22 -17.88
CA ARG E 75 35.09 -15.06 -19.03
C ARG E 75 36.56 -14.95 -18.61
N THR E 76 37.32 -16.02 -18.79
CA THR E 76 38.73 -16.04 -18.36
C THR E 76 39.72 -16.20 -19.53
N LEU E 77 41.00 -15.99 -19.25
CA LEU E 77 42.06 -16.13 -20.26
C LEU E 77 42.06 -17.55 -20.82
N LYS E 78 42.02 -18.52 -19.92
CA LYS E 78 41.99 -19.94 -20.28
C LYS E 78 40.71 -20.31 -21.04
N TYR E 79 39.66 -19.51 -20.84
CA TYR E 79 38.41 -19.67 -21.57
C TYR E 79 38.58 -19.24 -23.04
N PHE E 80 39.13 -18.05 -23.24
CA PHE E 80 39.34 -17.51 -24.58
C PHE E 80 40.22 -18.42 -25.42
N LEU E 81 41.39 -18.76 -24.88
CA LEU E 81 42.35 -19.62 -25.57
C LEU E 81 41.76 -21.01 -25.83
N GLY E 82 40.86 -21.45 -24.97
CA GLY E 82 40.11 -22.70 -25.15
C GLY E 82 39.21 -22.70 -26.38
N ILE E 83 38.65 -21.53 -26.69
CA ILE E 83 37.86 -21.34 -27.90
C ILE E 83 38.80 -21.10 -29.09
N ALA E 84 39.79 -20.22 -28.89
CA ALA E 84 40.76 -19.85 -29.91
C ALA E 84 41.46 -21.04 -30.56
N GLY E 85 41.77 -22.06 -29.75
CA GLY E 85 42.48 -23.24 -30.21
C GLY E 85 41.61 -24.40 -30.66
N GLY E 86 40.30 -24.16 -30.79
CA GLY E 86 39.36 -25.19 -31.22
C GLY E 86 39.44 -26.45 -30.38
N LYS E 87 39.52 -26.26 -29.06
CA LYS E 87 39.62 -27.37 -28.13
C LYS E 87 38.27 -27.63 -27.47
N TRP E 88 38.20 -28.67 -26.67
CA TRP E 88 37.00 -28.97 -25.93
C TRP E 88 36.85 -28.01 -24.77
N VAL E 89 35.78 -27.21 -24.84
CA VAL E 89 35.44 -26.31 -23.74
C VAL E 89 34.23 -26.89 -23.02
N VAL E 90 34.51 -27.56 -21.91
CA VAL E 90 33.55 -28.45 -21.24
C VAL E 90 33.40 -28.08 -19.77
N SER E 91 32.15 -28.00 -19.31
CA SER E 91 31.77 -27.59 -17.95
C SER E 91 32.51 -28.33 -16.83
N TYR E 92 32.47 -27.75 -15.63
CA TYR E 92 32.97 -28.40 -14.43
C TYR E 92 32.04 -29.55 -14.05
N PHE E 93 30.74 -29.34 -14.27
CA PHE E 93 29.71 -30.34 -13.97
C PHE E 93 29.93 -31.68 -14.68
N TRP E 94 30.90 -31.71 -15.60
CA TRP E 94 31.32 -32.94 -16.25
C TRP E 94 32.04 -33.86 -15.27
N VAL E 95 32.94 -33.27 -14.49
CA VAL E 95 33.76 -34.00 -13.52
C VAL E 95 32.94 -34.44 -12.31
N THR E 96 32.01 -33.59 -11.88
CA THR E 96 31.16 -33.91 -10.72
C THR E 96 30.13 -35.00 -11.00
N GLN E 97 29.49 -34.92 -12.17
CA GLN E 97 28.47 -35.91 -12.54
C GLN E 97 29.09 -37.20 -13.08
N SER E 98 30.41 -37.17 -13.30
CA SER E 98 31.15 -38.35 -13.72
C SER E 98 31.57 -39.22 -12.52
N ILE E 99 31.98 -38.58 -11.43
CA ILE E 99 32.25 -39.28 -10.17
C ILE E 99 30.94 -39.73 -9.53
N LYS E 100 29.91 -38.87 -9.63
CA LYS E 100 28.58 -39.12 -9.06
C LYS E 100 27.88 -40.31 -9.72
N GLU E 101 28.20 -40.56 -11.00
CA GLU E 101 27.59 -41.67 -11.74
C GLU E 101 28.57 -42.85 -11.93
N ARG E 102 29.76 -42.73 -11.37
CA ARG E 102 30.78 -43.81 -11.33
C ARG E 102 31.54 -44.11 -12.65
N LYS E 103 31.13 -43.48 -13.74
CA LYS E 103 31.80 -43.67 -15.03
C LYS E 103 32.05 -42.34 -15.74
N MET E 104 33.05 -42.33 -16.61
CA MET E 104 33.37 -41.14 -17.41
C MET E 104 32.29 -40.91 -18.49
N LEU E 105 31.73 -39.71 -18.50
CA LEU E 105 30.64 -39.34 -19.44
C LEU E 105 31.17 -38.69 -20.72
N ASN E 106 30.24 -38.36 -21.63
CA ASN E 106 30.58 -37.72 -22.91
C ASN E 106 30.81 -36.22 -22.77
N GLU E 107 31.86 -35.72 -23.41
CA GLU E 107 32.19 -34.29 -23.39
C GLU E 107 31.25 -33.49 -24.29
N HIS E 108 30.72 -34.14 -25.32
CA HIS E 108 29.77 -33.55 -26.27
C HIS E 108 28.52 -32.99 -25.60
N ASP E 109 28.19 -33.51 -24.42
CA ASP E 109 26.93 -33.19 -23.73
C ASP E 109 27.11 -32.19 -22.57
N PHE E 110 28.35 -31.99 -22.14
CA PHE E 110 28.65 -31.11 -21.01
C PHE E 110 29.37 -29.83 -21.40
N GLU E 111 29.14 -29.36 -22.63
CA GLU E 111 29.80 -28.17 -23.15
C GLU E 111 29.28 -26.88 -22.54
N VAL E 112 30.19 -25.91 -22.41
CA VAL E 112 29.84 -24.56 -21.97
C VAL E 112 29.06 -23.86 -23.10
N ARG E 113 28.03 -23.12 -22.72
CA ARG E 113 27.20 -22.42 -23.70
C ARG E 113 27.61 -20.96 -23.81
N GLY E 114 27.60 -20.22 -22.69
CA GLY E 114 27.87 -18.79 -22.70
C GLY E 114 28.64 -18.23 -21.51
N ASP E 115 28.58 -16.91 -21.32
CA ASP E 115 29.36 -16.19 -20.30
C ASP E 115 28.76 -14.84 -19.88
N VAL E 116 29.24 -13.75 -20.47
CA VAL E 116 28.69 -12.40 -20.27
C VAL E 116 28.86 -11.51 -21.52
N VAL E 117 29.73 -11.92 -22.45
CA VAL E 117 29.76 -11.36 -23.80
C VAL E 117 28.40 -11.67 -24.42
N ASN E 118 28.04 -12.95 -24.37
CA ASN E 118 26.81 -13.47 -24.93
C ASN E 118 25.82 -13.89 -23.84
N GLY E 119 24.57 -14.08 -24.22
CA GLY E 119 23.58 -14.70 -23.35
C GLY E 119 23.99 -16.14 -23.06
N ARG E 120 23.29 -16.78 -22.12
CA ARG E 120 23.62 -18.16 -21.77
C ARG E 120 23.60 -19.14 -22.95
N ASN E 121 22.73 -18.88 -23.94
CA ASN E 121 22.49 -19.80 -25.06
C ASN E 121 23.52 -19.79 -26.21
N HIS E 122 23.04 -19.50 -27.42
CA HIS E 122 23.77 -19.62 -28.71
C HIS E 122 24.68 -20.89 -28.77
N GLN E 123 25.91 -20.77 -29.26
CA GLN E 123 26.87 -21.88 -29.24
C GLN E 123 28.26 -21.44 -28.78
N GLY E 124 29.08 -20.91 -29.68
CA GLY E 124 30.41 -20.40 -29.33
C GLY E 124 31.53 -21.44 -29.38
N PRO E 125 31.97 -21.91 -28.21
CA PRO E 125 32.91 -23.05 -28.13
C PRO E 125 32.55 -24.22 -29.03
N LYS E 126 31.32 -24.23 -29.55
CA LYS E 126 30.88 -25.18 -30.58
C LYS E 126 31.45 -24.78 -31.93
N ARG E 127 31.13 -23.55 -32.36
CA ARG E 127 31.58 -22.97 -33.64
C ARG E 127 33.10 -22.92 -33.74
N ALA E 128 33.76 -22.90 -32.59
CA ALA E 128 35.20 -22.82 -32.48
C ALA E 128 35.89 -24.07 -33.02
N ARG E 129 35.43 -25.24 -32.55
CA ARG E 129 35.97 -26.51 -33.04
C ARG E 129 35.09 -27.13 -34.14
N GLU E 130 34.05 -26.38 -34.54
CA GLU E 130 33.23 -26.73 -35.68
C GLU E 130 33.79 -26.04 -36.92
N SER E 131 33.85 -24.70 -36.84
CA SER E 131 34.28 -23.87 -37.95
C SER E 131 35.74 -23.44 -37.84
N GLN E 132 36.64 -24.42 -37.84
CA GLN E 132 38.06 -24.13 -37.96
C GLN E 132 38.57 -24.50 -39.36
N ASP E 133 37.63 -24.94 -40.20
CA ASP E 133 37.84 -25.06 -41.64
C ASP E 133 38.30 -23.73 -42.19
N ARG E 134 37.94 -22.66 -41.47
CA ARG E 134 38.20 -21.29 -41.87
C ARG E 134 38.25 -20.44 -40.61
N LYS E 135 39.33 -19.68 -40.47
CA LYS E 135 39.56 -18.89 -39.25
C LYS E 135 39.01 -17.48 -39.35
N ILE E 136 38.62 -16.91 -38.20
CA ILE E 136 37.92 -15.62 -38.13
C ILE E 136 38.76 -14.40 -38.54
N PHE E 137 39.98 -14.30 -38.02
CA PHE E 137 40.84 -13.15 -38.30
C PHE E 137 41.71 -13.41 -39.55
N ARG E 138 41.22 -14.27 -40.44
CA ARG E 138 41.94 -14.72 -41.65
C ARG E 138 42.83 -13.67 -42.33
N GLY E 139 42.22 -12.78 -43.12
CA GLY E 139 42.97 -11.81 -43.91
C GLY E 139 43.28 -10.55 -43.14
N LEU E 140 43.46 -10.69 -41.83
CA LEU E 140 43.69 -9.55 -40.95
C LEU E 140 45.08 -9.57 -40.35
N GLU E 141 45.71 -8.40 -40.33
CA GLU E 141 47.03 -8.23 -39.76
C GLU E 141 46.93 -7.36 -38.52
N ILE E 142 47.09 -7.98 -37.35
CA ILE E 142 46.88 -7.31 -36.08
C ILE E 142 48.19 -7.01 -35.35
N CYS E 143 48.16 -5.94 -34.57
CA CYS E 143 49.28 -5.53 -33.74
C CYS E 143 48.74 -5.07 -32.39
N CYS E 144 49.18 -5.72 -31.32
CA CYS E 144 48.74 -5.36 -29.97
C CYS E 144 49.62 -4.27 -29.37
N TYR E 145 49.17 -3.02 -29.52
CA TYR E 145 49.98 -1.87 -29.12
C TYR E 145 49.56 -1.28 -27.78
N GLY E 146 50.54 -1.09 -26.91
CA GLY E 146 50.33 -0.47 -25.58
C GLY E 146 50.38 -1.47 -24.43
N PRO E 147 49.99 -1.01 -23.23
CA PRO E 147 49.94 -1.85 -22.04
C PRO E 147 48.65 -2.67 -21.92
N PHE E 148 48.74 -3.80 -21.23
CA PHE E 148 47.62 -4.70 -21.00
C PHE E 148 47.62 -5.16 -19.53
N THR E 149 46.44 -5.42 -18.95
CA THR E 149 46.33 -5.63 -17.50
C THR E 149 46.35 -7.07 -16.98
N ASN E 150 45.44 -7.93 -17.44
CA ASN E 150 45.45 -9.34 -16.99
C ASN E 150 45.63 -10.37 -18.12
N MET E 151 46.42 -9.99 -19.10
CA MET E 151 46.69 -10.78 -20.29
C MET E 151 48.04 -10.35 -20.85
N PRO E 152 49.06 -11.19 -20.71
CA PRO E 152 50.38 -10.91 -21.29
C PRO E 152 50.29 -10.69 -22.80
N THR E 153 50.97 -9.65 -23.28
CA THR E 153 50.91 -9.21 -24.68
C THR E 153 51.04 -10.36 -25.71
N ASP E 154 52.03 -11.21 -25.49
CA ASP E 154 52.29 -12.34 -26.38
C ASP E 154 51.14 -13.36 -26.40
N GLN E 155 50.53 -13.59 -25.24
CA GLN E 155 49.46 -14.60 -25.11
C GLN E 155 48.19 -14.14 -25.79
N LEU E 156 48.01 -12.83 -25.89
CA LEU E 156 46.91 -12.25 -26.67
C LEU E 156 47.24 -12.35 -28.16
N GLU E 157 48.52 -12.12 -28.49
CA GLU E 157 49.00 -12.26 -29.85
C GLU E 157 48.83 -13.70 -30.34
N TRP E 158 49.06 -14.66 -29.43
CA TRP E 158 48.82 -16.08 -29.70
C TRP E 158 47.34 -16.36 -29.93
N MET E 159 46.47 -15.72 -29.14
CA MET E 159 45.03 -15.86 -29.27
C MET E 159 44.60 -15.38 -30.65
N VAL E 160 45.12 -14.20 -31.02
CA VAL E 160 44.87 -13.59 -32.32
C VAL E 160 45.42 -14.46 -33.46
N GLN E 161 46.60 -15.06 -33.25
CA GLN E 161 47.21 -15.97 -34.23
C GLN E 161 46.50 -17.31 -34.32
N LEU E 162 45.95 -17.77 -33.19
CA LEU E 162 45.20 -19.00 -33.12
C LEU E 162 43.87 -18.83 -33.83
N CYS E 163 43.44 -17.57 -33.95
CA CYS E 163 42.24 -17.19 -34.68
C CYS E 163 42.56 -16.85 -36.15
N GLY E 164 43.82 -17.07 -36.53
CA GLY E 164 44.24 -17.00 -37.94
C GLY E 164 44.69 -15.65 -38.46
N ALA E 165 45.22 -14.79 -37.58
CA ALA E 165 45.69 -13.48 -37.99
C ALA E 165 47.20 -13.41 -38.11
N SER E 166 47.68 -12.64 -39.09
CA SER E 166 49.10 -12.34 -39.22
C SER E 166 49.46 -11.26 -38.21
N VAL E 167 50.36 -11.60 -37.28
CA VAL E 167 50.76 -10.66 -36.22
C VAL E 167 51.94 -9.77 -36.62
N VAL E 168 51.87 -8.52 -36.19
CA VAL E 168 52.95 -7.56 -36.36
C VAL E 168 53.29 -7.02 -34.97
N LYS E 169 54.59 -6.85 -34.69
CA LYS E 169 55.03 -6.43 -33.36
C LYS E 169 55.20 -4.92 -33.17
N GLU E 170 55.23 -4.16 -34.27
CA GLU E 170 55.41 -2.70 -34.20
C GLU E 170 54.42 -1.92 -35.08
N LEU E 171 54.39 -0.60 -34.89
CA LEU E 171 53.54 0.27 -35.71
C LEU E 171 54.07 0.45 -37.12
N SER E 172 55.38 0.23 -37.31
CA SER E 172 56.01 0.42 -38.61
C SER E 172 55.91 -0.80 -39.52
N SER E 173 56.05 -2.00 -38.97
CA SER E 173 56.19 -3.22 -39.79
C SER E 173 54.89 -3.84 -40.30
N PHE E 174 53.93 -2.98 -40.66
CA PHE E 174 52.70 -3.41 -41.31
C PHE E 174 52.92 -3.66 -42.80
N THR E 175 52.15 -4.60 -43.35
CA THR E 175 52.30 -4.98 -44.75
C THR E 175 51.62 -3.97 -45.67
N LEU E 176 52.43 -3.39 -46.56
CA LEU E 176 51.97 -2.50 -47.63
C LEU E 176 51.30 -3.33 -48.74
N GLY E 177 51.70 -4.60 -48.82
CA GLY E 177 51.20 -5.61 -49.77
C GLY E 177 49.92 -5.30 -50.52
N THR E 178 48.83 -6.00 -50.17
CA THR E 178 47.53 -5.77 -50.84
C THR E 178 46.30 -6.03 -49.97
N GLY E 179 45.81 -7.27 -50.00
CA GLY E 179 44.52 -7.63 -49.42
C GLY E 179 44.56 -8.10 -47.98
N VAL E 180 45.47 -7.52 -47.20
CA VAL E 180 45.50 -7.77 -45.77
C VAL E 180 45.02 -6.50 -45.03
N HIS E 181 44.35 -6.69 -43.90
CA HIS E 181 43.74 -5.59 -43.16
C HIS E 181 44.51 -5.29 -41.87
N PRO E 182 44.95 -4.04 -41.71
CA PRO E 182 45.72 -3.63 -40.53
C PRO E 182 44.84 -3.15 -39.38
N ILE E 183 45.02 -3.76 -38.20
CA ILE E 183 44.25 -3.42 -37.02
C ILE E 183 45.18 -3.20 -35.82
N VAL E 184 44.96 -2.11 -35.11
CA VAL E 184 45.68 -1.84 -33.88
C VAL E 184 44.73 -2.12 -32.72
N VAL E 185 45.15 -3.03 -31.83
CA VAL E 185 44.35 -3.38 -30.66
C VAL E 185 44.98 -2.78 -29.41
N VAL E 186 44.24 -1.91 -28.74
CA VAL E 186 44.72 -1.23 -27.53
C VAL E 186 43.77 -1.52 -26.36
N GLN E 187 44.33 -1.63 -25.16
CA GLN E 187 43.52 -1.73 -23.97
C GLN E 187 43.58 -0.42 -23.18
N PRO E 188 42.75 0.54 -23.58
CA PRO E 188 42.94 1.95 -23.23
C PRO E 188 43.02 2.20 -21.73
N ASP E 189 42.45 1.32 -20.93
CA ASP E 189 42.36 1.54 -19.49
C ASP E 189 43.66 1.22 -18.76
N ALA E 190 44.61 0.60 -19.45
CA ALA E 190 45.89 0.26 -18.83
C ALA E 190 46.88 1.44 -18.78
N TRP E 191 46.45 2.60 -19.24
CA TRP E 191 47.37 3.72 -19.52
C TRP E 191 47.54 4.76 -18.39
N THR E 192 48.32 5.81 -18.67
CA THR E 192 48.49 7.02 -17.82
C THR E 192 49.17 8.16 -18.59
N GLY E 196 46.29 9.00 -22.63
CA GLY E 196 46.66 9.62 -23.90
C GLY E 196 46.97 8.61 -24.98
N PHE E 197 45.99 7.75 -25.25
CA PHE E 197 46.07 6.69 -26.27
C PHE E 197 45.30 7.10 -27.52
N HIS E 198 45.03 8.40 -27.64
CA HIS E 198 44.22 8.95 -28.72
C HIS E 198 45.06 9.38 -29.92
N ALA E 199 46.38 9.27 -29.80
CA ALA E 199 47.29 9.74 -30.84
C ALA E 199 48.00 8.60 -31.59
N ILE E 200 47.38 7.42 -31.61
CA ILE E 200 47.96 6.24 -32.26
C ILE E 200 47.79 6.30 -33.78
N GLY E 201 46.64 6.80 -34.23
CA GLY E 201 46.34 6.97 -35.65
C GLY E 201 47.05 8.15 -36.31
N GLN E 202 48.11 8.62 -35.65
CA GLN E 202 48.96 9.70 -36.12
C GLN E 202 50.30 9.10 -36.54
N MET E 203 50.72 8.07 -35.79
CA MET E 203 51.92 7.29 -36.09
C MET E 203 51.61 6.21 -37.14
N CYS E 204 50.33 6.05 -37.47
CA CYS E 204 49.84 4.90 -38.22
C CYS E 204 48.54 5.24 -38.94
N GLU E 205 48.26 4.55 -40.05
CA GLU E 205 46.98 4.74 -40.76
C GLU E 205 46.19 3.43 -40.80
N ALA E 206 45.46 3.17 -39.70
CA ALA E 206 44.69 1.92 -39.53
C ALA E 206 43.72 2.09 -38.34
N PRO E 207 42.61 1.34 -38.34
CA PRO E 207 41.62 1.45 -37.27
C PRO E 207 42.17 0.98 -35.92
N VAL E 208 41.91 1.75 -34.88
CA VAL E 208 42.37 1.42 -33.54
C VAL E 208 41.16 0.99 -32.72
N VAL E 209 41.15 -0.27 -32.30
CA VAL E 209 40.03 -0.79 -31.54
C VAL E 209 40.42 -1.17 -30.12
N THR E 210 39.43 -1.24 -29.23
CA THR E 210 39.65 -1.76 -27.88
C THR E 210 39.93 -3.27 -27.92
N ARG E 211 40.67 -3.75 -26.94
CA ARG E 211 40.99 -5.17 -26.80
C ARG E 211 39.72 -6.02 -26.76
N GLU E 212 38.64 -5.40 -26.28
CA GLU E 212 37.34 -6.05 -26.15
C GLU E 212 36.81 -6.55 -27.48
N TRP E 213 37.35 -6.03 -28.57
CA TRP E 213 37.03 -6.53 -29.91
C TRP E 213 37.52 -7.95 -30.07
N VAL E 214 38.80 -8.16 -29.82
CA VAL E 214 39.41 -9.48 -29.90
C VAL E 214 38.61 -10.47 -29.05
N LEU E 215 38.43 -10.12 -27.77
CA LEU E 215 37.75 -10.99 -26.80
C LEU E 215 36.27 -11.30 -27.14
N ASP E 216 35.54 -10.33 -27.65
CA ASP E 216 34.14 -10.54 -28.04
C ASP E 216 34.00 -11.36 -29.31
N SER E 217 35.04 -11.35 -30.14
CA SER E 217 35.06 -12.13 -31.37
C SER E 217 35.57 -13.55 -31.15
N VAL E 218 35.82 -13.90 -29.89
CA VAL E 218 36.25 -15.25 -29.56
C VAL E 218 35.14 -15.98 -28.83
N ALA E 219 34.56 -15.35 -27.82
CA ALA E 219 33.45 -15.93 -27.05
C ALA E 219 32.31 -16.31 -27.99
N LEU E 220 32.03 -15.41 -28.93
CA LEU E 220 31.24 -15.71 -30.12
C LEU E 220 32.26 -15.93 -31.22
N TYR E 221 32.44 -17.17 -31.69
CA TYR E 221 33.45 -17.44 -32.72
C TYR E 221 33.03 -16.86 -34.07
N GLN E 222 33.06 -15.55 -34.14
CA GLN E 222 32.81 -14.80 -35.37
C GLN E 222 33.40 -13.40 -35.27
N CYS E 223 34.04 -12.97 -36.35
CA CYS E 223 34.70 -11.67 -36.43
C CYS E 223 33.66 -10.55 -36.36
N GLN E 224 33.79 -9.70 -35.34
CA GLN E 224 32.84 -8.60 -35.12
C GLN E 224 33.34 -7.33 -35.81
N GLU E 225 32.41 -6.51 -36.31
CA GLU E 225 32.78 -5.26 -36.98
C GLU E 225 33.38 -4.26 -36.00
N LEU E 226 34.28 -3.41 -36.53
CA LEU E 226 35.16 -2.57 -35.70
C LEU E 226 34.50 -1.32 -35.11
N ASP E 227 33.30 -0.97 -35.56
CA ASP E 227 32.71 0.33 -35.24
C ASP E 227 32.31 0.60 -33.78
N THR E 228 31.85 -0.41 -33.05
CA THR E 228 31.53 -0.22 -31.63
C THR E 228 32.79 -0.27 -30.76
N TYR E 229 33.83 -0.93 -31.26
CA TYR E 229 35.07 -1.12 -30.52
C TYR E 229 36.12 -0.07 -30.84
N LEU E 230 36.02 0.53 -32.03
CA LEU E 230 36.95 1.56 -32.47
C LEU E 230 37.01 2.66 -31.41
N ILE E 231 38.22 3.10 -31.07
CA ILE E 231 38.37 4.11 -30.03
C ILE E 231 38.85 5.44 -30.60
N PRO E 232 38.08 6.51 -30.36
CA PRO E 232 38.34 7.84 -30.92
C PRO E 232 39.80 8.28 -30.96
N GLN E 233 40.11 9.11 -31.95
CA GLN E 233 41.50 9.54 -32.21
C GLN E 233 41.62 11.06 -32.42
N ILE E 234 42.80 11.60 -32.10
CA ILE E 234 43.09 13.02 -32.33
C ILE E 234 43.75 13.18 -33.70
N PRO E 235 43.18 14.05 -34.54
CA PRO E 235 43.60 14.16 -35.95
C PRO E 235 45.05 14.61 -36.13
N ARG F 25 -32.42 -50.44 18.81
CA ARG F 25 -33.04 -49.10 18.98
C ARG F 25 -33.45 -48.43 17.66
N MET F 26 -34.75 -48.19 17.50
CA MET F 26 -35.29 -47.37 16.40
C MET F 26 -36.34 -46.37 16.90
N SER F 27 -35.87 -45.15 17.20
CA SER F 27 -36.77 -44.07 17.60
C SER F 27 -36.82 -43.05 16.47
N MET F 28 -38.03 -42.71 16.03
CA MET F 28 -38.22 -41.84 14.88
C MET F 28 -38.96 -40.54 15.19
N VAL F 29 -38.80 -39.55 14.31
CA VAL F 29 -39.52 -38.26 14.41
C VAL F 29 -40.02 -37.84 13.03
N VAL F 30 -41.10 -37.07 13.00
CA VAL F 30 -41.67 -36.60 11.75
C VAL F 30 -41.50 -35.08 11.60
N SER F 31 -41.42 -34.63 10.35
CA SER F 31 -41.15 -33.23 10.03
C SER F 31 -41.62 -32.90 8.61
N GLY F 32 -42.39 -31.83 8.48
CA GLY F 32 -42.95 -31.40 7.19
C GLY F 32 -44.27 -32.09 6.88
N LEU F 33 -44.88 -32.67 7.91
CA LEU F 33 -46.08 -33.47 7.74
C LEU F 33 -47.34 -32.79 8.29
N THR F 34 -48.45 -32.96 7.56
CA THR F 34 -49.76 -32.48 8.02
C THR F 34 -50.29 -33.41 9.11
N PRO F 35 -51.21 -32.90 9.94
CA PRO F 35 -51.80 -33.70 11.02
C PRO F 35 -52.41 -35.04 10.56
N GLU F 36 -53.06 -35.05 9.41
CA GLU F 36 -53.62 -36.28 8.82
C GLU F 36 -52.54 -37.23 8.30
N GLU F 37 -51.46 -36.64 7.78
CA GLU F 37 -50.28 -37.41 7.38
C GLU F 37 -49.57 -37.95 8.61
N PHE F 38 -49.60 -37.19 9.69
CA PHE F 38 -48.98 -37.59 10.96
C PHE F 38 -49.68 -38.81 11.54
N MET F 39 -51.01 -38.83 11.42
CA MET F 39 -51.83 -39.94 11.86
C MET F 39 -51.39 -41.27 11.24
N LEU F 40 -51.13 -41.24 9.94
CA LEU F 40 -50.71 -42.44 9.20
C LEU F 40 -49.34 -42.96 9.62
N VAL F 41 -48.47 -42.06 10.06
CA VAL F 41 -47.14 -42.44 10.59
C VAL F 41 -47.28 -42.99 12.02
N TYR F 42 -48.23 -42.43 12.78
CA TYR F 42 -48.50 -42.91 14.14
C TYR F 42 -49.07 -44.32 14.09
N LYS F 43 -50.00 -44.54 13.16
CA LYS F 43 -50.62 -45.86 12.98
C LYS F 43 -49.61 -46.88 12.46
N PHE F 44 -48.62 -46.40 11.71
CA PHE F 44 -47.53 -47.24 11.21
C PHE F 44 -46.49 -47.56 12.29
N ALA F 45 -46.13 -46.56 13.10
CA ALA F 45 -45.17 -46.74 14.18
C ALA F 45 -45.74 -47.66 15.27
N ARG F 46 -47.07 -47.59 15.44
CA ARG F 46 -47.80 -48.37 16.43
C ARG F 46 -47.91 -49.85 16.05
N LYS F 47 -48.17 -50.11 14.78
CA LYS F 47 -48.32 -51.48 14.25
C LYS F 47 -46.98 -52.24 14.17
N HIS F 48 -45.88 -51.50 14.03
CA HIS F 48 -44.55 -52.10 13.91
C HIS F 48 -43.65 -51.85 15.15
N HIS F 49 -44.29 -51.55 16.29
CA HIS F 49 -43.62 -51.32 17.58
C HIS F 49 -42.55 -50.20 17.60
N ILE F 50 -42.50 -49.39 16.54
CA ILE F 50 -41.48 -48.33 16.41
C ILE F 50 -41.75 -47.16 17.36
N THR F 51 -40.73 -46.75 18.12
CA THR F 51 -40.83 -45.59 19.00
C THR F 51 -40.87 -44.30 18.18
N LEU F 52 -41.97 -43.56 18.31
CA LEU F 52 -42.14 -42.31 17.57
C LEU F 52 -42.23 -41.10 18.51
N THR F 53 -41.20 -40.26 18.45
CA THR F 53 -41.15 -39.04 19.24
C THR F 53 -41.65 -37.86 18.37
N ASN F 54 -42.03 -36.76 19.01
CA ASN F 54 -42.44 -35.56 18.27
C ASN F 54 -41.34 -34.49 18.17
N LEU F 55 -40.39 -34.53 19.09
CA LEU F 55 -39.23 -33.64 19.05
C LEU F 55 -37.92 -34.44 19.09
N ILE F 56 -37.01 -34.11 18.18
CA ILE F 56 -35.75 -34.86 18.01
C ILE F 56 -34.81 -34.76 19.22
N THR F 57 -34.38 -35.91 19.72
CA THR F 57 -33.43 -36.00 20.83
C THR F 57 -32.17 -36.74 20.39
N GLU F 58 -31.29 -37.03 21.35
CA GLU F 58 -30.10 -37.84 21.08
C GLU F 58 -30.46 -39.29 20.75
N GLU F 59 -31.67 -39.68 21.14
CA GLU F 59 -32.12 -41.06 20.97
C GLU F 59 -32.94 -41.28 19.70
N THR F 60 -33.13 -40.21 18.92
CA THR F 60 -33.79 -40.30 17.62
C THR F 60 -32.82 -40.84 16.56
N THR F 61 -33.24 -41.89 15.86
CA THR F 61 -32.40 -42.51 14.83
C THR F 61 -32.94 -42.27 13.42
N HIS F 62 -34.25 -42.05 13.32
CA HIS F 62 -34.92 -41.88 12.03
C HIS F 62 -35.72 -40.57 11.94
N VAL F 63 -35.38 -39.74 10.96
CA VAL F 63 -36.02 -38.44 10.74
C VAL F 63 -36.75 -38.45 9.39
N VAL F 64 -38.07 -38.64 9.45
CA VAL F 64 -38.90 -38.79 8.26
C VAL F 64 -39.34 -37.42 7.72
N MET F 65 -39.08 -37.19 6.44
CA MET F 65 -39.31 -35.89 5.79
C MET F 65 -40.33 -36.00 4.67
N LYS F 66 -41.16 -34.96 4.51
CA LYS F 66 -42.13 -34.89 3.41
C LYS F 66 -41.43 -34.57 2.07
N THR F 67 -41.48 -35.52 1.14
CA THR F 67 -40.69 -35.46 -0.09
C THR F 67 -41.53 -35.50 -1.38
N ASP F 68 -40.88 -35.39 -2.53
CA ASP F 68 -41.58 -35.26 -3.81
C ASP F 68 -41.18 -36.27 -4.91
N ALA F 69 -40.83 -37.48 -4.51
CA ALA F 69 -40.41 -38.56 -5.42
C ALA F 69 -39.22 -38.19 -6.32
N PHE F 71 -38.10 -36.96 -3.55
CA PHE F 71 -37.12 -37.06 -2.49
C PHE F 71 -36.46 -35.71 -2.22
N VAL F 72 -37.20 -34.65 -2.55
CA VAL F 72 -36.82 -33.29 -2.20
C VAL F 72 -37.80 -32.75 -1.16
N CYS F 73 -37.25 -32.39 -0.01
CA CYS F 73 -38.01 -31.83 1.09
C CYS F 73 -37.75 -30.32 1.23
N GLU F 74 -38.28 -29.75 2.31
CA GLU F 74 -38.06 -28.35 2.64
C GLU F 74 -36.83 -28.21 3.54
N ARG F 75 -36.69 -27.02 4.14
CA ARG F 75 -35.64 -26.75 5.09
C ARG F 75 -36.25 -26.57 6.49
N THR F 76 -36.16 -27.60 7.32
CA THR F 76 -36.71 -27.58 8.67
C THR F 76 -35.65 -27.86 9.73
N LEU F 77 -35.93 -27.48 10.98
CA LEU F 77 -34.98 -27.64 12.08
C LEU F 77 -34.65 -29.11 12.36
N LYS F 78 -35.67 -29.96 12.24
CA LYS F 78 -35.52 -31.40 12.40
C LYS F 78 -34.67 -31.98 11.26
N TYR F 79 -34.77 -31.36 10.09
CA TYR F 79 -34.01 -31.76 8.93
C TYR F 79 -32.52 -31.56 9.13
N PHE F 80 -32.14 -30.33 9.50
CA PHE F 80 -30.76 -29.98 9.77
C PHE F 80 -30.16 -30.94 10.80
N LEU F 81 -30.85 -31.06 11.94
CA LEU F 81 -30.39 -31.88 13.05
C LEU F 81 -30.37 -33.38 12.74
N GLY F 82 -31.15 -33.77 11.73
CA GLY F 82 -31.12 -35.14 11.21
C GLY F 82 -29.83 -35.44 10.49
N ILE F 83 -29.38 -34.50 9.66
CA ILE F 83 -28.10 -34.61 8.98
C ILE F 83 -26.97 -34.41 9.99
N ALA F 84 -27.14 -33.44 10.89
CA ALA F 84 -26.14 -33.13 11.91
C ALA F 84 -25.74 -34.37 12.70
N GLY F 85 -26.72 -35.01 13.34
CA GLY F 85 -26.48 -36.17 14.19
C GLY F 85 -26.12 -37.44 13.43
N GLY F 86 -26.14 -37.36 12.11
CA GLY F 86 -25.81 -38.49 11.23
C GLY F 86 -26.89 -39.55 11.22
N LYS F 87 -28.11 -39.14 11.48
CA LYS F 87 -29.25 -40.06 11.55
C LYS F 87 -29.75 -40.43 10.16
N TRP F 88 -30.66 -41.40 10.09
CA TRP F 88 -31.34 -41.76 8.85
C TRP F 88 -32.34 -40.67 8.49
N VAL F 89 -32.08 -39.94 7.40
CA VAL F 89 -33.01 -38.93 6.94
C VAL F 89 -33.78 -39.49 5.74
N VAL F 90 -34.94 -40.06 6.05
CA VAL F 90 -35.68 -40.87 5.12
C VAL F 90 -36.91 -40.11 4.61
N SER F 91 -37.36 -40.45 3.41
CA SER F 91 -38.56 -39.86 2.81
C SER F 91 -39.86 -40.27 3.51
N TYR F 92 -40.95 -39.54 3.23
CA TYR F 92 -42.28 -39.91 3.72
C TYR F 92 -42.84 -41.12 2.96
N PHE F 93 -42.50 -41.25 1.69
CA PHE F 93 -43.00 -42.35 0.86
C PHE F 93 -42.61 -43.73 1.38
N TRP F 94 -41.46 -43.80 2.06
CA TRP F 94 -41.01 -45.02 2.74
C TRP F 94 -42.13 -45.66 3.56
N VAL F 95 -42.87 -44.84 4.29
CA VAL F 95 -44.01 -45.27 5.09
C VAL F 95 -45.21 -45.62 4.20
N THR F 96 -45.50 -44.79 3.21
CA THR F 96 -46.64 -45.02 2.29
C THR F 96 -46.32 -45.99 1.16
N GLN F 97 -45.12 -46.54 1.17
CA GLN F 97 -44.74 -47.62 0.26
C GLN F 97 -44.57 -48.92 1.05
N SER F 98 -44.51 -48.80 2.37
CA SER F 98 -44.53 -49.97 3.27
C SER F 98 -45.93 -50.31 3.76
N ILE F 99 -46.81 -49.31 3.81
CA ILE F 99 -48.23 -49.55 4.07
C ILE F 99 -48.93 -49.93 2.76
N LYS F 100 -48.62 -49.19 1.68
CA LYS F 100 -49.26 -49.43 0.38
C LYS F 100 -48.74 -50.70 -0.32
N GLU F 101 -47.59 -51.21 0.13
CA GLU F 101 -47.14 -52.54 -0.27
C GLU F 101 -47.67 -53.56 0.73
N ARG F 102 -47.03 -53.64 1.90
CA ARG F 102 -47.45 -54.49 3.02
C ARG F 102 -46.35 -54.58 4.06
N LYS F 103 -45.21 -55.14 3.64
CA LYS F 103 -44.09 -55.38 4.53
C LYS F 103 -43.23 -54.13 4.72
N MET F 104 -42.49 -54.12 5.84
CA MET F 104 -41.46 -53.10 6.09
C MET F 104 -40.37 -53.18 5.02
N LEU F 105 -39.93 -52.02 4.56
CA LEU F 105 -38.89 -51.94 3.53
C LEU F 105 -37.56 -51.47 4.11
N ASN F 106 -36.52 -51.48 3.28
CA ASN F 106 -35.21 -50.95 3.65
C ASN F 106 -35.21 -49.44 3.49
N GLU F 107 -34.72 -48.74 4.51
CA GLU F 107 -34.67 -47.27 4.53
C GLU F 107 -33.57 -46.75 3.60
N HIS F 108 -32.73 -47.69 3.13
CA HIS F 108 -31.51 -47.38 2.39
C HIS F 108 -31.74 -46.64 1.08
N ASP F 109 -32.75 -47.04 0.33
CA ASP F 109 -33.07 -46.40 -0.95
C ASP F 109 -34.28 -45.44 -0.90
N PHE F 110 -34.74 -45.13 0.30
CA PHE F 110 -35.76 -44.09 0.49
C PHE F 110 -35.21 -42.87 1.22
N GLU F 111 -33.91 -42.65 1.08
CA GLU F 111 -33.22 -41.51 1.70
C GLU F 111 -33.37 -40.25 0.85
N VAL F 112 -33.55 -39.11 1.52
CA VAL F 112 -33.75 -37.81 0.87
C VAL F 112 -32.49 -37.31 0.15
N ARG F 113 -32.66 -36.66 -0.99
CA ARG F 113 -31.54 -36.24 -1.83
C ARG F 113 -31.29 -34.72 -1.83
N GLY F 114 -32.11 -33.94 -1.10
CA GLY F 114 -31.91 -32.48 -1.08
C GLY F 114 -33.08 -31.61 -0.66
N ASP F 115 -33.02 -30.33 -1.05
CA ASP F 115 -33.96 -29.29 -0.59
C ASP F 115 -34.02 -28.03 -1.47
N VAL F 116 -33.14 -27.07 -1.20
CA VAL F 116 -33.01 -25.81 -1.96
C VAL F 116 -31.64 -25.17 -1.77
N VAL F 117 -30.86 -25.68 -0.81
CA VAL F 117 -29.42 -25.47 -0.80
C VAL F 117 -28.86 -26.28 -1.95
N ASN F 118 -28.91 -27.60 -1.80
CA ASN F 118 -28.67 -28.52 -2.90
C ASN F 118 -29.93 -28.78 -3.69
N GLY F 119 -29.76 -28.97 -5.00
CA GLY F 119 -30.89 -29.32 -5.87
C GLY F 119 -31.42 -30.70 -5.58
N ARG F 120 -32.30 -31.16 -6.46
CA ARG F 120 -32.84 -32.52 -6.43
C ARG F 120 -31.87 -33.61 -6.02
N ASN F 121 -30.58 -33.39 -6.28
CA ASN F 121 -29.62 -34.50 -6.44
C ASN F 121 -28.62 -34.76 -5.31
N HIS F 122 -27.95 -33.72 -4.82
CA HIS F 122 -26.82 -33.88 -3.92
C HIS F 122 -27.15 -34.59 -2.60
N GLN F 123 -26.61 -35.80 -2.45
CA GLN F 123 -27.00 -36.70 -1.35
C GLN F 123 -26.38 -36.34 0.02
N GLY F 124 -26.68 -35.13 0.48
CA GLY F 124 -26.22 -34.63 1.79
C GLY F 124 -26.34 -35.60 2.95
N PRO F 125 -27.56 -36.00 3.29
CA PRO F 125 -27.81 -36.96 4.37
C PRO F 125 -27.02 -38.26 4.24
N LYS F 126 -26.76 -38.69 3.00
CA LYS F 126 -25.96 -39.89 2.78
C LYS F 126 -24.53 -39.67 3.24
N ARG F 127 -23.95 -38.53 2.85
CA ARG F 127 -22.59 -38.15 3.29
C ARG F 127 -22.51 -38.04 4.81
N ALA F 128 -23.63 -37.66 5.42
CA ALA F 128 -23.68 -37.37 6.86
C ALA F 128 -23.37 -38.59 7.74
N ARG F 129 -24.16 -39.66 7.58
CA ARG F 129 -23.91 -40.91 8.30
C ARG F 129 -22.77 -41.71 7.70
N GLU F 130 -22.41 -41.37 6.45
CA GLU F 130 -21.29 -41.97 5.75
C GLU F 130 -19.97 -41.40 6.31
N SER F 131 -19.81 -40.09 6.18
CA SER F 131 -18.60 -39.40 6.62
C SER F 131 -18.67 -39.01 8.09
N GLN F 132 -18.95 -40.00 8.93
CA GLN F 132 -18.85 -39.84 10.37
C GLN F 132 -17.38 -39.98 10.77
N ASP F 133 -16.61 -40.56 9.85
CA ASP F 133 -15.14 -40.64 9.92
C ASP F 133 -14.54 -39.41 10.60
N ARG F 134 -14.74 -38.24 9.99
CA ARG F 134 -14.43 -36.96 10.64
C ARG F 134 -15.49 -35.89 10.37
N LYS F 135 -15.83 -35.14 11.41
CA LYS F 135 -16.85 -34.10 11.34
C LYS F 135 -16.33 -32.84 10.65
N ILE F 136 -17.25 -32.09 10.04
CA ILE F 136 -16.90 -30.92 9.21
C ILE F 136 -16.31 -29.73 9.98
N PHE F 137 -16.98 -29.31 11.06
CA PHE F 137 -16.49 -28.18 11.86
C PHE F 137 -15.42 -28.64 12.87
N ARG F 138 -14.54 -29.53 12.44
CA ARG F 138 -13.66 -30.25 13.38
C ARG F 138 -12.72 -29.38 14.22
N GLY F 139 -11.94 -28.52 13.57
CA GLY F 139 -10.91 -27.77 14.25
C GLY F 139 -11.27 -26.33 14.58
N LEU F 140 -12.56 -26.08 14.82
CA LEU F 140 -13.05 -24.71 14.96
C LEU F 140 -14.01 -24.44 16.11
N GLU F 141 -13.99 -23.20 16.58
CA GLU F 141 -14.89 -22.70 17.62
C GLU F 141 -15.93 -21.75 17.05
N ILE F 142 -17.15 -21.88 17.54
CA ILE F 142 -18.26 -21.07 17.07
C ILE F 142 -19.04 -20.48 18.23
N CYS F 143 -19.26 -19.17 18.17
CA CYS F 143 -20.15 -18.49 19.09
C CYS F 143 -21.46 -18.17 18.37
N CYS F 144 -22.58 -18.61 18.96
CA CYS F 144 -23.89 -18.28 18.42
C CYS F 144 -24.39 -16.98 19.06
N TYR F 145 -23.90 -15.87 18.50
CA TYR F 145 -24.10 -14.54 19.05
C TYR F 145 -25.41 -13.92 18.62
N GLY F 146 -26.10 -13.31 19.59
CA GLY F 146 -27.28 -12.52 19.32
C GLY F 146 -28.54 -13.32 19.05
N PRO F 147 -29.60 -12.62 18.66
CA PRO F 147 -30.92 -13.23 18.47
C PRO F 147 -31.03 -14.11 17.24
N PHE F 148 -31.98 -15.05 17.29
CA PHE F 148 -32.35 -15.88 16.15
C PHE F 148 -33.88 -16.02 16.07
N THR F 149 -34.40 -16.37 14.90
CA THR F 149 -35.85 -16.39 14.68
C THR F 149 -36.54 -17.69 15.14
N ASN F 150 -36.70 -18.65 14.22
CA ASN F 150 -37.43 -19.89 14.46
C ASN F 150 -36.50 -21.06 14.79
N MET F 151 -35.39 -20.73 15.44
CA MET F 151 -34.42 -21.73 15.86
C MET F 151 -33.77 -21.23 17.15
N PRO F 152 -33.96 -21.98 18.24
CA PRO F 152 -33.42 -21.61 19.55
C PRO F 152 -31.90 -21.69 19.53
N THR F 153 -31.25 -20.76 20.22
CA THR F 153 -29.79 -20.63 20.15
C THR F 153 -29.07 -21.93 20.50
N ASP F 154 -29.51 -22.58 21.59
CA ASP F 154 -28.90 -23.83 22.05
C ASP F 154 -29.06 -24.96 21.03
N GLN F 155 -30.17 -24.95 20.29
CA GLN F 155 -30.43 -25.96 19.28
C GLN F 155 -29.54 -25.75 18.07
N LEU F 156 -29.21 -24.49 17.81
CA LEU F 156 -28.21 -24.15 16.79
C LEU F 156 -26.79 -24.47 17.31
N GLU F 157 -26.62 -24.37 18.62
CA GLU F 157 -25.35 -24.74 19.25
C GLU F 157 -25.15 -26.25 19.24
N TRP F 158 -26.23 -27.00 19.49
CA TRP F 158 -26.19 -28.47 19.44
C TRP F 158 -25.93 -28.98 18.03
N MET F 159 -26.41 -28.22 17.04
CA MET F 159 -26.21 -28.53 15.62
C MET F 159 -24.74 -28.33 15.25
N VAL F 160 -24.18 -27.20 15.67
CA VAL F 160 -22.76 -26.89 15.49
C VAL F 160 -21.89 -27.89 16.25
N GLN F 161 -22.34 -28.31 17.43
CA GLN F 161 -21.63 -29.33 18.21
C GLN F 161 -21.65 -30.72 17.55
N LEU F 162 -22.73 -31.05 16.86
CA LEU F 162 -22.87 -32.35 16.18
C LEU F 162 -22.03 -32.47 14.90
N CYS F 163 -21.63 -31.31 14.37
CA CYS F 163 -20.65 -31.27 13.29
C CYS F 163 -19.23 -31.12 13.85
N GLY F 164 -19.12 -31.21 15.18
CA GLY F 164 -17.83 -31.30 15.86
C GLY F 164 -17.15 -29.99 16.21
N ALA F 165 -17.93 -28.92 16.31
CA ALA F 165 -17.36 -27.62 16.66
C ALA F 165 -17.48 -27.33 18.16
N SER F 166 -16.47 -26.67 18.70
CA SER F 166 -16.49 -26.22 20.08
C SER F 166 -17.37 -24.98 20.19
N VAL F 167 -18.29 -24.97 21.15
CA VAL F 167 -19.20 -23.83 21.33
C VAL F 167 -18.73 -22.85 22.40
N VAL F 168 -18.65 -21.58 22.00
CA VAL F 168 -18.23 -20.48 22.86
C VAL F 168 -19.50 -19.72 23.32
N LYS F 169 -19.48 -19.24 24.56
CA LYS F 169 -20.61 -18.48 25.13
C LYS F 169 -20.44 -16.96 24.91
N GLU F 170 -19.25 -16.45 25.19
CA GLU F 170 -18.96 -15.01 25.12
C GLU F 170 -17.86 -14.73 24.10
N LEU F 171 -17.89 -13.52 23.53
CA LEU F 171 -16.86 -13.06 22.58
C LEU F 171 -15.50 -12.83 23.25
N SER F 172 -15.51 -12.76 24.58
CA SER F 172 -14.28 -12.64 25.35
C SER F 172 -13.80 -14.01 25.83
N SER F 173 -14.62 -15.05 25.57
CA SER F 173 -14.31 -16.39 26.03
C SER F 173 -13.78 -17.30 24.90
N PHE F 174 -13.28 -16.67 23.83
CA PHE F 174 -12.62 -17.38 22.73
C PHE F 174 -11.20 -17.80 23.13
N THR F 175 -10.72 -18.91 22.57
CA THR F 175 -9.39 -19.41 22.88
C THR F 175 -8.30 -18.62 22.16
N LEU F 176 -7.28 -18.22 22.91
CA LEU F 176 -6.12 -17.52 22.37
C LEU F 176 -5.18 -18.48 21.61
N GLY F 177 -5.38 -19.77 21.85
CA GLY F 177 -4.56 -20.84 21.29
C GLY F 177 -4.52 -20.91 19.77
N THR F 178 -3.33 -21.19 19.24
CA THR F 178 -3.08 -21.21 17.81
C THR F 178 -3.84 -22.34 17.09
N GLY F 179 -3.83 -23.52 17.71
CA GLY F 179 -4.37 -24.73 17.09
C GLY F 179 -5.88 -24.79 16.92
N VAL F 180 -6.55 -23.64 16.95
CA VAL F 180 -8.00 -23.58 16.78
C VAL F 180 -8.46 -22.32 16.04
N HIS F 181 -9.52 -22.46 15.24
CA HIS F 181 -10.07 -21.38 14.44
C HIS F 181 -11.33 -20.77 15.06
N PRO F 182 -11.28 -19.47 15.37
CA PRO F 182 -12.45 -18.76 15.89
C PRO F 182 -13.41 -18.39 14.76
N ILE F 183 -14.71 -18.54 15.01
CA ILE F 183 -15.75 -18.04 14.10
C ILE F 183 -16.92 -17.52 14.93
N VAL F 184 -17.58 -16.47 14.42
CA VAL F 184 -18.77 -15.89 15.05
C VAL F 184 -19.97 -16.01 14.10
N VAL F 185 -21.09 -16.53 14.60
CA VAL F 185 -22.29 -16.75 13.77
C VAL F 185 -23.48 -15.90 14.24
N VAL F 186 -24.13 -15.22 13.31
CA VAL F 186 -25.20 -14.27 13.63
C VAL F 186 -26.34 -14.30 12.61
N GLN F 187 -27.57 -14.04 13.08
CA GLN F 187 -28.76 -13.97 12.22
C GLN F 187 -29.33 -12.54 12.23
N PRO F 188 -28.84 -11.71 11.31
CA PRO F 188 -29.10 -10.25 11.31
C PRO F 188 -30.54 -9.78 11.05
N ASP F 189 -31.48 -10.70 10.84
CA ASP F 189 -32.89 -10.36 10.67
C ASP F 189 -33.52 -10.04 12.01
N ALA F 190 -33.13 -10.82 13.02
CA ALA F 190 -33.74 -10.80 14.34
C ALA F 190 -33.23 -9.66 15.22
N TRP F 191 -32.27 -8.90 14.72
CA TRP F 191 -31.75 -7.74 15.44
C TRP F 191 -32.79 -6.60 15.44
N THR F 192 -33.38 -6.38 16.61
CA THR F 192 -34.46 -5.42 16.77
C THR F 192 -34.11 -4.34 17.81
N GLY F 196 -26.66 -3.00 13.42
CA GLY F 196 -25.95 -3.02 14.68
C GLY F 196 -25.08 -4.26 14.88
N PHE F 197 -25.25 -5.22 13.98
CA PHE F 197 -24.47 -6.46 14.00
C PHE F 197 -23.14 -6.28 13.27
N HIS F 198 -22.85 -5.03 12.89
CA HIS F 198 -21.67 -4.68 12.12
C HIS F 198 -20.45 -4.36 13.01
N ALA F 199 -20.70 -4.16 14.29
CA ALA F 199 -19.64 -3.74 15.22
C ALA F 199 -18.97 -4.90 15.95
N ILE F 200 -19.46 -6.12 15.71
CA ILE F 200 -18.97 -7.33 16.38
C ILE F 200 -17.48 -7.56 16.14
N GLY F 201 -16.99 -7.15 14.97
CA GLY F 201 -15.58 -7.25 14.62
C GLY F 201 -14.63 -6.57 15.59
N GLN F 202 -15.11 -5.49 16.21
CA GLN F 202 -14.31 -4.74 17.18
C GLN F 202 -14.06 -5.52 18.46
N MET F 203 -15.12 -6.10 19.02
CA MET F 203 -15.07 -6.79 20.32
C MET F 203 -14.18 -8.04 20.33
N CYS F 204 -14.10 -8.74 19.21
CA CYS F 204 -13.20 -9.88 19.03
C CYS F 204 -12.82 -10.08 17.57
N GLU F 205 -11.54 -10.34 17.32
CA GLU F 205 -11.04 -10.51 15.95
C GLU F 205 -11.28 -11.94 15.43
N ALA F 206 -12.55 -12.24 15.14
CA ALA F 206 -12.94 -13.49 14.51
C ALA F 206 -13.86 -13.21 13.32
N PRO F 207 -13.83 -14.06 12.29
CA PRO F 207 -14.71 -13.88 11.15
C PRO F 207 -16.18 -13.94 11.58
N VAL F 208 -16.99 -13.07 10.99
CA VAL F 208 -18.40 -12.97 11.34
C VAL F 208 -19.24 -13.34 10.13
N VAL F 209 -19.96 -14.45 10.21
CA VAL F 209 -20.79 -14.93 9.11
C VAL F 209 -22.27 -14.99 9.44
N THR F 210 -23.10 -15.04 8.41
CA THR F 210 -24.54 -15.23 8.57
C THR F 210 -24.83 -16.66 9.00
N ARG F 211 -25.95 -16.86 9.70
CA ARG F 211 -26.39 -18.19 10.16
C ARG F 211 -26.51 -19.18 9.00
N GLU F 212 -26.79 -18.65 7.80
CA GLU F 212 -26.92 -19.45 6.59
C GLU F 212 -25.67 -20.28 6.27
N TRP F 213 -24.54 -19.90 6.86
CA TRP F 213 -23.30 -20.66 6.71
C TRP F 213 -23.42 -22.02 7.41
N VAL F 214 -24.00 -22.00 8.62
CA VAL F 214 -24.27 -23.23 9.36
C VAL F 214 -25.17 -24.11 8.50
N LEU F 215 -26.28 -23.53 8.06
CA LEU F 215 -27.35 -24.25 7.36
C LEU F 215 -26.89 -24.92 6.06
N ASP F 216 -26.27 -24.14 5.18
CA ASP F 216 -25.79 -24.65 3.89
C ASP F 216 -24.67 -25.67 4.04
N SER F 217 -23.91 -25.58 5.13
CA SER F 217 -22.76 -26.45 5.33
C SER F 217 -23.14 -27.79 5.96
N VAL F 218 -24.23 -27.79 6.72
CA VAL F 218 -24.78 -29.02 7.29
C VAL F 218 -25.65 -29.72 6.25
N ALA F 219 -26.46 -28.94 5.53
CA ALA F 219 -27.32 -29.49 4.47
C ALA F 219 -26.55 -30.29 3.42
N LEU F 220 -25.37 -29.79 3.04
CA LEU F 220 -24.52 -30.48 2.04
C LEU F 220 -23.56 -31.46 2.71
N TYR F 221 -23.42 -31.34 4.03
CA TYR F 221 -22.37 -32.01 4.82
C TYR F 221 -20.96 -31.94 4.20
N GLN F 222 -20.50 -30.71 4.02
CA GLN F 222 -19.12 -30.42 3.66
C GLN F 222 -18.79 -29.00 4.12
N CYS F 223 -17.65 -28.86 4.80
CA CYS F 223 -17.22 -27.57 5.33
C CYS F 223 -17.17 -26.51 4.24
N GLN F 224 -17.91 -25.43 4.45
CA GLN F 224 -18.02 -24.34 3.48
C GLN F 224 -17.10 -23.17 3.83
N GLU F 225 -16.37 -22.68 2.84
CA GLU F 225 -15.55 -21.47 2.96
C GLU F 225 -16.39 -20.26 3.38
N LEU F 226 -15.76 -19.33 4.08
CA LEU F 226 -16.46 -18.22 4.73
C LEU F 226 -16.76 -17.04 3.81
N ASP F 227 -16.29 -17.13 2.57
CA ASP F 227 -16.35 -16.01 1.62
C ASP F 227 -17.72 -15.33 1.53
N THR F 228 -18.71 -16.03 0.97
CA THR F 228 -20.03 -15.43 0.68
C THR F 228 -20.81 -15.07 1.94
N TYR F 229 -20.64 -15.86 2.99
CA TYR F 229 -21.44 -15.73 4.20
C TYR F 229 -20.99 -14.60 5.10
N LEU F 230 -19.78 -14.09 4.90
CA LEU F 230 -19.26 -13.01 5.73
C LEU F 230 -20.24 -11.86 5.87
N ILE F 231 -20.31 -11.30 7.06
CA ILE F 231 -21.13 -10.12 7.33
C ILE F 231 -20.24 -8.90 7.41
N PRO F 232 -20.48 -7.92 6.54
CA PRO F 232 -19.72 -6.66 6.54
C PRO F 232 -19.58 -6.06 7.94
N GLN F 233 -18.40 -5.55 8.25
CA GLN F 233 -18.10 -4.99 9.57
C GLN F 233 -17.82 -3.49 9.54
N ILE F 234 -18.08 -2.81 10.65
CA ILE F 234 -17.62 -1.44 10.83
C ILE F 234 -16.35 -1.46 11.68
N PRO F 235 -15.25 -0.94 11.12
CA PRO F 235 -13.98 -0.92 11.80
C PRO F 235 -13.91 0.18 12.85
N ARG G 25 18.76 6.27 29.58
CA ARG G 25 19.72 6.88 30.56
C ARG G 25 19.16 8.13 31.23
N MET G 26 18.44 7.96 32.34
CA MET G 26 17.98 9.14 33.08
C MET G 26 18.68 9.41 34.40
N SER G 27 19.36 10.56 34.44
CA SER G 27 19.98 11.04 35.67
C SER G 27 19.29 12.33 36.09
N MET G 28 18.74 12.29 37.30
CA MET G 28 17.98 13.41 37.85
C MET G 28 18.89 14.37 38.59
N VAL G 29 18.49 15.63 38.57
CA VAL G 29 19.08 16.62 39.44
C VAL G 29 17.94 17.40 40.07
N VAL G 30 17.95 17.46 41.40
CA VAL G 30 16.92 18.17 42.14
C VAL G 30 17.26 19.65 42.16
N SER G 31 16.25 20.50 42.41
CA SER G 31 16.46 21.94 42.51
C SER G 31 15.44 22.63 43.41
N GLY G 32 15.89 23.67 44.09
CA GLY G 32 15.05 24.49 44.97
C GLY G 32 14.45 23.74 46.16
N LEU G 33 15.17 22.71 46.62
CA LEU G 33 14.68 21.88 47.73
C LEU G 33 15.35 22.19 49.07
N THR G 34 15.17 21.30 50.03
CA THR G 34 15.87 21.35 51.31
C THR G 34 16.63 20.03 51.48
N PRO G 35 17.61 19.99 52.40
CA PRO G 35 18.26 18.72 52.77
C PRO G 35 17.30 17.54 52.94
N GLU G 36 16.26 17.72 53.77
CA GLU G 36 15.28 16.65 54.01
C GLU G 36 14.50 16.23 52.76
N GLU G 37 14.13 17.22 51.92
CA GLU G 37 13.43 16.95 50.66
C GLU G 37 14.26 16.11 49.71
N PHE G 38 15.56 16.45 49.61
CA PHE G 38 16.53 15.73 48.78
C PHE G 38 16.59 14.26 49.16
N MET G 39 16.50 14.01 50.48
CA MET G 39 16.60 12.67 51.03
C MET G 39 15.51 11.74 50.49
N LEU G 40 14.29 12.27 50.37
CA LEU G 40 13.19 11.53 49.77
C LEU G 40 13.48 11.13 48.34
N VAL G 41 13.91 12.10 47.54
CA VAL G 41 14.27 11.85 46.14
C VAL G 41 15.40 10.82 46.03
N TYR G 42 16.40 10.94 46.92
CA TYR G 42 17.51 9.98 47.00
C TYR G 42 17.01 8.55 47.15
N LYS G 43 16.23 8.30 48.21
CA LYS G 43 15.62 7.00 48.46
C LYS G 43 14.68 6.58 47.31
N PHE G 44 14.00 7.54 46.70
CA PHE G 44 13.16 7.28 45.54
C PHE G 44 14.02 6.82 44.38
N ALA G 45 15.09 7.57 44.14
CA ALA G 45 16.08 7.21 43.12
C ALA G 45 16.67 5.83 43.42
N ARG G 46 16.98 5.61 44.69
CA ARG G 46 17.67 4.40 45.13
C ARG G 46 16.94 3.10 44.75
N LYS G 47 15.62 3.08 44.91
CA LYS G 47 14.85 1.88 44.62
C LYS G 47 14.65 1.66 43.12
N HIS G 48 14.28 2.72 42.43
CA HIS G 48 13.92 2.65 41.01
C HIS G 48 15.14 2.70 40.08
N HIS G 49 16.34 2.55 40.65
CA HIS G 49 17.62 2.58 39.92
C HIS G 49 17.86 3.86 39.09
N ILE G 50 17.20 4.96 39.47
CA ILE G 50 17.34 6.25 38.80
C ILE G 50 18.59 6.96 39.28
N THR G 51 19.42 7.41 38.33
CA THR G 51 20.64 8.11 38.66
C THR G 51 20.34 9.55 39.07
N LEU G 52 20.95 9.98 40.17
CA LEU G 52 20.76 11.30 40.74
C LEU G 52 22.10 11.97 40.97
N THR G 53 22.18 13.27 40.72
CA THR G 53 23.44 14.02 40.77
C THR G 53 23.37 15.32 41.60
N ASN G 54 24.57 15.82 41.94
CA ASN G 54 24.74 17.13 42.55
C ASN G 54 24.33 18.29 41.66
N LEU G 55 24.85 18.29 40.44
CA LEU G 55 24.68 19.41 39.53
C LEU G 55 24.44 18.98 38.09
N ILE G 56 23.95 19.93 37.31
CA ILE G 56 23.36 19.68 36.01
C ILE G 56 24.43 19.54 34.92
N THR G 57 24.57 18.32 34.40
CA THR G 57 25.47 18.03 33.28
C THR G 57 24.73 18.07 31.94
N GLU G 58 25.38 17.58 30.89
CA GLU G 58 24.69 17.29 29.65
C GLU G 58 23.77 16.12 29.94
N GLU G 59 24.34 15.02 30.43
CA GLU G 59 23.61 13.76 30.71
C GLU G 59 22.35 13.86 31.59
N THR G 60 22.21 14.95 32.35
CA THR G 60 21.00 15.18 33.14
C THR G 60 19.80 15.30 32.23
N THR G 61 18.70 14.67 32.63
CA THR G 61 17.52 14.57 31.78
C THR G 61 16.26 14.98 32.51
N HIS G 62 16.38 15.09 33.84
CA HIS G 62 15.26 15.39 34.73
C HIS G 62 15.63 16.40 35.81
N VAL G 63 15.09 17.61 35.70
CA VAL G 63 15.30 18.63 36.71
C VAL G 63 14.04 18.72 37.57
N VAL G 64 14.15 18.22 38.79
CA VAL G 64 13.03 18.13 39.70
C VAL G 64 12.90 19.46 40.48
N MET G 65 11.79 20.17 40.24
CA MET G 65 11.57 21.49 40.84
C MET G 65 10.54 21.50 41.96
N LYS G 66 10.86 22.22 43.04
CA LYS G 66 9.91 22.55 44.11
C LYS G 66 8.79 23.41 43.53
N THR G 67 7.53 23.01 43.75
CA THR G 67 6.38 23.59 43.02
C THR G 67 5.13 23.97 43.83
N ASP G 68 3.97 23.88 43.18
CA ASP G 68 2.71 24.47 43.65
C ASP G 68 1.51 23.53 43.69
N ALA G 69 1.43 22.64 42.71
CA ALA G 69 0.19 21.89 42.42
C ALA G 69 -0.92 22.83 41.98
N PHE G 71 1.38 24.44 39.26
CA PHE G 71 2.76 23.96 39.32
C PHE G 71 3.77 25.07 39.04
N VAL G 72 3.70 26.14 39.81
CA VAL G 72 4.66 27.24 39.70
C VAL G 72 5.86 26.95 40.60
N CYS G 73 7.06 27.21 40.10
CA CYS G 73 8.28 26.92 40.84
C CYS G 73 9.27 28.10 40.88
N GLU G 74 10.24 28.00 41.79
CA GLU G 74 11.31 29.00 41.94
C GLU G 74 12.16 29.15 40.66
N ARG G 75 13.02 30.16 40.64
CA ARG G 75 13.80 30.48 39.43
C ARG G 75 15.31 30.28 39.64
N THR G 76 15.70 29.02 39.78
CA THR G 76 17.09 28.65 40.08
C THR G 76 17.91 28.46 38.81
N LEU G 77 19.24 28.53 38.92
CA LEU G 77 20.13 28.25 37.79
C LEU G 77 19.74 26.96 37.07
N LYS G 78 19.35 25.96 37.86
CA LYS G 78 18.99 24.62 37.36
C LYS G 78 17.71 24.61 36.52
N TYR G 79 16.84 25.57 36.76
CA TYR G 79 15.59 25.71 36.04
C TYR G 79 15.87 26.32 34.68
N PHE G 80 16.73 27.35 34.67
CA PHE G 80 17.16 27.98 33.42
C PHE G 80 17.92 26.99 32.53
N LEU G 81 18.76 26.18 33.15
CA LEU G 81 19.52 25.15 32.45
C LEU G 81 18.68 23.93 32.09
N GLY G 82 17.64 23.66 32.88
CA GLY G 82 16.70 22.59 32.59
C GLY G 82 15.94 22.82 31.29
N ILE G 83 15.49 24.06 31.10
CA ILE G 83 14.83 24.46 29.85
C ILE G 83 15.81 24.53 28.69
N ALA G 84 16.90 25.30 28.85
CA ALA G 84 17.88 25.52 27.79
C ALA G 84 18.37 24.22 27.14
N GLY G 85 18.50 23.18 27.96
CA GLY G 85 18.90 21.86 27.51
C GLY G 85 17.72 20.99 27.13
N GLY G 86 16.53 21.60 27.12
CA GLY G 86 15.31 20.98 26.62
C GLY G 86 14.96 19.67 27.28
N LYS G 87 15.10 19.61 28.59
CA LYS G 87 14.80 18.38 29.32
C LYS G 87 13.48 18.43 30.09
N TRP G 88 13.14 17.30 30.68
CA TRP G 88 11.96 17.17 31.52
C TRP G 88 12.16 17.95 32.81
N VAL G 89 11.66 19.18 32.85
CA VAL G 89 11.64 19.92 34.11
C VAL G 89 10.35 19.56 34.80
N VAL G 90 10.47 18.73 35.83
CA VAL G 90 9.34 18.04 36.42
C VAL G 90 9.20 18.45 37.88
N SER G 91 7.95 18.51 38.35
CA SER G 91 7.61 18.93 39.72
C SER G 91 7.99 17.91 40.80
N TYR G 92 8.50 18.43 41.91
CA TYR G 92 8.84 17.60 43.06
C TYR G 92 7.66 16.75 43.55
N PHE G 93 6.42 17.17 43.23
CA PHE G 93 5.23 16.40 43.61
C PHE G 93 5.21 15.01 42.98
N TRP G 94 5.84 14.89 41.80
CA TRP G 94 6.02 13.61 41.10
C TRP G 94 6.61 12.58 42.05
N VAL G 95 7.71 12.95 42.70
CA VAL G 95 8.33 12.17 43.77
C VAL G 95 7.30 11.79 44.83
N THR G 96 6.69 12.80 45.45
CA THR G 96 5.78 12.58 46.57
C THR G 96 4.58 11.72 46.19
N GLN G 97 3.88 12.10 45.12
CA GLN G 97 2.73 11.35 44.63
C GLN G 97 3.06 9.91 44.25
N SER G 98 4.31 9.67 43.82
CA SER G 98 4.78 8.33 43.48
C SER G 98 4.91 7.43 44.70
N ILE G 99 5.67 7.90 45.68
CA ILE G 99 5.78 7.22 46.97
C ILE G 99 4.41 7.13 47.63
N LYS G 100 3.67 8.25 47.58
CA LYS G 100 2.35 8.33 48.22
C LYS G 100 1.41 7.25 47.72
N GLU G 101 1.35 7.07 46.41
CA GLU G 101 0.61 5.96 45.83
C GLU G 101 1.38 4.66 46.09
N ARG G 102 2.34 4.33 45.22
CA ARG G 102 3.18 3.13 45.38
C ARG G 102 3.95 2.94 44.09
N LYS G 103 3.26 3.13 42.97
CA LYS G 103 3.88 3.04 41.65
C LYS G 103 4.52 4.37 41.27
N MET G 104 5.62 4.30 40.54
CA MET G 104 6.25 5.47 39.95
C MET G 104 5.38 5.96 38.77
N LEU G 105 4.97 7.22 38.84
CA LEU G 105 4.05 7.81 37.85
C LEU G 105 4.72 8.26 36.53
N ASN G 106 3.91 8.75 35.60
CA ASN G 106 4.41 9.32 34.35
C ASN G 106 4.55 10.84 34.44
N GLU G 107 5.80 11.29 34.44
CA GLU G 107 6.14 12.71 34.63
C GLU G 107 5.31 13.65 33.77
N HIS G 108 4.82 13.17 32.64
CA HIS G 108 4.06 13.99 31.70
C HIS G 108 3.06 14.89 32.42
N ASP G 109 2.39 14.32 33.42
CA ASP G 109 1.38 15.04 34.20
C ASP G 109 1.99 16.07 35.15
N PHE G 110 3.29 15.94 35.44
CA PHE G 110 3.93 16.73 36.50
C PHE G 110 4.94 17.80 36.02
N GLU G 111 4.95 18.08 34.73
CA GLU G 111 5.79 19.16 34.18
C GLU G 111 5.47 20.51 34.83
N VAL G 112 6.50 21.30 35.09
CA VAL G 112 6.28 22.63 35.68
C VAL G 112 5.77 23.58 34.59
N ARG G 113 5.02 24.61 34.98
CA ARG G 113 4.45 25.51 33.99
C ARG G 113 4.69 27.01 34.30
N GLY G 114 5.54 27.39 35.26
CA GLY G 114 5.68 28.85 35.48
C GLY G 114 6.50 29.37 36.70
N ASP G 115 7.08 30.54 36.61
CA ASP G 115 7.89 30.99 37.76
C ASP G 115 7.46 32.34 38.30
N VAL G 116 8.14 33.36 37.82
CA VAL G 116 7.77 34.76 38.05
C VAL G 116 7.86 35.57 36.74
N VAL G 117 8.57 35.03 35.75
CA VAL G 117 8.55 35.56 34.37
C VAL G 117 7.15 35.32 33.81
N ASN G 118 6.82 34.04 33.62
CA ASN G 118 5.46 33.64 33.33
C ASN G 118 4.79 33.15 34.59
N GLY G 119 3.48 33.37 34.68
CA GLY G 119 2.69 32.88 35.80
C GLY G 119 2.47 31.39 35.68
N ARG G 120 1.42 30.92 36.32
CA ARG G 120 1.04 29.51 36.34
C ARG G 120 0.84 28.90 34.93
N ASN G 121 0.28 29.70 34.02
CA ASN G 121 -0.34 29.21 32.77
C ASN G 121 0.60 29.05 31.57
N HIS G 122 1.53 29.99 31.41
CA HIS G 122 2.43 30.01 30.25
C HIS G 122 3.60 29.03 30.42
N GLN G 123 3.60 27.98 29.60
CA GLN G 123 4.56 26.89 29.71
C GLN G 123 5.84 27.19 28.93
N GLY G 124 6.97 27.03 29.61
CA GLY G 124 8.28 27.18 29.00
C GLY G 124 8.95 25.82 28.83
N PRO G 125 9.28 25.16 29.95
CA PRO G 125 9.96 23.86 29.94
C PRO G 125 9.28 22.83 29.04
N LYS G 126 8.06 23.12 28.63
CA LYS G 126 7.37 22.30 27.66
C LYS G 126 7.86 22.66 26.26
N ARG G 127 7.68 23.91 25.86
CA ARG G 127 8.10 24.41 24.54
C ARG G 127 9.53 24.01 24.23
N ALA G 128 10.32 23.83 25.29
CA ALA G 128 11.70 23.37 25.19
C ALA G 128 11.80 22.02 24.47
N ARG G 129 11.50 20.93 25.17
CA ARG G 129 11.62 19.59 24.59
C ARG G 129 10.75 19.41 23.36
N GLU G 130 9.62 20.10 23.33
CA GLU G 130 8.75 20.14 22.15
C GLU G 130 9.50 20.76 20.97
N SER G 131 9.69 22.08 21.01
CA SER G 131 10.39 22.77 19.95
C SER G 131 11.88 22.64 20.17
N GLN G 132 12.46 21.59 19.62
CA GLN G 132 13.90 21.39 19.66
C GLN G 132 14.53 21.42 18.28
N ASP G 133 13.70 21.19 17.25
CA ASP G 133 14.10 21.36 15.85
C ASP G 133 14.44 22.83 15.55
N ARG G 134 13.97 23.73 16.41
CA ARG G 134 14.32 25.16 16.33
C ARG G 134 14.72 25.70 17.71
N LYS G 135 15.90 26.33 17.80
CA LYS G 135 16.35 26.98 19.04
C LYS G 135 15.97 28.47 19.05
N ILE G 136 16.25 29.17 20.15
CA ILE G 136 15.77 30.56 20.32
C ILE G 136 16.72 31.68 19.83
N PHE G 137 17.96 31.67 20.31
CA PHE G 137 18.97 32.61 19.83
C PHE G 137 19.67 32.03 18.60
N ARG G 138 18.90 31.91 17.52
CA ARG G 138 19.26 31.12 16.34
C ARG G 138 20.71 31.29 15.89
N GLY G 139 20.97 32.38 15.18
CA GLY G 139 22.32 32.70 14.71
C GLY G 139 22.75 34.04 15.25
N LEU G 140 22.70 34.17 16.58
CA LEU G 140 23.09 35.41 17.24
C LEU G 140 24.34 35.20 18.10
N GLU G 141 25.39 35.94 17.79
CA GLU G 141 26.61 35.94 18.59
C GLU G 141 26.41 36.69 19.90
N ILE G 142 26.71 36.01 20.99
CA ILE G 142 26.60 36.60 22.32
C ILE G 142 27.94 36.55 23.07
N CYS G 143 28.25 37.66 23.73
CA CYS G 143 29.46 37.79 24.52
C CYS G 143 29.09 38.34 25.90
N CYS G 144 29.19 37.47 26.91
CA CYS G 144 28.87 37.86 28.28
C CYS G 144 30.02 38.66 28.89
N TYR G 145 29.98 39.97 28.65
CA TYR G 145 31.06 40.86 29.03
C TYR G 145 30.91 41.37 30.47
N GLY G 146 32.00 41.32 31.23
CA GLY G 146 32.05 41.86 32.59
C GLY G 146 31.67 40.84 33.66
N PRO G 147 31.53 41.31 34.90
CA PRO G 147 31.22 40.43 36.03
C PRO G 147 29.73 40.11 36.16
N PHE G 148 29.43 38.97 36.78
CA PHE G 148 28.06 38.56 37.05
C PHE G 148 27.95 38.08 38.49
N THR G 149 26.73 38.08 39.04
CA THR G 149 26.52 37.67 40.43
C THR G 149 26.54 36.14 40.59
N ASN G 150 25.53 35.58 41.26
CA ASN G 150 25.51 34.15 41.57
C ASN G 150 25.17 33.25 40.38
N MET G 151 25.92 33.46 39.29
CA MET G 151 25.82 32.66 38.07
C MET G 151 27.11 32.85 37.27
N PRO G 152 28.02 31.87 37.34
CA PRO G 152 29.34 32.00 36.74
C PRO G 152 29.21 32.30 35.25
N THR G 153 30.09 33.15 34.74
CA THR G 153 30.06 33.58 33.33
C THR G 153 29.89 32.41 32.36
N ASP G 154 30.65 31.34 32.59
CA ASP G 154 30.67 30.18 31.70
C ASP G 154 29.33 29.43 31.68
N GLN G 155 28.62 29.45 32.81
CA GLN G 155 27.31 28.81 32.90
C GLN G 155 26.27 29.63 32.16
N LEU G 156 26.44 30.95 32.15
CA LEU G 156 25.59 31.83 31.35
C LEU G 156 25.84 31.59 29.86
N GLU G 157 27.10 31.32 29.53
CA GLU G 157 27.52 31.02 28.17
C GLU G 157 27.13 29.60 27.75
N TRP G 158 26.81 28.76 28.73
CA TRP G 158 26.38 27.40 28.45
C TRP G 158 24.89 27.38 28.12
N MET G 159 24.10 28.11 28.90
CA MET G 159 22.69 28.33 28.57
C MET G 159 22.54 28.89 27.17
N VAL G 160 23.24 30.00 26.92
CA VAL G 160 23.12 30.77 25.70
C VAL G 160 23.52 29.96 24.47
N GLN G 161 24.51 29.08 24.64
CA GLN G 161 24.96 28.19 23.57
C GLN G 161 23.94 27.06 23.34
N LEU G 162 23.35 26.60 24.44
CA LEU G 162 22.35 25.53 24.44
C LEU G 162 21.10 25.96 23.68
N CYS G 163 20.94 27.26 23.52
CA CYS G 163 19.81 27.83 22.80
C CYS G 163 20.25 28.37 21.44
N GLY G 164 21.45 27.96 21.03
CA GLY G 164 21.92 28.19 19.66
C GLY G 164 22.87 29.35 19.45
N ALA G 165 23.10 30.15 20.48
CA ALA G 165 23.91 31.34 20.34
C ALA G 165 25.38 31.00 20.24
N SER G 166 26.03 31.50 19.19
CA SER G 166 27.47 31.37 19.05
C SER G 166 28.12 32.26 20.11
N VAL G 167 28.95 31.66 20.96
CA VAL G 167 29.58 32.38 22.07
C VAL G 167 30.98 32.93 21.71
N VAL G 168 31.13 34.24 21.88
CA VAL G 168 32.40 34.93 21.65
C VAL G 168 32.99 35.36 23.01
N LYS G 169 34.32 35.27 23.12
CA LYS G 169 35.01 35.52 24.39
C LYS G 169 35.19 37.02 24.70
N GLU G 170 35.76 37.78 23.76
CA GLU G 170 35.94 39.23 23.97
C GLU G 170 35.36 40.08 22.82
N LEU G 171 35.21 41.38 23.08
CA LEU G 171 34.54 42.31 22.15
C LEU G 171 35.37 42.68 20.90
N SER G 172 36.13 41.72 20.37
CA SER G 172 36.91 41.93 19.15
C SER G 172 36.87 40.72 18.20
N SER G 173 36.39 39.58 18.70
CA SER G 173 36.28 38.35 17.90
C SER G 173 34.90 38.19 17.25
N PHE G 174 34.19 39.30 17.06
CA PHE G 174 32.90 39.30 16.36
C PHE G 174 33.12 39.13 14.85
N THR G 175 32.26 38.32 14.23
CA THR G 175 32.39 37.94 12.82
C THR G 175 32.05 39.07 11.85
N LEU G 176 32.91 39.25 10.85
CA LEU G 176 32.71 40.22 9.76
C LEU G 176 31.47 39.93 8.91
N GLY G 177 31.01 38.67 8.94
CA GLY G 177 29.92 38.20 8.08
C GLY G 177 28.52 38.70 8.46
N THR G 178 27.82 39.28 7.48
CA THR G 178 26.46 39.81 7.69
C THR G 178 25.40 38.71 7.75
N GLY G 179 25.72 37.62 8.45
CA GLY G 179 24.80 36.53 8.69
C GLY G 179 24.73 36.17 10.16
N VAL G 180 25.21 37.08 11.01
CA VAL G 180 25.24 36.85 12.45
C VAL G 180 25.03 38.15 13.25
N HIS G 181 24.07 38.12 14.16
CA HIS G 181 23.75 39.27 15.00
C HIS G 181 24.71 39.33 16.20
N PRO G 182 25.41 40.45 16.36
CA PRO G 182 26.21 40.69 17.55
C PRO G 182 25.37 41.19 18.72
N ILE G 183 25.48 40.53 19.86
CA ILE G 183 24.80 40.95 21.09
C ILE G 183 25.73 40.92 22.30
N VAL G 184 25.65 41.98 23.11
CA VAL G 184 26.41 42.05 24.36
C VAL G 184 25.46 41.96 25.54
N VAL G 185 25.66 40.94 26.39
CA VAL G 185 24.85 40.75 27.59
C VAL G 185 25.66 41.06 28.84
N VAL G 186 25.16 42.01 29.62
CA VAL G 186 25.84 42.53 30.80
C VAL G 186 24.89 42.54 32.00
N GLN G 187 25.45 42.35 33.20
CA GLN G 187 24.68 42.53 34.43
C GLN G 187 25.01 43.90 35.04
N PRO G 188 24.05 44.81 35.06
CA PRO G 188 24.27 46.18 35.53
C PRO G 188 24.69 46.26 36.99
N ASP G 189 24.02 45.49 37.84
CA ASP G 189 24.26 45.49 39.28
C ASP G 189 25.56 44.76 39.66
N ALA G 190 26.58 44.90 38.83
CA ALA G 190 27.88 44.27 39.07
C ALA G 190 29.07 45.21 38.91
N TRP G 191 28.80 46.48 38.55
CA TRP G 191 29.85 47.45 38.21
C TRP G 191 30.03 48.60 39.23
N THR G 192 28.91 49.06 39.81
CA THR G 192 28.86 50.23 40.70
C THR G 192 29.68 51.42 40.21
N GLY G 196 31.04 52.05 34.95
CA GLY G 196 31.23 52.35 33.53
C GLY G 196 30.79 51.22 32.61
N PHE G 197 29.52 50.81 32.74
CA PHE G 197 28.93 49.78 31.89
C PHE G 197 27.99 50.39 30.85
N HIS G 198 27.89 51.72 30.87
CA HIS G 198 27.16 52.48 29.86
C HIS G 198 28.05 52.80 28.67
N ALA G 199 29.34 52.45 28.78
CA ALA G 199 30.35 52.82 27.79
C ALA G 199 30.77 51.65 26.88
N ILE G 200 29.95 50.60 26.84
CA ILE G 200 30.25 49.40 26.03
C ILE G 200 30.01 49.67 24.53
N GLY G 201 29.04 50.53 24.23
CA GLY G 201 28.62 50.82 22.86
C GLY G 201 29.58 51.66 22.03
N GLN G 202 30.72 52.01 22.61
CA GLN G 202 31.77 52.74 21.90
C GLN G 202 32.85 51.80 21.36
N MET G 203 33.27 50.85 22.19
CA MET G 203 34.29 49.87 21.80
C MET G 203 33.77 48.87 20.77
N CYS G 204 32.45 48.73 20.70
CA CYS G 204 31.79 47.85 19.75
C CYS G 204 30.35 48.31 19.53
N GLU G 205 29.93 48.38 18.26
CA GLU G 205 28.59 48.87 17.92
C GLU G 205 27.53 47.76 17.87
N ALA G 206 27.38 47.06 18.98
CA ALA G 206 26.37 46.04 19.16
C ALA G 206 25.39 46.47 20.26
N PRO G 207 24.14 46.03 20.17
CA PRO G 207 23.15 46.31 21.22
C PRO G 207 23.58 45.80 22.59
N VAL G 208 23.48 46.65 23.61
CA VAL G 208 23.91 46.35 24.98
C VAL G 208 22.71 46.10 25.88
N VAL G 209 22.46 44.84 26.18
CA VAL G 209 21.26 44.46 26.94
C VAL G 209 21.59 43.76 28.26
N THR G 210 20.70 43.93 29.22
CA THR G 210 20.86 43.35 30.55
C THR G 210 20.88 41.81 30.50
N ARG G 211 21.30 41.20 31.62
CA ARG G 211 21.31 39.76 31.77
C ARG G 211 19.88 39.19 31.79
N GLU G 212 18.91 40.04 32.10
CA GLU G 212 17.50 39.64 32.16
C GLU G 212 16.89 39.28 30.80
N TRP G 213 17.53 39.71 29.72
CA TRP G 213 17.14 39.30 28.37
C TRP G 213 17.44 37.82 28.13
N VAL G 214 18.65 37.40 28.51
CA VAL G 214 19.05 35.99 28.43
C VAL G 214 18.23 35.12 29.41
N LEU G 215 17.92 35.67 30.58
CA LEU G 215 17.13 34.92 31.56
C LEU G 215 15.65 34.78 31.20
N ASP G 216 15.04 35.86 30.71
CA ASP G 216 13.61 35.85 30.37
C ASP G 216 13.29 35.03 29.13
N SER G 217 14.11 35.16 28.09
CA SER G 217 13.90 34.42 26.85
C SER G 217 13.85 32.91 27.10
N VAL G 218 14.79 32.42 27.88
CA VAL G 218 14.89 31.00 28.26
C VAL G 218 13.65 30.47 29.02
N ALA G 219 13.09 31.31 29.89
CA ALA G 219 11.96 30.90 30.72
C ALA G 219 10.68 30.67 29.91
N LEU G 220 10.48 31.46 28.87
CA LEU G 220 9.32 31.32 28.00
C LEU G 220 9.61 30.43 26.79
N TYR G 221 10.90 30.14 26.61
CA TYR G 221 11.44 29.51 25.40
C TYR G 221 11.11 30.24 24.10
N GLN G 222 10.94 31.56 24.22
CA GLN G 222 10.78 32.40 23.04
C GLN G 222 11.71 33.62 23.10
N CYS G 223 12.43 33.84 22.00
CA CYS G 223 13.37 34.95 21.88
C CYS G 223 12.66 36.28 22.13
N GLN G 224 13.16 37.03 23.09
CA GLN G 224 12.56 38.33 23.46
C GLN G 224 13.20 39.48 22.69
N GLU G 225 12.45 40.56 22.52
CA GLU G 225 12.98 41.78 21.91
C GLU G 225 14.02 42.43 22.82
N LEU G 226 14.93 43.17 22.20
CA LEU G 226 16.06 43.75 22.90
C LEU G 226 15.78 45.18 23.39
N ASP G 227 14.54 45.64 23.22
CA ASP G 227 14.20 47.05 23.51
C ASP G 227 14.04 47.39 25.01
N THR G 228 13.28 46.57 25.74
CA THR G 228 13.06 46.81 27.18
C THR G 228 14.27 46.43 28.03
N TYR G 229 15.18 45.63 27.47
CA TYR G 229 16.37 45.15 28.17
C TYR G 229 17.63 45.98 27.85
N LEU G 230 17.50 46.91 26.89
CA LEU G 230 18.61 47.78 26.48
C LEU G 230 19.11 48.66 27.61
N ILE G 231 20.41 48.60 27.84
CA ILE G 231 21.08 49.53 28.76
C ILE G 231 21.55 50.74 27.93
N PRO G 232 21.14 51.93 28.35
CA PRO G 232 21.54 53.19 27.70
C PRO G 232 23.05 53.29 27.45
N GLN G 233 23.43 53.92 26.34
CA GLN G 233 24.85 54.07 25.98
C GLN G 233 25.27 55.52 25.79
N ILE G 234 26.39 55.88 26.40
CA ILE G 234 26.92 57.25 26.35
C ILE G 234 27.64 57.53 25.03
N PRO G 235 27.23 58.58 24.33
CA PRO G 235 27.89 58.99 23.08
C PRO G 235 29.25 59.63 23.34
N LYS H 24 40.61 15.77 36.17
CA LYS H 24 40.50 17.21 36.35
C LYS H 24 39.08 17.61 36.77
N ARG H 25 38.62 17.10 37.90
CA ARG H 25 37.30 17.49 38.47
C ARG H 25 36.91 16.43 39.50
N MET H 26 36.68 16.88 40.73
CA MET H 26 36.31 15.96 41.81
C MET H 26 34.84 15.56 41.81
N SER H 27 34.60 14.25 41.78
CA SER H 27 33.26 13.70 41.97
C SER H 27 33.28 12.61 43.04
N MET H 28 32.29 12.64 43.92
CA MET H 28 32.22 11.72 45.05
C MET H 28 31.12 10.67 44.90
N VAL H 29 31.42 9.48 45.38
CA VAL H 29 30.43 8.41 45.50
C VAL H 29 30.51 7.81 46.90
N VAL H 30 29.36 7.72 47.53
CA VAL H 30 29.25 7.20 48.88
C VAL H 30 28.95 5.72 48.83
N SER H 31 29.57 4.95 49.70
CA SER H 31 29.25 3.53 49.84
C SER H 31 29.31 3.06 51.28
N GLY H 32 28.26 2.34 51.70
CA GLY H 32 28.20 1.72 53.02
C GLY H 32 27.55 2.54 54.11
N LEU H 33 26.73 3.52 53.69
CA LEU H 33 26.11 4.45 54.63
C LEU H 33 24.61 4.26 54.75
N THR H 34 24.11 4.33 55.98
CA THR H 34 22.67 4.43 56.21
C THR H 34 22.21 5.80 55.73
N PRO H 35 21.02 5.88 55.13
CA PRO H 35 20.43 7.16 54.73
C PRO H 35 20.59 8.31 55.74
N GLU H 36 20.66 7.98 57.04
CA GLU H 36 20.91 8.99 58.08
C GLU H 36 22.29 9.65 57.90
N GLU H 37 23.25 8.89 57.40
CA GLU H 37 24.62 9.35 57.21
C GLU H 37 24.80 10.05 55.87
N PHE H 38 24.20 9.49 54.81
CA PHE H 38 24.26 10.08 53.48
C PHE H 38 23.80 11.54 53.49
N MET H 39 22.81 11.83 54.34
CA MET H 39 22.35 13.19 54.66
C MET H 39 23.49 14.18 54.83
N LEU H 40 24.32 13.93 55.85
CA LEU H 40 25.51 14.73 56.13
C LEU H 40 26.37 14.96 54.90
N VAL H 41 26.70 13.87 54.20
CA VAL H 41 27.61 13.92 53.05
C VAL H 41 27.05 14.81 51.94
N TYR H 42 25.72 14.78 51.79
CA TYR H 42 25.05 15.68 50.85
C TYR H 42 25.27 17.12 51.28
N LYS H 43 25.00 17.37 52.57
CA LYS H 43 25.11 18.71 53.14
C LYS H 43 26.56 19.21 53.08
N PHE H 44 27.50 18.28 53.26
CA PHE H 44 28.93 18.54 53.08
C PHE H 44 29.24 18.97 51.63
N ALA H 45 28.90 18.12 50.67
CA ALA H 45 29.16 18.38 49.26
C ALA H 45 28.48 19.64 48.75
N ARG H 46 27.33 19.96 49.33
CA ARG H 46 26.57 21.13 48.93
C ARG H 46 27.15 22.40 49.55
N LYS H 47 28.03 22.22 50.53
CA LYS H 47 28.60 23.33 51.28
C LYS H 47 29.94 23.79 50.72
N HIS H 48 30.64 22.89 50.02
CA HIS H 48 31.95 23.18 49.45
C HIS H 48 31.98 23.01 47.91
N HIS H 49 30.80 23.03 47.28
CA HIS H 49 30.59 22.79 45.83
C HIS H 49 31.23 21.50 45.29
N ILE H 50 31.11 20.40 46.02
CA ILE H 50 31.65 19.12 45.56
C ILE H 50 30.56 18.32 44.86
N THR H 51 30.93 17.65 43.77
CA THR H 51 30.00 16.79 43.04
C THR H 51 29.81 15.46 43.77
N LEU H 52 28.56 15.04 43.90
CA LEU H 52 28.22 13.75 44.50
C LEU H 52 27.12 13.07 43.70
N THR H 53 27.30 11.77 43.46
CA THR H 53 26.44 11.01 42.56
C THR H 53 25.99 9.68 43.18
N ASN H 54 25.00 9.06 42.53
CA ASN H 54 24.48 7.73 42.91
C ASN H 54 25.51 6.63 42.71
N LEU H 55 25.47 5.98 41.55
CA LEU H 55 26.43 4.92 41.23
C LEU H 55 27.72 5.51 40.69
N ILE H 56 28.80 4.73 40.77
CA ILE H 56 30.16 5.19 40.43
C ILE H 56 30.45 5.17 38.93
N THR H 57 30.65 6.36 38.38
CA THR H 57 31.01 6.53 36.97
C THR H 57 32.53 6.40 36.81
N GLU H 58 33.05 6.63 35.60
CA GLU H 58 34.50 6.74 35.43
C GLU H 58 35.01 8.08 35.96
N GLU H 59 34.18 9.12 35.85
CA GLU H 59 34.49 10.46 36.37
C GLU H 59 34.62 10.53 37.87
N THR H 60 34.07 9.53 38.57
CA THR H 60 34.15 9.49 40.02
C THR H 60 35.63 9.45 40.39
N THR H 61 36.00 10.24 41.38
CA THR H 61 37.38 10.32 41.83
C THR H 61 37.47 9.81 43.27
N HIS H 62 36.39 9.98 44.02
CA HIS H 62 36.36 9.63 45.44
C HIS H 62 35.22 8.69 45.77
N VAL H 63 35.51 7.69 46.59
CA VAL H 63 34.49 6.78 47.13
C VAL H 63 34.57 6.77 48.66
N VAL H 64 33.51 7.29 49.31
CA VAL H 64 33.49 7.46 50.75
C VAL H 64 33.05 6.19 51.48
N MET H 65 33.88 5.70 52.40
CA MET H 65 33.67 4.41 53.05
C MET H 65 33.33 4.48 54.53
N LYS H 66 32.34 3.70 54.94
CA LYS H 66 32.03 3.49 56.34
C LYS H 66 33.15 2.67 56.99
N THR H 67 33.90 3.27 57.90
CA THR H 67 35.03 2.58 58.52
C THR H 67 34.95 2.53 60.05
N ASP H 68 36.11 2.50 60.71
CA ASP H 68 36.17 2.39 62.18
C ASP H 68 37.39 3.04 62.86
N ALA H 69 38.33 3.56 62.08
CA ALA H 69 39.59 4.14 62.59
C ALA H 69 40.47 3.10 63.26
N PHE H 71 41.16 2.16 60.04
CA PHE H 71 40.24 2.52 58.96
C PHE H 71 39.82 1.31 58.13
N VAL H 72 39.15 0.37 58.80
CA VAL H 72 38.67 -0.85 58.15
C VAL H 72 37.20 -0.68 57.75
N CYS H 73 36.92 -0.83 56.47
CA CYS H 73 35.58 -0.64 55.95
C CYS H 73 34.91 -1.96 55.58
N GLU H 74 33.63 -1.89 55.22
CA GLU H 74 32.89 -3.03 54.70
C GLU H 74 33.40 -3.38 53.31
N ARG H 75 32.66 -4.21 52.58
CA ARG H 75 33.05 -4.59 51.23
C ARG H 75 31.85 -4.39 50.31
N THR H 76 31.98 -3.45 49.37
CA THR H 76 30.88 -3.12 48.48
C THR H 76 31.30 -3.08 47.02
N LEU H 77 30.31 -2.95 46.14
CA LEU H 77 30.56 -2.83 44.71
C LEU H 77 31.38 -1.58 44.43
N LYS H 78 31.03 -0.50 45.13
CA LYS H 78 31.64 0.80 44.90
C LYS H 78 33.05 0.84 45.48
N TYR H 79 33.26 0.04 46.51
CA TYR H 79 34.59 -0.16 47.09
C TYR H 79 35.51 -0.81 46.07
N PHE H 80 35.09 -1.94 45.53
CA PHE H 80 35.87 -2.71 44.56
C PHE H 80 36.21 -1.90 43.32
N LEU H 81 35.24 -1.13 42.83
CA LEU H 81 35.43 -0.31 41.64
C LEU H 81 36.31 0.90 41.91
N GLY H 82 36.31 1.35 43.17
CA GLY H 82 37.18 2.44 43.61
C GLY H 82 38.65 2.04 43.53
N ILE H 83 38.97 0.87 44.09
CA ILE H 83 40.32 0.34 44.05
C ILE H 83 40.71 0.03 42.60
N ALA H 84 39.84 -0.69 41.90
CA ALA H 84 40.08 -1.05 40.50
C ALA H 84 40.34 0.18 39.62
N GLY H 85 39.65 1.27 39.92
CA GLY H 85 39.76 2.49 39.13
C GLY H 85 40.74 3.50 39.71
N GLY H 86 41.49 3.08 40.73
CA GLY H 86 42.52 3.90 41.36
C GLY H 86 42.01 5.20 41.96
N LYS H 87 40.83 5.14 42.56
CA LYS H 87 40.18 6.34 43.07
C LYS H 87 40.59 6.58 44.51
N TRP H 88 40.31 7.78 45.01
CA TRP H 88 40.49 8.11 46.41
C TRP H 88 39.40 7.42 47.22
N VAL H 89 39.69 6.18 47.61
CA VAL H 89 38.80 5.41 48.49
C VAL H 89 39.06 5.91 49.91
N VAL H 90 38.25 6.87 50.34
CA VAL H 90 38.48 7.60 51.58
C VAL H 90 37.40 7.25 52.60
N SER H 91 37.79 7.22 53.87
CA SER H 91 36.87 6.90 54.99
C SER H 91 35.85 7.99 55.29
N TYR H 92 34.73 7.55 55.87
CA TYR H 92 33.63 8.42 56.26
C TYR H 92 34.02 9.39 57.35
N PHE H 93 35.02 9.01 58.16
CA PHE H 93 35.51 9.87 59.24
C PHE H 93 36.01 11.20 58.70
N TRP H 94 36.47 11.22 57.45
CA TRP H 94 36.82 12.46 56.76
C TRP H 94 35.62 13.42 56.78
N VAL H 95 34.45 12.88 56.46
CA VAL H 95 33.22 13.67 56.39
C VAL H 95 32.92 14.35 57.73
N THR H 96 32.78 13.56 58.77
CA THR H 96 32.32 14.04 60.06
C THR H 96 33.38 14.82 60.84
N GLN H 97 34.65 14.46 60.67
CA GLN H 97 35.73 15.18 61.33
C GLN H 97 36.10 16.47 60.57
N SER H 98 35.57 16.62 59.35
CA SER H 98 35.70 17.86 58.60
C SER H 98 34.61 18.83 59.01
N ILE H 99 33.43 18.27 59.29
CA ILE H 99 32.30 19.06 59.76
C ILE H 99 32.51 19.44 61.22
N LYS H 100 33.21 18.58 61.97
CA LYS H 100 33.57 18.85 63.36
C LYS H 100 34.63 19.95 63.48
N GLU H 101 35.53 19.99 62.51
CA GLU H 101 36.64 20.94 62.50
C GLU H 101 36.31 22.24 61.74
N ARG H 102 35.14 22.27 61.08
CA ARG H 102 34.67 23.45 60.34
C ARG H 102 35.39 23.76 59.01
N LYS H 103 36.30 22.89 58.59
CA LYS H 103 36.98 23.05 57.30
C LYS H 103 37.22 21.71 56.62
N MET H 104 37.50 21.74 55.31
CA MET H 104 37.84 20.55 54.56
C MET H 104 39.28 20.17 54.81
N LEU H 105 39.53 19.28 55.77
CA LEU H 105 40.88 18.75 55.92
C LEU H 105 41.05 17.57 54.97
N ASN H 106 42.27 17.42 54.44
CA ASN H 106 42.46 16.59 53.26
C ASN H 106 42.34 15.07 53.46
N GLU H 107 41.90 14.41 52.38
CA GLU H 107 41.55 13.00 52.35
C GLU H 107 42.71 12.08 52.73
N HIS H 108 43.92 12.50 52.40
CA HIS H 108 45.11 11.67 52.62
C HIS H 108 45.04 10.98 53.94
N ASP H 109 44.88 11.76 55.01
CA ASP H 109 44.89 11.24 56.38
C ASP H 109 43.76 10.23 56.63
N PHE H 110 42.85 10.07 55.68
CA PHE H 110 41.63 9.31 55.91
C PHE H 110 41.33 8.13 54.97
N GLU H 111 42.14 7.89 53.94
CA GLU H 111 41.79 6.81 53.01
C GLU H 111 41.83 5.45 53.69
N VAL H 112 40.99 4.53 53.22
CA VAL H 112 40.77 3.28 53.95
C VAL H 112 41.91 2.30 53.72
N ARG H 113 42.11 1.41 54.70
CA ARG H 113 43.18 0.41 54.66
C ARG H 113 42.75 -1.01 54.30
N GLY H 114 41.66 -1.49 54.90
CA GLY H 114 41.21 -2.86 54.66
C GLY H 114 39.75 -3.18 54.92
N ASP H 115 39.42 -4.47 54.89
CA ASP H 115 38.05 -4.96 55.07
C ASP H 115 37.98 -6.30 55.82
N VAL H 116 38.07 -7.41 55.08
CA VAL H 116 38.09 -8.75 55.66
C VAL H 116 38.97 -9.69 54.81
N VAL H 117 39.19 -9.32 53.54
CA VAL H 117 40.20 -9.94 52.69
C VAL H 117 41.60 -9.55 53.19
N ASN H 118 41.74 -8.31 53.63
CA ASN H 118 42.95 -7.85 54.31
C ASN H 118 42.70 -7.41 55.76
N GLY H 119 43.78 -7.37 56.55
CA GLY H 119 43.72 -6.93 57.94
C GLY H 119 43.81 -5.41 58.08
N ARG H 120 43.80 -4.95 59.33
CA ARG H 120 43.88 -3.53 59.70
C ARG H 120 44.51 -2.61 58.64
N ASN H 121 45.75 -2.94 58.25
CA ASN H 121 46.50 -2.17 57.25
C ASN H 121 46.37 -2.78 55.86
N HIS H 122 47.45 -3.38 55.35
CA HIS H 122 47.48 -4.01 54.01
C HIS H 122 46.83 -3.10 52.97
N GLN H 123 47.55 -2.05 52.60
CA GLN H 123 47.03 -1.01 51.72
C GLN H 123 46.70 -1.52 50.31
N GLY H 124 45.41 -1.47 49.99
CA GLY H 124 44.93 -1.78 48.65
C GLY H 124 44.55 -0.47 48.01
N PRO H 125 43.50 0.17 48.53
CA PRO H 125 43.11 1.52 48.11
C PRO H 125 44.29 2.49 47.90
N LYS H 126 45.31 2.43 48.75
CA LYS H 126 46.50 3.23 48.55
C LYS H 126 47.36 2.69 47.41
N ARG H 127 47.64 1.39 47.44
CA ARG H 127 48.47 0.73 46.43
C ARG H 127 47.87 0.82 45.03
N ALA H 128 46.54 0.79 44.95
CA ALA H 128 45.86 0.90 43.68
C ALA H 128 46.19 2.22 42.98
N ARG H 129 46.06 3.32 43.71
CA ARG H 129 46.15 4.64 43.10
C ARG H 129 47.57 5.01 42.65
N GLU H 130 48.56 4.41 43.30
CA GLU H 130 49.96 4.58 42.87
C GLU H 130 50.37 3.59 41.76
N SER H 131 50.00 2.32 41.91
CA SER H 131 50.42 1.28 40.95
C SER H 131 49.63 1.25 39.64
N GLN H 132 49.40 2.44 39.06
CA GLN H 132 48.70 2.55 37.78
C GLN H 132 49.61 2.15 36.61
N ASP H 133 50.89 2.46 36.73
CA ASP H 133 51.88 2.16 35.67
C ASP H 133 52.05 0.66 35.39
N ARG H 134 51.44 -0.16 36.26
CA ARG H 134 51.40 -1.61 36.13
C ARG H 134 50.20 -2.14 36.88
N LYS H 135 49.14 -2.48 36.14
CA LYS H 135 47.91 -3.06 36.71
C LYS H 135 48.08 -4.55 36.96
N ILE H 136 47.13 -5.15 37.69
CA ILE H 136 47.30 -6.53 38.13
C ILE H 136 46.91 -7.61 37.11
N PHE H 137 45.89 -7.36 36.31
CA PHE H 137 45.48 -8.35 35.30
C PHE H 137 46.01 -8.01 33.88
N ARG H 138 47.11 -7.24 33.86
CA ARG H 138 47.78 -6.72 32.66
C ARG H 138 47.73 -7.59 31.39
N GLY H 139 48.32 -8.78 31.46
CA GLY H 139 48.40 -9.65 30.29
C GLY H 139 47.46 -10.83 30.37
N LEU H 140 46.23 -10.60 30.84
CA LEU H 140 45.25 -11.67 31.00
C LEU H 140 43.95 -11.43 30.23
N GLU H 141 43.37 -12.50 29.71
CA GLU H 141 42.03 -12.47 29.08
C GLU H 141 41.04 -13.27 29.91
N ILE H 142 39.99 -12.61 30.37
CA ILE H 142 39.03 -13.26 31.26
C ILE H 142 37.57 -13.08 30.85
N CYS H 143 36.78 -14.11 31.13
CA CYS H 143 35.37 -14.16 30.77
C CYS H 143 34.51 -14.40 32.01
N CYS H 144 33.40 -13.66 32.10
CA CYS H 144 32.43 -13.79 33.20
C CYS H 144 31.26 -14.73 32.86
N TYR H 145 31.55 -16.02 32.90
CA TYR H 145 30.64 -17.06 32.44
C TYR H 145 29.60 -17.46 33.49
N GLY H 146 28.32 -17.42 33.10
CA GLY H 146 27.24 -17.86 33.97
C GLY H 146 26.65 -16.77 34.84
N PRO H 147 25.68 -17.15 35.67
CA PRO H 147 24.96 -16.19 36.52
C PRO H 147 25.81 -15.60 37.65
N PHE H 148 25.43 -14.42 38.11
CA PHE H 148 26.07 -13.75 39.25
C PHE H 148 25.02 -13.11 40.16
N THR H 149 25.40 -12.81 41.39
CA THR H 149 24.46 -12.34 42.41
C THR H 149 24.25 -10.81 42.41
N ASN H 150 24.67 -10.16 43.49
CA ASN H 150 24.44 -8.73 43.69
C ASN H 150 25.33 -7.84 42.83
N MET H 151 25.92 -8.44 41.82
CA MET H 151 26.79 -7.76 40.89
C MET H 151 26.35 -8.08 39.45
N PRO H 152 25.66 -7.14 38.81
CA PRO H 152 25.28 -7.27 37.40
C PRO H 152 26.48 -7.66 36.52
N THR H 153 26.33 -8.76 35.78
CA THR H 153 27.40 -9.35 34.96
C THR H 153 28.41 -8.34 34.37
N ASP H 154 27.89 -7.23 33.85
CA ASP H 154 28.71 -6.20 33.21
C ASP H 154 29.60 -5.46 34.21
N GLN H 155 29.08 -5.19 35.42
CA GLN H 155 29.79 -4.41 36.44
C GLN H 155 31.07 -5.10 36.90
N LEU H 156 30.98 -6.42 37.07
CA LEU H 156 32.14 -7.26 37.40
C LEU H 156 33.18 -7.23 36.27
N GLU H 157 32.70 -7.09 35.02
CA GLU H 157 33.58 -6.96 33.86
C GLU H 157 34.26 -5.59 33.80
N TRP H 158 33.51 -4.53 34.09
CA TRP H 158 34.07 -3.17 34.13
C TRP H 158 35.04 -3.02 35.30
N MET H 159 34.99 -3.96 36.23
CA MET H 159 35.92 -3.99 37.33
C MET H 159 37.22 -4.69 36.91
N VAL H 160 37.09 -5.91 36.41
CA VAL H 160 38.24 -6.71 36.00
C VAL H 160 39.02 -6.05 34.85
N GLN H 161 38.30 -5.36 33.97
CA GLN H 161 38.88 -4.65 32.81
C GLN H 161 39.63 -3.40 33.24
N LEU H 162 39.11 -2.74 34.28
CA LEU H 162 39.74 -1.55 34.83
C LEU H 162 41.16 -1.88 35.34
N CYS H 163 41.37 -3.15 35.69
CA CYS H 163 42.69 -3.67 36.07
C CYS H 163 43.44 -4.29 34.89
N GLY H 164 42.93 -4.05 33.68
CA GLY H 164 43.61 -4.42 32.43
C GLY H 164 43.48 -5.86 31.96
N ALA H 165 42.26 -6.41 32.04
CA ALA H 165 42.03 -7.85 31.77
C ALA H 165 41.26 -8.19 30.49
N SER H 166 41.21 -7.27 29.52
CA SER H 166 40.55 -7.47 28.21
C SER H 166 39.42 -8.52 28.19
N VAL H 167 38.20 -8.05 28.44
CA VAL H 167 37.02 -8.91 28.61
C VAL H 167 36.63 -9.69 27.35
N VAL H 168 36.45 -11.01 27.52
CA VAL H 168 35.98 -11.90 26.46
C VAL H 168 34.49 -12.20 26.67
N LYS H 169 33.73 -12.29 25.58
CA LYS H 169 32.28 -12.41 25.70
C LYS H 169 31.75 -13.86 25.72
N GLU H 170 32.40 -14.77 24.99
CA GLU H 170 32.03 -16.20 25.00
C GLU H 170 33.24 -17.13 25.10
N LEU H 171 32.99 -18.39 25.46
CA LEU H 171 34.05 -19.40 25.59
C LEU H 171 34.69 -19.80 24.26
N SER H 172 34.44 -19.02 23.21
CA SER H 172 34.99 -19.25 21.89
C SER H 172 35.71 -18.01 21.35
N SER H 173 35.57 -16.88 22.05
CA SER H 173 36.17 -15.62 21.65
C SER H 173 37.56 -15.41 22.26
N PHE H 174 38.14 -16.48 22.80
CA PHE H 174 39.49 -16.46 23.38
C PHE H 174 40.57 -16.39 22.30
N THR H 175 41.66 -15.71 22.61
CA THR H 175 42.76 -15.52 21.65
C THR H 175 43.72 -16.71 21.61
N LEU H 176 43.95 -17.22 20.39
CA LEU H 176 44.89 -18.32 20.14
C LEU H 176 46.35 -17.85 20.24
N GLY H 177 46.55 -16.52 20.29
CA GLY H 177 47.87 -15.91 20.39
C GLY H 177 48.67 -16.39 21.59
N THR H 178 49.98 -16.57 21.38
CA THR H 178 50.88 -17.17 22.37
C THR H 178 51.03 -16.34 23.65
N GLY H 179 51.20 -15.03 23.50
CA GLY H 179 51.51 -14.15 24.62
C GLY H 179 50.35 -13.73 25.51
N VAL H 180 49.27 -14.53 25.51
CA VAL H 180 48.08 -14.25 26.33
C VAL H 180 47.56 -15.49 27.07
N HIS H 181 47.12 -15.27 28.31
CA HIS H 181 46.59 -16.33 29.16
C HIS H 181 45.07 -16.22 29.33
N PRO H 182 44.36 -17.33 29.11
CA PRO H 182 42.92 -17.38 29.32
C PRO H 182 42.54 -17.70 30.77
N ILE H 183 41.56 -16.97 31.30
CA ILE H 183 41.00 -17.21 32.62
C ILE H 183 39.48 -17.05 32.58
N VAL H 184 38.76 -17.96 33.24
CA VAL H 184 37.29 -17.93 33.27
C VAL H 184 36.79 -17.83 34.70
N VAL H 185 35.98 -16.80 34.97
CA VAL H 185 35.47 -16.51 36.31
C VAL H 185 34.02 -16.93 36.49
N VAL H 186 33.80 -17.96 37.30
CA VAL H 186 32.45 -18.48 37.58
C VAL H 186 32.13 -18.39 39.07
N GLN H 187 30.89 -18.01 39.39
CA GLN H 187 30.40 -17.98 40.76
C GLN H 187 29.60 -19.26 41.04
N PRO H 188 30.13 -20.13 41.91
CA PRO H 188 29.53 -21.45 42.18
C PRO H 188 28.20 -21.39 42.93
N ASP H 189 27.91 -20.24 43.54
CA ASP H 189 26.69 -20.04 44.33
C ASP H 189 25.45 -20.02 43.44
N ALA H 190 25.52 -19.26 42.35
CA ALA H 190 24.39 -19.10 41.44
C ALA H 190 24.52 -20.03 40.25
N GLY H 196 25.87 -27.81 37.18
CA GLY H 196 26.64 -27.98 35.96
C GLY H 196 27.77 -26.97 35.79
N PHE H 197 28.26 -26.45 36.92
CA PHE H 197 29.40 -25.51 36.93
C PHE H 197 30.75 -26.23 37.03
N HIS H 198 30.70 -27.55 37.08
CA HIS H 198 31.90 -28.40 37.07
C HIS H 198 32.21 -28.88 35.65
N ALA H 199 31.31 -28.56 34.72
CA ALA H 199 31.49 -28.89 33.30
C ALA H 199 31.89 -27.66 32.49
N ILE H 200 32.88 -26.92 32.99
CA ILE H 200 33.42 -25.74 32.31
C ILE H 200 34.80 -26.05 31.69
N GLY H 201 35.50 -27.01 32.27
CA GLY H 201 36.80 -27.48 31.74
C GLY H 201 36.65 -28.50 30.64
N GLN H 202 35.67 -28.26 29.76
CA GLN H 202 35.31 -29.17 28.67
C GLN H 202 35.18 -28.43 27.35
N MET H 203 34.49 -27.29 27.37
CA MET H 203 34.23 -26.49 26.16
C MET H 203 35.48 -25.74 25.71
N CYS H 204 36.28 -25.32 26.68
CA CYS H 204 37.60 -24.73 26.42
C CYS H 204 38.54 -25.10 27.55
N GLU H 205 39.83 -25.20 27.24
CA GLU H 205 40.84 -25.59 28.22
C GLU H 205 41.50 -24.35 28.86
N ALA H 206 40.95 -23.93 29.99
CA ALA H 206 41.42 -22.76 30.73
C ALA H 206 41.09 -22.90 32.22
N PRO H 207 41.94 -22.37 33.11
CA PRO H 207 41.69 -22.45 34.55
C PRO H 207 40.36 -21.79 34.95
N VAL H 208 39.50 -22.57 35.61
CA VAL H 208 38.19 -22.08 36.03
C VAL H 208 38.22 -21.74 37.52
N VAL H 209 38.10 -20.45 37.81
CA VAL H 209 38.19 -19.94 39.19
C VAL H 209 36.89 -19.30 39.68
N THR H 210 36.67 -19.40 40.98
CA THR H 210 35.51 -18.77 41.64
C THR H 210 35.54 -17.24 41.50
N ARG H 211 34.38 -16.60 41.72
CA ARG H 211 34.23 -15.15 41.66
C ARG H 211 35.04 -14.45 42.77
N GLU H 212 35.35 -15.22 43.81
CA GLU H 212 36.15 -14.73 44.94
C GLU H 212 37.59 -14.38 44.56
N TRP H 213 38.01 -14.75 43.35
CA TRP H 213 39.34 -14.44 42.85
C TRP H 213 39.47 -12.96 42.47
N VAL H 214 38.50 -12.47 41.70
CA VAL H 214 38.47 -11.07 41.26
C VAL H 214 38.36 -10.11 42.44
N LEU H 215 37.66 -10.57 43.49
CA LEU H 215 37.41 -9.75 44.67
C LEU H 215 38.62 -9.64 45.59
N ASP H 216 39.34 -10.75 45.80
CA ASP H 216 40.50 -10.78 46.68
C ASP H 216 41.73 -10.15 46.05
N SER H 217 41.82 -10.27 44.72
CA SER H 217 42.92 -9.66 43.99
C SER H 217 42.83 -8.14 44.07
N VAL H 218 41.66 -7.61 43.73
CA VAL H 218 41.42 -6.16 43.71
C VAL H 218 41.60 -5.52 45.09
N ALA H 219 40.97 -6.09 46.12
CA ALA H 219 41.07 -5.57 47.49
C ALA H 219 42.51 -5.45 48.03
N LEU H 220 43.34 -6.42 47.66
CA LEU H 220 44.76 -6.42 48.04
C LEU H 220 45.61 -5.76 46.96
N TYR H 221 44.97 -5.40 45.85
CA TYR H 221 45.64 -5.00 44.61
C TYR H 221 46.96 -5.73 44.35
N GLN H 222 46.90 -7.04 44.45
CA GLN H 222 47.95 -7.93 43.98
C GLN H 222 47.31 -8.90 43.01
N CYS H 223 48.11 -9.43 42.08
CA CYS H 223 47.64 -10.50 41.24
C CYS H 223 47.83 -11.82 41.99
N GLN H 224 46.71 -12.49 42.29
CA GLN H 224 46.72 -13.74 43.05
C GLN H 224 46.86 -14.96 42.13
N GLU H 225 47.62 -15.96 42.59
CA GLU H 225 47.79 -17.20 41.83
C GLU H 225 46.50 -18.02 41.80
N LEU H 226 46.27 -18.67 40.66
CA LEU H 226 45.05 -19.43 40.40
C LEU H 226 45.07 -20.78 41.14
N ASP H 227 45.41 -20.73 42.42
CA ASP H 227 45.63 -21.94 43.22
C ASP H 227 44.38 -22.34 44.02
N THR H 228 44.03 -21.53 45.02
CA THR H 228 42.93 -21.84 45.93
C THR H 228 41.55 -21.59 45.32
N TYR H 229 41.50 -20.73 44.30
CA TYR H 229 40.24 -20.35 43.66
C TYR H 229 39.77 -21.34 42.61
N LEU H 230 40.69 -22.19 42.14
CA LEU H 230 40.41 -23.16 41.07
C LEU H 230 39.39 -24.20 41.53
N ILE H 231 38.14 -24.01 41.12
CA ILE H 231 37.07 -24.97 41.38
C ILE H 231 37.25 -26.21 40.48
N PRO H 232 37.28 -27.40 41.08
CA PRO H 232 37.58 -28.65 40.37
C PRO H 232 36.74 -28.88 39.12
N GLN H 233 37.34 -29.48 38.10
CA GLN H 233 36.68 -29.70 36.80
C GLN H 233 36.58 -31.18 36.43
N ILE H 234 35.41 -31.57 35.93
CA ILE H 234 35.19 -32.93 35.44
C ILE H 234 35.98 -33.13 34.14
N PRO H 235 36.80 -34.19 34.09
CA PRO H 235 37.63 -34.47 32.91
C PRO H 235 36.91 -34.28 31.58
N PRO I 4 20.76 31.76 -20.22
CA PRO I 4 21.73 32.30 -19.26
C PRO I 4 22.88 31.33 -19.01
N GLN I 5 22.55 30.17 -18.43
CA GLN I 5 23.46 29.02 -18.34
C GLN I 5 22.69 27.80 -18.85
N PRO I 7 20.38 24.42 -18.53
CA PRO I 7 19.32 23.88 -17.69
C PRO I 7 19.75 22.63 -16.94
N THR I 8 19.29 22.49 -15.70
CA THR I 8 19.50 21.29 -14.90
C THR I 8 18.16 20.60 -14.66
N PHE I 9 18.17 19.45 -14.02
CA PHE I 9 16.93 18.71 -13.76
C PHE I 9 16.94 18.08 -12.36
N PRO I 10 16.12 18.62 -11.46
CA PRO I 10 16.09 18.23 -10.04
C PRO I 10 15.66 16.78 -9.66
N GLU I 11 14.51 16.61 -9.00
CA GLU I 11 14.20 15.35 -8.29
C GLU I 11 13.28 14.31 -8.95
N ALA I 12 13.42 13.06 -8.48
CA ALA I 12 12.96 11.84 -9.17
C ALA I 12 11.45 11.60 -9.14
N GLY I 13 11.07 10.33 -9.08
CA GLY I 13 9.67 9.94 -9.03
C GLY I 13 9.50 8.49 -8.61
N PRO J 4 -18.29 16.47 15.54
CA PRO J 4 -17.14 15.56 15.46
C PRO J 4 -16.06 16.12 14.53
N GLN J 5 -14.79 15.94 14.88
CA GLN J 5 -13.67 16.45 14.06
C GLN J 5 -12.53 15.44 13.80
N PRO J 7 -8.58 14.59 14.11
CA PRO J 7 -7.55 14.97 15.10
C PRO J 7 -6.29 15.64 14.53
N THR J 8 -5.82 16.69 15.21
CA THR J 8 -4.53 17.34 14.91
C THR J 8 -3.47 16.83 15.88
N PHE J 9 -2.27 17.44 15.92
CA PHE J 9 -1.15 16.89 16.71
C PHE J 9 -0.29 17.91 17.51
N PRO J 10 0.53 17.44 18.46
CA PRO J 10 1.24 18.31 19.45
C PRO J 10 2.33 19.28 18.93
N GLU J 11 3.60 19.06 19.30
CA GLU J 11 4.74 19.83 18.75
C GLU J 11 5.99 18.94 18.60
N ALA J 12 6.85 19.33 17.65
CA ALA J 12 8.01 18.54 17.17
C ALA J 12 9.04 18.08 18.20
N GLY J 13 8.56 17.42 19.25
CA GLY J 13 9.42 16.86 20.29
C GLY J 13 8.63 16.13 21.36
N PRO K 4 -26.25 18.07 -14.48
CA PRO K 4 -27.40 18.12 -13.58
C PRO K 4 -27.33 17.03 -12.51
N GLN K 5 -28.21 16.03 -12.60
CA GLN K 5 -28.35 14.98 -11.58
C GLN K 5 -27.77 13.65 -12.06
N PRO K 7 -28.32 10.11 -13.76
CA PRO K 7 -29.24 9.75 -14.83
C PRO K 7 -30.15 8.56 -14.48
N THR K 8 -31.47 8.73 -14.66
CA THR K 8 -32.48 7.69 -14.40
C THR K 8 -32.91 6.97 -15.70
N PHE K 9 -33.44 5.77 -15.58
CA PHE K 9 -33.81 4.99 -16.78
C PHE K 9 -35.31 4.60 -16.87
N PRO K 10 -36.11 5.47 -17.47
CA PRO K 10 -37.54 5.24 -17.63
C PRO K 10 -37.97 4.48 -18.90
N GLU K 11 -38.63 3.33 -18.72
CA GLU K 11 -39.38 2.69 -19.80
C GLU K 11 -40.87 2.80 -19.43
N ALA K 12 -41.46 1.72 -18.93
CA ALA K 12 -42.83 1.74 -18.37
C ALA K 12 -43.17 0.45 -17.63
N GLY K 13 -43.72 0.60 -16.43
CA GLY K 13 -44.10 -0.53 -15.58
C GLY K 13 -44.70 -0.08 -14.26
N ASP L 1 -67.50 -5.17 -50.12
CA ASP L 1 -66.70 -4.10 -50.80
C ASP L 1 -66.13 -3.10 -49.80
N SER L 2 -64.96 -2.57 -50.12
CA SER L 2 -64.24 -1.62 -49.27
C SER L 2 -63.70 -0.42 -50.07
N PRO L 3 -63.37 0.70 -49.41
CA PRO L 3 -63.14 1.99 -50.08
C PRO L 3 -61.71 2.22 -50.63
N PRO L 4 -61.59 3.12 -51.62
CA PRO L 4 -60.28 3.57 -52.14
C PRO L 4 -59.42 4.33 -51.12
N GLN L 5 -60.05 4.89 -50.09
CA GLN L 5 -59.33 5.50 -48.96
C GLN L 5 -59.74 4.84 -47.63
N PRO L 7 -60.82 4.22 -43.76
CA PRO L 7 -61.75 4.89 -42.85
C PRO L 7 -61.04 5.61 -41.68
N THR L 8 -61.44 6.85 -41.40
CA THR L 8 -60.96 7.56 -40.21
C THR L 8 -62.04 7.65 -39.13
N PHE L 9 -61.63 7.86 -37.88
CA PHE L 9 -62.56 7.86 -36.74
C PHE L 9 -62.65 9.18 -35.98
N PRO L 10 -63.66 9.98 -36.32
CA PRO L 10 -63.91 11.31 -35.72
C PRO L 10 -64.23 11.35 -34.19
N GLU L 11 -64.52 12.56 -33.68
CA GLU L 11 -64.31 12.96 -32.26
C GLU L 11 -64.96 12.14 -31.12
N ALA L 12 -64.46 12.38 -29.90
CA ALA L 12 -64.65 11.54 -28.69
C ALA L 12 -66.06 11.49 -28.07
N GLY L 13 -66.10 11.48 -26.74
CA GLY L 13 -67.37 11.50 -26.00
C GLY L 13 -68.02 10.14 -25.83
N PRO M 4 46.64 -14.19 -5.64
CA PRO M 4 46.39 -14.83 -6.92
C PRO M 4 44.97 -15.41 -7.02
N GLN M 5 44.29 -15.13 -8.13
CA GLN M 5 42.98 -15.69 -8.47
C GLN M 5 42.74 -15.45 -9.96
N PRO M 7 41.95 -14.48 -13.56
CA PRO M 7 41.39 -13.22 -14.06
C PRO M 7 40.08 -13.40 -14.85
N THR M 8 39.05 -12.65 -14.46
CA THR M 8 37.78 -12.62 -15.17
C THR M 8 37.61 -11.30 -15.92
N PHE M 9 36.83 -11.32 -16.99
CA PHE M 9 36.62 -10.14 -17.81
C PHE M 9 35.15 -9.84 -18.04
N PRO M 10 34.68 -8.71 -17.49
CA PRO M 10 33.27 -8.32 -17.51
C PRO M 10 32.68 -7.91 -18.88
N GLU M 11 31.77 -6.93 -18.89
CA GLU M 11 30.86 -6.68 -20.02
C GLU M 11 31.49 -6.17 -21.33
N ALA M 12 30.92 -6.63 -22.44
CA ALA M 12 31.34 -6.30 -23.81
C ALA M 12 31.22 -4.82 -24.16
N GLY M 13 32.11 -4.00 -23.59
CA GLY M 13 32.12 -2.56 -23.84
C GLY M 13 33.52 -2.01 -24.03
N PRO N 4 -48.45 -21.71 15.60
CA PRO N 4 -47.92 -21.72 14.24
C PRO N 4 -47.74 -23.14 13.70
N GLN N 5 -46.83 -23.31 12.75
CA GLN N 5 -46.42 -24.63 12.28
C GLN N 5 -44.89 -24.78 12.33
N PRO N 7 -40.92 -24.68 11.31
CA PRO N 7 -40.12 -23.62 10.73
C PRO N 7 -39.57 -23.98 9.34
N THR N 8 -39.92 -23.17 8.34
CA THR N 8 -39.36 -23.26 6.99
C THR N 8 -38.22 -22.25 6.82
N PHE N 9 -37.19 -22.60 6.04
CA PHE N 9 -36.03 -21.73 5.88
C PHE N 9 -35.74 -21.30 4.45
N PRO N 10 -36.29 -20.14 4.07
CA PRO N 10 -35.98 -19.51 2.79
C PRO N 10 -34.58 -18.92 2.77
N GLN O 5 21.50 27.44 50.76
CA GLN O 5 20.49 26.89 49.81
C GLN O 5 20.77 27.32 48.36
N PRO O 7 20.34 29.64 45.08
CA PRO O 7 20.06 31.04 44.69
C PRO O 7 18.74 31.26 43.94
N THR O 8 17.82 31.94 44.61
CA THR O 8 16.45 32.13 44.10
C THR O 8 16.29 33.26 43.07
N PHE O 9 17.29 34.12 42.92
CA PHE O 9 17.25 35.25 41.96
C PHE O 9 16.12 36.24 42.27
N PRO P 4 16.81 0.74 50.39
CA PRO P 4 18.11 1.34 50.13
C PRO P 4 19.25 0.64 50.88
N GLN P 5 19.74 -0.48 50.33
CA GLN P 5 20.86 -1.23 50.91
C GLN P 5 21.90 -1.65 49.88
N PRO P 7 24.83 -4.31 49.07
CA PRO P 7 25.34 -5.64 49.42
C PRO P 7 26.64 -5.68 50.25
N THR P 8 26.67 -6.59 51.23
CA THR P 8 27.87 -6.88 52.02
C THR P 8 28.40 -8.27 51.65
N PHE P 9 29.68 -8.53 51.89
CA PHE P 9 30.31 -9.77 51.41
C PHE P 9 31.01 -10.60 52.52
N PRO P 10 30.26 -11.46 53.22
CA PRO P 10 30.85 -12.34 54.22
C PRO P 10 31.36 -13.65 53.63
#